data_2KA2
#
_entry.id   2KA2
#
_entity_poly.entity_id   1
_entity_poly.type   'polypeptide(L)'
_entity_poly.pdbx_seq_one_letter_code
;GGIFSAEFLKVFLPSLLLSHLLAIGLGIYIGRRLT
;
_entity_poly.pdbx_strand_id   A,B
#
# COMPACT_ATOMS: atom_id res chain seq x y z
N GLY A 1 -6.67 11.63 21.55
CA GLY A 1 -5.81 11.12 20.45
C GLY A 1 -4.93 9.97 20.87
N GLY A 2 -3.95 9.64 20.04
CA GLY A 2 -3.04 8.55 20.35
C GLY A 2 -1.84 9.00 21.15
N ILE A 3 -1.00 8.05 21.54
CA ILE A 3 0.19 8.36 22.32
C ILE A 3 1.24 9.07 21.46
N PHE A 4 1.72 8.38 20.43
CA PHE A 4 2.71 8.94 19.53
C PHE A 4 2.08 9.93 18.56
N SER A 5 0.88 9.58 18.09
CA SER A 5 0.13 10.42 17.15
C SER A 5 1.05 11.01 16.05
N ALA A 6 1.62 12.18 16.31
CA ALA A 6 2.49 12.83 15.34
C ALA A 6 3.66 11.93 14.94
N GLU A 7 4.39 11.44 15.92
CA GLU A 7 5.54 10.58 15.67
C GLU A 7 5.13 9.36 14.84
N PHE A 8 4.18 8.59 15.36
CA PHE A 8 3.70 7.40 14.66
C PHE A 8 3.13 7.75 13.29
N LEU A 9 2.24 8.74 13.26
CA LEU A 9 1.62 9.18 12.01
C LEU A 9 2.67 9.71 11.04
N LYS A 10 3.67 10.39 11.59
CA LYS A 10 4.74 10.97 10.78
C LYS A 10 5.43 9.89 9.95
N VAL A 11 5.44 8.66 10.47
CA VAL A 11 6.07 7.54 9.77
C VAL A 11 5.06 6.44 9.46
N PHE A 12 3.81 6.84 9.24
CA PHE A 12 2.75 5.88 8.93
C PHE A 12 1.89 6.39 7.78
N LEU A 13 1.52 7.67 7.84
CA LEU A 13 0.70 8.27 6.81
C LEU A 13 1.41 8.27 5.46
N PRO A 14 2.67 8.73 5.39
CA PRO A 14 3.43 8.76 4.14
C PRO A 14 3.89 7.38 3.70
N SER A 15 4.22 6.53 4.68
CA SER A 15 4.67 5.18 4.39
C SER A 15 3.65 4.43 3.54
N LEU A 16 2.38 4.50 3.93
CA LEU A 16 1.31 3.85 3.20
C LEU A 16 1.20 4.40 1.79
N LEU A 17 1.22 5.72 1.68
CA LEU A 17 1.12 6.38 0.37
C LEU A 17 2.17 5.81 -0.59
N LEU A 18 3.41 5.77 -0.13
CA LEU A 18 4.51 5.25 -0.94
C LEU A 18 4.22 3.82 -1.38
N SER A 19 3.79 2.99 -0.44
CA SER A 19 3.49 1.59 -0.73
C SER A 19 2.49 1.47 -1.88
N HIS A 20 1.36 2.15 -1.75
CA HIS A 20 0.32 2.13 -2.78
C HIS A 20 0.82 2.71 -4.08
N LEU A 21 1.36 3.93 -4.02
CA LEU A 21 1.87 4.60 -5.20
C LEU A 21 2.99 3.81 -5.87
N LEU A 22 3.99 3.44 -5.10
CA LEU A 22 5.11 2.66 -5.62
C LEU A 22 4.60 1.41 -6.32
N ALA A 23 3.61 0.76 -5.70
CA ALA A 23 3.02 -0.44 -6.27
C ALA A 23 2.46 -0.16 -7.66
N ILE A 24 1.76 0.97 -7.79
CA ILE A 24 1.19 1.36 -9.07
C ILE A 24 2.28 1.42 -10.13
N GLY A 25 3.42 2.00 -9.75
CA GLY A 25 4.54 2.10 -10.67
C GLY A 25 4.97 0.75 -11.19
N LEU A 26 5.08 -0.22 -10.29
CA LEU A 26 5.47 -1.57 -10.67
C LEU A 26 4.56 -2.10 -11.77
N GLY A 27 3.25 -2.02 -11.53
CA GLY A 27 2.30 -2.49 -12.52
C GLY A 27 2.53 -1.87 -13.89
N ILE A 28 2.79 -0.58 -13.91
CA ILE A 28 3.04 0.13 -15.17
C ILE A 28 4.26 -0.44 -15.88
N TYR A 29 5.35 -0.62 -15.13
CA TYR A 29 6.58 -1.16 -15.69
C TYR A 29 6.34 -2.51 -16.34
N ILE A 30 5.59 -3.37 -15.64
CA ILE A 30 5.28 -4.70 -16.14
C ILE A 30 4.45 -4.61 -17.42
N GLY A 31 3.39 -3.79 -17.38
CA GLY A 31 2.53 -3.63 -18.53
C GLY A 31 3.25 -3.05 -19.73
N ARG A 32 3.93 -1.93 -19.54
CA ARG A 32 4.66 -1.28 -20.62
C ARG A 32 5.73 -2.20 -21.21
N ARG A 33 6.15 -3.18 -20.42
CA ARG A 33 7.16 -4.14 -20.87
C ARG A 33 6.54 -5.23 -21.74
N LEU A 34 5.23 -5.44 -21.59
CA LEU A 34 4.52 -6.45 -22.37
C LEU A 34 4.68 -6.20 -23.86
N THR A 35 3.83 -5.36 -24.42
CA THR A 35 3.88 -5.04 -25.84
C THR A 35 3.03 -3.81 -26.16
N GLY B 1 0.15 -3.93 24.29
CA GLY B 1 -0.16 -3.03 25.44
C GLY B 1 -0.96 -1.81 25.01
N GLY B 2 -2.03 -2.03 24.26
CA GLY B 2 -2.86 -0.93 23.79
C GLY B 2 -4.34 -1.28 23.81
N ILE B 3 -5.15 -0.39 23.26
CA ILE B 3 -6.59 -0.59 23.21
C ILE B 3 -6.95 -1.71 22.24
N PHE B 4 -6.70 -1.47 20.97
CA PHE B 4 -7.00 -2.45 19.93
C PHE B 4 -5.95 -3.55 19.91
N SER B 5 -4.71 -3.18 19.56
CA SER B 5 -3.61 -4.13 19.48
C SER B 5 -4.01 -5.41 18.75
N ALA B 6 -4.52 -6.40 19.49
CA ALA B 6 -4.94 -7.66 18.89
C ALA B 6 -5.92 -7.42 17.75
N GLU B 7 -7.06 -6.81 18.08
CA GLU B 7 -8.08 -6.52 17.09
C GLU B 7 -7.52 -5.63 15.98
N PHE B 8 -6.47 -4.89 16.30
CA PHE B 8 -5.83 -4.00 15.33
C PHE B 8 -4.95 -4.79 14.36
N LEU B 9 -4.10 -5.65 14.92
CA LEU B 9 -3.20 -6.46 14.10
C LEU B 9 -3.98 -7.40 13.19
N LYS B 10 -5.08 -7.93 13.70
CA LYS B 10 -5.91 -8.84 12.93
C LYS B 10 -6.38 -8.19 11.62
N VAL B 11 -6.39 -6.86 11.59
CA VAL B 11 -6.80 -6.13 10.40
C VAL B 11 -5.78 -5.07 10.01
N PHE B 12 -4.52 -5.33 10.34
CA PHE B 12 -3.44 -4.39 10.02
C PHE B 12 -2.33 -5.08 9.26
N LEU B 13 -1.95 -6.28 9.73
CA LEU B 13 -0.89 -7.04 9.08
C LEU B 13 -1.30 -7.52 7.69
N PRO B 14 -2.54 -8.05 7.54
CA PRO B 14 -3.04 -8.54 6.26
C PRO B 14 -3.40 -7.41 5.29
N SER B 15 -3.91 -6.32 5.85
CA SER B 15 -4.31 -5.16 5.04
C SER B 15 -3.14 -4.67 4.19
N LEU B 16 -1.95 -4.63 4.76
CA LEU B 16 -0.77 -4.17 4.05
C LEU B 16 -0.52 -5.00 2.79
N LEU B 17 -0.52 -6.33 2.94
CA LEU B 17 -0.28 -7.22 1.81
C LEU B 17 -1.31 -6.98 0.70
N LEU B 18 -2.57 -6.86 1.09
CA LEU B 18 -3.65 -6.63 0.12
C LEU B 18 -3.43 -5.31 -0.61
N SER B 19 -3.04 -4.28 0.14
CA SER B 19 -2.80 -2.96 -0.45
C SER B 19 -1.77 -3.02 -1.56
N HIS B 20 -0.62 -3.61 -1.27
CA HIS B 20 0.46 -3.73 -2.26
C HIS B 20 0.01 -4.56 -3.46
N LEU B 21 -0.49 -5.75 -3.19
CA LEU B 21 -0.95 -6.65 -4.25
C LEU B 21 -1.99 -5.96 -5.13
N LEU B 22 -3.01 -5.41 -4.50
CA LEU B 22 -4.07 -4.71 -5.24
C LEU B 22 -3.50 -3.53 -6.02
N ALA B 23 -2.60 -2.79 -5.39
CA ALA B 23 -1.97 -1.63 -6.02
C ALA B 23 -1.24 -2.04 -7.29
N ILE B 24 -0.35 -3.02 -7.18
CA ILE B 24 0.40 -3.50 -8.33
C ILE B 24 -0.54 -3.87 -9.46
N GLY B 25 -1.63 -4.56 -9.10
CA GLY B 25 -2.61 -4.95 -10.10
C GLY B 25 -3.11 -3.77 -10.89
N LEU B 26 -3.39 -2.67 -10.19
CA LEU B 26 -3.87 -1.45 -10.84
C LEU B 26 -2.88 -1.00 -11.91
N GLY B 27 -1.61 -0.91 -11.52
CA GLY B 27 -0.58 -0.49 -12.46
C GLY B 27 -0.54 -1.34 -13.71
N ILE B 28 -0.59 -2.66 -13.53
CA ILE B 28 -0.56 -3.58 -14.65
C ILE B 28 -1.68 -3.27 -15.64
N TYR B 29 -2.87 -3.05 -15.12
CA TYR B 29 -4.02 -2.74 -15.97
C TYR B 29 -3.78 -1.47 -16.79
N ILE B 30 -3.38 -0.40 -16.11
CA ILE B 30 -3.10 0.86 -16.77
C ILE B 30 -1.96 0.73 -17.77
N GLY B 31 -0.90 0.04 -17.36
CA GLY B 31 0.25 -0.15 -18.23
C GLY B 31 -0.08 -0.92 -19.49
N ARG B 32 -0.81 -2.03 -19.34
CA ARG B 32 -1.18 -2.86 -20.48
C ARG B 32 -1.97 -2.06 -21.52
N ARG B 33 -2.57 -0.97 -21.09
CA ARG B 33 -3.35 -0.13 -22.00
C ARG B 33 -2.57 1.14 -22.36
N LEU B 34 -1.26 0.99 -22.51
CA LEU B 34 -0.40 2.11 -22.86
C LEU B 34 -0.27 2.27 -24.37
N THR B 35 0.62 1.48 -24.97
CA THR B 35 0.86 1.52 -26.39
C THR B 35 -0.10 0.59 -27.14
N GLY A 1 -2.40 4.61 26.34
CA GLY A 1 -1.32 5.58 25.99
C GLY A 1 0.00 4.90 25.68
N GLY A 2 0.43 4.97 24.43
CA GLY A 2 1.68 4.36 24.03
C GLY A 2 2.84 5.32 24.09
N ILE A 3 4.06 4.78 24.12
CA ILE A 3 5.26 5.59 24.16
C ILE A 3 5.50 6.29 22.84
N PHE A 4 5.59 5.51 21.77
CA PHE A 4 5.82 6.06 20.44
C PHE A 4 4.56 6.67 19.86
N SER A 5 3.59 5.82 19.52
CA SER A 5 2.31 6.28 18.95
C SER A 5 2.53 7.34 17.88
N ALA A 6 2.53 8.61 18.28
CA ALA A 6 2.74 9.70 17.34
C ALA A 6 4.07 9.55 16.60
N GLU A 7 5.12 9.32 17.37
CA GLU A 7 6.46 9.15 16.80
C GLU A 7 6.49 7.99 15.80
N PHE A 8 6.08 6.81 16.26
CA PHE A 8 6.06 5.62 15.42
C PHE A 8 5.16 5.83 14.21
N LEU A 9 3.95 6.31 14.45
CA LEU A 9 2.98 6.55 13.38
C LEU A 9 3.51 7.58 12.39
N LYS A 10 4.30 8.52 12.89
CA LYS A 10 4.87 9.57 12.05
C LYS A 10 5.69 8.98 10.91
N VAL A 11 6.41 7.90 11.22
CA VAL A 11 7.25 7.23 10.24
C VAL A 11 6.54 6.01 9.65
N PHE A 12 5.21 6.01 9.72
CA PHE A 12 4.42 4.90 9.19
C PHE A 12 3.38 5.40 8.20
N LEU A 13 2.74 6.52 8.54
CA LEU A 13 1.72 7.11 7.68
C LEU A 13 2.24 7.30 6.25
N PRO A 14 3.34 8.04 6.07
CA PRO A 14 3.92 8.28 4.73
C PRO A 14 4.37 6.99 4.06
N SER A 15 4.82 6.03 4.86
CA SER A 15 5.29 4.75 4.33
C SER A 15 4.19 4.06 3.54
N LEU A 16 2.97 4.06 4.08
CA LEU A 16 1.83 3.43 3.43
C LEU A 16 1.59 4.05 2.05
N LEU A 17 1.55 5.38 2.01
CA LEU A 17 1.32 6.09 0.76
C LEU A 17 2.28 5.63 -0.32
N LEU A 18 3.57 5.65 0.00
CA LEU A 18 4.60 5.22 -0.95
C LEU A 18 4.32 3.81 -1.47
N SER A 19 3.93 2.92 -0.57
CA SER A 19 3.64 1.54 -0.95
C SER A 19 2.58 1.49 -2.05
N HIS A 20 1.47 2.17 -1.82
CA HIS A 20 0.38 2.20 -2.79
C HIS A 20 0.83 2.84 -4.10
N LEU A 21 1.43 4.02 -3.99
CA LEU A 21 1.90 4.76 -5.17
C LEU A 21 2.96 3.95 -5.92
N LEU A 22 3.97 3.48 -5.20
CA LEU A 22 5.04 2.70 -5.81
C LEU A 22 4.49 1.44 -6.46
N ALA A 23 3.58 0.77 -5.77
CA ALA A 23 2.97 -0.45 -6.29
C ALA A 23 2.41 -0.21 -7.70
N ILE A 24 1.60 0.84 -7.83
CA ILE A 24 1.00 1.17 -9.12
C ILE A 24 2.09 1.34 -10.17
N GLY A 25 3.15 2.06 -9.80
CA GLY A 25 4.25 2.26 -10.73
C GLY A 25 4.82 0.95 -11.23
N LEU A 26 4.97 -0.01 -10.32
CA LEU A 26 5.50 -1.31 -10.67
C LEU A 26 4.68 -1.94 -11.79
N GLY A 27 3.35 -1.94 -11.60
CA GLY A 27 2.48 -2.50 -12.61
C GLY A 27 2.66 -1.84 -13.97
N ILE A 28 2.73 -0.51 -13.97
CA ILE A 28 2.91 0.25 -15.20
C ILE A 28 4.23 -0.12 -15.87
N TYR A 29 5.30 -0.14 -15.10
CA TYR A 29 6.62 -0.46 -15.61
C TYR A 29 6.60 -1.80 -16.36
N ILE A 30 6.08 -2.83 -15.69
CA ILE A 30 5.99 -4.16 -16.28
C ILE A 30 5.10 -4.17 -17.52
N GLY A 31 3.91 -3.59 -17.38
CA GLY A 31 2.96 -3.55 -18.48
C GLY A 31 3.46 -2.78 -19.69
N ARG A 32 3.93 -1.56 -19.47
CA ARG A 32 4.41 -0.72 -20.57
C ARG A 32 5.44 -1.46 -21.41
N ARG A 33 6.20 -2.34 -20.78
CA ARG A 33 7.22 -3.12 -21.47
C ARG A 33 6.62 -4.36 -22.14
N LEU A 34 5.47 -4.81 -21.63
CA LEU A 34 4.81 -5.98 -22.18
C LEU A 34 4.40 -5.73 -23.63
N THR A 35 3.27 -5.05 -23.81
CA THR A 35 2.75 -4.74 -25.14
C THR A 35 2.87 -5.93 -26.08
N GLY B 1 -2.79 -4.95 26.11
CA GLY B 1 -4.05 -4.20 26.30
C GLY B 1 -4.18 -3.03 25.34
N GLY B 2 -5.28 -2.99 24.59
CA GLY B 2 -5.48 -1.90 23.64
C GLY B 2 -6.96 -1.66 23.36
N ILE B 3 -7.29 -0.46 22.91
CA ILE B 3 -8.66 -0.11 22.60
C ILE B 3 -9.15 -0.83 21.34
N PHE B 4 -8.47 -0.58 20.23
CA PHE B 4 -8.82 -1.22 18.96
C PHE B 4 -8.35 -2.66 18.92
N SER B 5 -7.06 -2.87 19.16
CA SER B 5 -6.47 -4.21 19.14
C SER B 5 -7.00 -5.04 17.98
N ALA B 6 -8.08 -5.80 18.21
CA ALA B 6 -8.66 -6.63 17.17
C ALA B 6 -9.12 -5.76 15.99
N GLU B 7 -9.91 -4.74 16.30
CA GLU B 7 -10.42 -3.83 15.27
C GLU B 7 -9.29 -3.21 14.47
N PHE B 8 -8.12 -3.09 15.10
CA PHE B 8 -6.95 -2.51 14.43
C PHE B 8 -6.17 -3.58 13.68
N LEU B 9 -5.79 -4.65 14.38
CA LEU B 9 -5.03 -5.73 13.79
C LEU B 9 -5.82 -6.41 12.67
N LYS B 10 -7.13 -6.55 12.89
CA LYS B 10 -7.99 -7.18 11.89
C LYS B 10 -7.90 -6.48 10.55
N VAL B 11 -7.53 -5.20 10.57
CA VAL B 11 -7.39 -4.41 9.35
C VAL B 11 -6.01 -3.77 9.27
N PHE B 12 -5.00 -4.48 9.74
CA PHE B 12 -3.63 -3.99 9.71
C PHE B 12 -2.69 -5.02 9.10
N LEU B 13 -2.82 -6.27 9.52
CA LEU B 13 -1.98 -7.33 9.00
C LEU B 13 -2.32 -7.68 7.56
N PRO B 14 -3.62 -7.81 7.22
CA PRO B 14 -4.05 -8.13 5.86
C PRO B 14 -4.15 -6.90 4.97
N SER B 15 -4.31 -5.73 5.59
CA SER B 15 -4.44 -4.48 4.86
C SER B 15 -3.16 -4.16 4.06
N LEU B 16 -2.01 -4.37 4.70
CA LEU B 16 -0.72 -4.09 4.05
C LEU B 16 -0.55 -4.93 2.79
N LEU B 17 -0.75 -6.25 2.92
CA LEU B 17 -0.61 -7.14 1.77
C LEU B 17 -1.60 -6.80 0.67
N LEU B 18 -2.86 -6.66 1.04
CA LEU B 18 -3.91 -6.33 0.08
C LEU B 18 -3.60 -5.02 -0.64
N SER B 19 -3.10 -4.04 0.11
CA SER B 19 -2.77 -2.74 -0.46
C SER B 19 -1.76 -2.89 -1.60
N HIS B 20 -0.66 -3.57 -1.33
CA HIS B 20 0.37 -3.78 -2.34
C HIS B 20 -0.17 -4.58 -3.51
N LEU B 21 -0.77 -5.73 -3.20
CA LEU B 21 -1.33 -6.59 -4.24
C LEU B 21 -2.30 -5.83 -5.14
N LEU B 22 -3.26 -5.15 -4.52
CA LEU B 22 -4.25 -4.38 -5.25
C LEU B 22 -3.60 -3.25 -6.05
N ALA B 23 -2.76 -2.46 -5.38
CA ALA B 23 -2.08 -1.35 -6.03
C ALA B 23 -1.34 -1.81 -7.28
N ILE B 24 -0.49 -2.83 -7.12
CA ILE B 24 0.26 -3.37 -8.25
C ILE B 24 -0.68 -3.91 -9.32
N GLY B 25 -1.72 -4.60 -8.88
CA GLY B 25 -2.69 -5.15 -9.81
C GLY B 25 -3.22 -4.09 -10.76
N LEU B 26 -3.65 -2.97 -10.19
CA LEU B 26 -4.18 -1.88 -11.00
C LEU B 26 -3.13 -1.41 -12.00
N GLY B 27 -1.90 -1.27 -11.55
CA GLY B 27 -0.82 -0.85 -12.42
C GLY B 27 -0.67 -1.76 -13.63
N ILE B 28 -0.70 -3.07 -13.38
CA ILE B 28 -0.57 -4.04 -14.46
C ILE B 28 -1.64 -3.81 -15.52
N TYR B 29 -2.90 -3.72 -15.09
CA TYR B 29 -4.01 -3.49 -16.00
C TYR B 29 -3.75 -2.28 -16.88
N ILE B 30 -3.42 -1.16 -16.25
CA ILE B 30 -3.15 0.07 -16.98
C ILE B 30 -1.94 -0.10 -17.91
N GLY B 31 -0.89 -0.73 -17.40
CA GLY B 31 0.31 -0.94 -18.18
C GLY B 31 0.06 -1.80 -19.40
N ARG B 32 -0.59 -2.96 -19.20
CA ARG B 32 -0.89 -3.87 -20.29
C ARG B 32 -1.72 -3.18 -21.36
N ARG B 33 -2.66 -2.35 -20.93
CA ARG B 33 -3.53 -1.63 -21.85
C ARG B 33 -3.07 -0.18 -22.03
N LEU B 34 -1.79 -0.01 -22.31
CA LEU B 34 -1.21 1.31 -22.52
C LEU B 34 -1.27 1.72 -23.99
N THR B 35 -0.32 1.22 -24.76
CA THR B 35 -0.27 1.51 -26.19
C THR B 35 -1.18 0.60 -26.98
N GLY A 1 -4.53 11.13 25.45
CA GLY A 1 -4.35 10.46 24.13
C GLY A 1 -3.35 9.32 24.19
N GLY A 2 -2.26 9.46 23.45
CA GLY A 2 -1.24 8.43 23.42
C GLY A 2 0.17 9.00 23.50
N ILE A 3 1.14 8.16 23.82
CA ILE A 3 2.52 8.61 23.92
C ILE A 3 3.10 8.90 22.54
N PHE A 4 3.14 7.88 21.70
CA PHE A 4 3.67 8.01 20.35
C PHE A 4 2.67 8.72 19.43
N SER A 5 1.61 7.99 19.08
CA SER A 5 0.58 8.53 18.20
C SER A 5 1.18 9.22 16.98
N ALA A 6 1.46 10.51 17.09
CA ALA A 6 2.03 11.26 15.98
C ALA A 6 3.32 10.62 15.48
N GLU A 7 4.23 10.33 16.40
CA GLU A 7 5.50 9.71 16.05
C GLU A 7 5.28 8.39 15.32
N PHE A 8 4.71 7.42 16.02
CA PHE A 8 4.44 6.11 15.45
C PHE A 8 3.71 6.24 14.12
N LEU A 9 2.63 7.02 14.12
CA LEU A 9 1.84 7.23 12.91
C LEU A 9 2.67 7.91 11.83
N LYS A 10 3.48 8.89 12.24
CA LYS A 10 4.33 9.62 11.30
C LYS A 10 5.23 8.67 10.52
N VAL A 11 5.68 7.61 11.18
CA VAL A 11 6.54 6.62 10.56
C VAL A 11 5.74 5.44 10.05
N PHE A 12 4.50 5.71 9.65
CA PHE A 12 3.61 4.67 9.15
C PHE A 12 2.67 5.22 8.08
N LEU A 13 2.11 6.40 8.36
CA LEU A 13 1.20 7.04 7.42
C LEU A 13 1.85 7.29 6.06
N PRO A 14 3.04 7.91 6.03
CA PRO A 14 3.74 8.18 4.77
C PRO A 14 4.28 6.93 4.12
N SER A 15 4.57 5.92 4.93
CA SER A 15 5.09 4.65 4.43
C SER A 15 4.07 3.96 3.53
N LEU A 16 2.83 3.85 4.03
CA LEU A 16 1.77 3.22 3.27
C LEU A 16 1.54 3.94 1.94
N LEU A 17 1.48 5.26 1.99
CA LEU A 17 1.28 6.07 0.80
C LEU A 17 2.27 5.68 -0.28
N LEU A 18 3.55 5.64 0.08
CA LEU A 18 4.60 5.27 -0.86
C LEU A 18 4.36 3.88 -1.44
N SER A 19 3.94 2.96 -0.57
CA SER A 19 3.66 1.59 -0.99
C SER A 19 2.63 1.56 -2.12
N HIS A 20 1.50 2.23 -1.89
CA HIS A 20 0.45 2.29 -2.89
C HIS A 20 0.94 2.96 -4.17
N LEU A 21 1.52 4.15 -4.02
CA LEU A 21 2.04 4.90 -5.16
C LEU A 21 3.10 4.09 -5.91
N LEU A 22 4.09 3.59 -5.16
CA LEU A 22 5.16 2.80 -5.77
C LEU A 22 4.60 1.53 -6.40
N ALA A 23 3.68 0.87 -5.70
CA ALA A 23 3.07 -0.35 -6.19
C ALA A 23 2.50 -0.15 -7.59
N ILE A 24 1.68 0.88 -7.74
CA ILE A 24 1.07 1.19 -9.03
C ILE A 24 2.16 1.39 -10.09
N GLY A 25 3.21 2.12 -9.70
CA GLY A 25 4.30 2.36 -10.63
C GLY A 25 4.88 1.08 -11.18
N LEU A 26 5.03 0.08 -10.32
CA LEU A 26 5.56 -1.21 -10.74
C LEU A 26 4.67 -1.84 -11.80
N GLY A 27 3.38 -1.91 -11.50
CA GLY A 27 2.44 -2.48 -12.46
C GLY A 27 2.56 -1.86 -13.83
N ILE A 28 2.68 -0.53 -13.87
CA ILE A 28 2.80 0.19 -15.13
C ILE A 28 4.05 -0.24 -15.90
N TYR A 29 5.19 -0.20 -15.21
CA TYR A 29 6.47 -0.58 -15.82
C TYR A 29 6.39 -2.00 -16.36
N ILE A 30 5.94 -2.92 -15.53
CA ILE A 30 5.83 -4.32 -15.93
C ILE A 30 4.88 -4.48 -17.12
N GLY A 31 3.76 -3.78 -17.07
CA GLY A 31 2.78 -3.86 -18.14
C GLY A 31 3.32 -3.36 -19.47
N ARG A 32 3.96 -2.19 -19.46
CA ARG A 32 4.51 -1.62 -20.68
C ARG A 32 5.60 -2.50 -21.28
N ARG A 33 6.41 -3.12 -20.43
CA ARG A 33 7.48 -3.98 -20.89
C ARG A 33 6.95 -5.33 -21.38
N LEU A 34 5.67 -5.59 -21.14
CA LEU A 34 5.05 -6.84 -21.59
C LEU A 34 5.22 -7.02 -23.09
N THR A 35 4.34 -6.37 -23.84
CA THR A 35 4.37 -6.43 -25.29
C THR A 35 5.62 -5.74 -25.86
N GLY B 1 -0.92 -10.31 26.79
CA GLY B 1 -0.40 -9.20 25.95
C GLY B 1 -1.35 -8.01 25.89
N GLY B 2 -1.36 -7.32 24.76
CA GLY B 2 -2.24 -6.16 24.61
C GLY B 2 -3.70 -6.53 24.66
N ILE B 3 -4.56 -5.51 24.63
CA ILE B 3 -6.00 -5.72 24.68
C ILE B 3 -6.50 -6.34 23.38
N PHE B 4 -6.38 -5.59 22.31
CA PHE B 4 -6.82 -6.04 20.99
C PHE B 4 -5.85 -7.08 20.42
N SER B 5 -4.66 -6.63 20.06
CA SER B 5 -3.65 -7.52 19.49
C SER B 5 -4.22 -8.32 18.31
N ALA B 6 -4.81 -9.48 18.61
CA ALA B 6 -5.38 -10.32 17.57
C ALA B 6 -6.43 -9.57 16.76
N GLU B 7 -7.40 -8.99 17.46
CA GLU B 7 -8.47 -8.25 16.82
C GLU B 7 -7.94 -7.12 15.95
N PHE B 8 -6.72 -6.67 16.24
CA PHE B 8 -6.11 -5.59 15.49
C PHE B 8 -5.23 -6.13 14.36
N LEU B 9 -4.34 -7.05 14.71
CA LEU B 9 -3.43 -7.66 13.74
C LEU B 9 -4.20 -8.42 12.66
N LYS B 10 -5.29 -9.08 13.06
CA LYS B 10 -6.09 -9.83 12.11
C LYS B 10 -6.58 -8.95 10.98
N VAL B 11 -6.90 -7.70 11.30
CA VAL B 11 -7.38 -6.75 10.30
C VAL B 11 -6.41 -5.57 10.15
N PHE B 12 -5.12 -5.87 10.16
CA PHE B 12 -4.10 -4.84 10.02
C PHE B 12 -2.91 -5.37 9.23
N LEU B 13 -2.45 -6.56 9.58
CA LEU B 13 -1.32 -7.18 8.91
C LEU B 13 -1.65 -7.51 7.45
N PRO B 14 -2.73 -8.27 7.19
CA PRO B 14 -3.11 -8.64 5.82
C PRO B 14 -3.50 -7.42 4.98
N SER B 15 -4.22 -6.48 5.59
CA SER B 15 -4.65 -5.27 4.90
C SER B 15 -3.50 -4.64 4.11
N LEU B 16 -2.33 -4.60 4.72
CA LEU B 16 -1.15 -4.02 4.07
C LEU B 16 -0.79 -4.80 2.81
N LEU B 17 -0.70 -6.12 2.94
CA LEU B 17 -0.37 -6.97 1.81
C LEU B 17 -1.35 -6.77 0.67
N LEU B 18 -2.64 -6.67 1.01
CA LEU B 18 -3.68 -6.47 0.01
C LEU B 18 -3.43 -5.18 -0.75
N SER B 19 -3.08 -4.12 -0.01
CA SER B 19 -2.81 -2.83 -0.63
C SER B 19 -1.76 -2.95 -1.72
N HIS B 20 -0.63 -3.56 -1.39
CA HIS B 20 0.46 -3.75 -2.35
C HIS B 20 -0.03 -4.54 -3.56
N LEU B 21 -0.63 -5.70 -3.31
CA LEU B 21 -1.14 -6.55 -4.37
C LEU B 21 -2.15 -5.81 -5.25
N LEU B 22 -3.13 -5.18 -4.61
CA LEU B 22 -4.14 -4.43 -5.32
C LEU B 22 -3.53 -3.27 -6.11
N ALA B 23 -2.66 -2.51 -5.44
CA ALA B 23 -2.02 -1.37 -6.07
C ALA B 23 -1.29 -1.79 -7.35
N ILE B 24 -0.44 -2.80 -7.23
CA ILE B 24 0.31 -3.30 -8.39
C ILE B 24 -0.64 -3.83 -9.45
N GLY B 25 -1.65 -4.58 -9.01
CA GLY B 25 -2.61 -5.13 -9.94
C GLY B 25 -3.20 -4.07 -10.85
N LEU B 26 -3.66 -2.98 -10.25
CA LEU B 26 -4.25 -1.88 -11.02
C LEU B 26 -3.24 -1.35 -12.03
N GLY B 27 -2.01 -1.14 -11.58
CA GLY B 27 -0.98 -0.65 -12.46
C GLY B 27 -0.79 -1.52 -13.68
N ILE B 28 -0.65 -2.82 -13.45
CA ILE B 28 -0.47 -3.77 -14.55
C ILE B 28 -1.60 -3.63 -15.57
N TYR B 29 -2.84 -3.58 -15.07
CA TYR B 29 -4.00 -3.45 -15.95
C TYR B 29 -3.85 -2.24 -16.87
N ILE B 30 -3.55 -1.09 -16.27
CA ILE B 30 -3.37 0.14 -17.04
C ILE B 30 -2.19 0.04 -17.99
N GLY B 31 -1.05 -0.42 -17.47
CA GLY B 31 0.14 -0.55 -18.28
C GLY B 31 -0.01 -1.54 -19.42
N ARG B 32 -0.45 -2.76 -19.12
CA ARG B 32 -0.63 -3.79 -20.14
C ARG B 32 -1.59 -3.32 -21.23
N ARG B 33 -2.41 -2.32 -20.91
CA ARG B 33 -3.37 -1.78 -21.87
C ARG B 33 -2.79 -0.58 -22.59
N LEU B 34 -1.51 -0.67 -22.94
CA LEU B 34 -0.82 0.41 -23.63
C LEU B 34 -0.70 0.12 -25.13
N THR B 35 0.34 -0.61 -25.50
CA THR B 35 0.58 -0.97 -26.90
C THR B 35 0.80 -2.47 -27.06
N GLY A 1 -10.87 10.52 12.58
CA GLY A 1 -9.37 10.53 12.60
C GLY A 1 -8.80 9.49 13.56
N GLY A 2 -8.59 9.90 14.81
CA GLY A 2 -8.05 8.99 15.80
C GLY A 2 -7.46 9.73 16.98
N ILE A 3 -7.07 8.98 18.01
CA ILE A 3 -6.49 9.57 19.22
C ILE A 3 -5.09 10.13 18.93
N PHE A 4 -4.20 9.26 18.46
CA PHE A 4 -2.84 9.68 18.15
C PHE A 4 -2.80 10.47 16.84
N SER A 5 -3.54 9.98 15.85
CA SER A 5 -3.62 10.62 14.54
C SER A 5 -2.25 11.08 14.03
N ALA A 6 -1.86 12.30 14.40
CA ALA A 6 -0.59 12.87 13.96
C ALA A 6 0.58 11.95 14.32
N GLU A 7 0.67 11.56 15.58
CA GLU A 7 1.76 10.70 16.05
C GLU A 7 1.79 9.40 15.24
N PHE A 8 0.68 8.68 15.21
CA PHE A 8 0.60 7.42 14.49
C PHE A 8 0.78 7.62 12.99
N LEU A 9 0.06 8.59 12.43
CA LEU A 9 0.15 8.90 11.01
C LEU A 9 1.56 9.32 10.62
N LYS A 10 2.27 9.92 11.57
CA LYS A 10 3.63 10.38 11.34
C LYS A 10 4.51 9.23 10.88
N VAL A 11 4.45 8.12 11.61
CA VAL A 11 5.26 6.94 11.29
C VAL A 11 4.39 5.84 10.67
N PHE A 12 3.50 6.23 9.76
CA PHE A 12 2.62 5.27 9.10
C PHE A 12 2.35 5.68 7.66
N LEU A 13 1.93 6.92 7.46
CA LEU A 13 1.64 7.43 6.12
C LEU A 13 2.85 7.26 5.20
N PRO A 14 4.07 7.61 5.67
CA PRO A 14 5.29 7.49 4.86
C PRO A 14 5.43 6.12 4.22
N SER A 15 5.04 5.08 4.95
CA SER A 15 5.13 3.72 4.45
C SER A 15 4.00 3.40 3.49
N LEU A 16 2.77 3.66 3.90
CA LEU A 16 1.60 3.39 3.07
C LEU A 16 1.65 4.20 1.78
N LEU A 17 1.89 5.50 1.90
CA LEU A 17 1.95 6.38 0.74
C LEU A 17 2.92 5.84 -0.30
N LEU A 18 4.15 5.55 0.13
CA LEU A 18 5.17 5.03 -0.77
C LEU A 18 4.76 3.68 -1.35
N SER A 19 4.19 2.82 -0.52
CA SER A 19 3.77 1.50 -0.95
C SER A 19 2.72 1.59 -2.06
N HIS A 20 1.65 2.34 -1.81
CA HIS A 20 0.58 2.49 -2.79
C HIS A 20 1.11 3.18 -4.06
N LEU A 21 1.75 4.32 -3.87
CA LEU A 21 2.29 5.07 -5.00
C LEU A 21 3.27 4.22 -5.79
N LEU A 22 4.25 3.64 -5.10
CA LEU A 22 5.25 2.80 -5.73
C LEU A 22 4.60 1.56 -6.33
N ALA A 23 3.70 0.94 -5.57
CA ALA A 23 3.01 -0.26 -6.03
C ALA A 23 2.39 -0.04 -7.41
N ILE A 24 1.61 1.03 -7.54
CA ILE A 24 0.97 1.35 -8.80
C ILE A 24 2.02 1.59 -9.89
N GLY A 25 3.05 2.35 -9.55
CA GLY A 25 4.12 2.62 -10.50
C GLY A 25 4.67 1.35 -11.12
N LEU A 26 5.00 0.39 -10.27
CA LEU A 26 5.53 -0.88 -10.74
C LEU A 26 4.57 -1.51 -11.74
N GLY A 27 3.30 -1.57 -11.37
CA GLY A 27 2.31 -2.16 -12.25
C GLY A 27 2.35 -1.57 -13.65
N ILE A 28 2.42 -0.24 -13.72
CA ILE A 28 2.46 0.45 -15.01
C ILE A 28 3.71 0.07 -15.80
N TYR A 29 4.86 0.11 -15.12
CA TYR A 29 6.14 -0.22 -15.76
C TYR A 29 6.15 -1.67 -16.24
N ILE A 30 5.83 -2.59 -15.33
CA ILE A 30 5.80 -4.01 -15.67
C ILE A 30 4.97 -4.27 -16.92
N GLY A 31 3.75 -3.75 -16.94
CA GLY A 31 2.88 -3.94 -18.09
C GLY A 31 3.53 -3.48 -19.38
N ARG A 32 4.01 -2.24 -19.39
CA ARG A 32 4.67 -1.69 -20.57
C ARG A 32 5.93 -2.46 -20.91
N ARG A 33 6.69 -2.82 -19.88
CA ARG A 33 7.92 -3.57 -20.06
C ARG A 33 7.64 -4.97 -20.63
N LEU A 34 6.38 -5.39 -20.59
CA LEU A 34 5.99 -6.70 -21.10
C LEU A 34 6.52 -6.91 -22.51
N THR A 35 5.80 -6.40 -23.49
CA THR A 35 6.19 -6.53 -24.89
C THR A 35 5.53 -5.47 -25.76
N GLY B 1 0.11 -6.96 23.18
CA GLY B 1 0.97 -6.39 22.11
C GLY B 1 1.22 -4.90 22.31
N GLY B 2 0.14 -4.14 22.42
CA GLY B 2 0.27 -2.70 22.61
C GLY B 2 -1.03 -2.06 23.03
N ILE B 3 -1.25 -0.84 22.55
CA ILE B 3 -2.48 -0.10 22.87
C ILE B 3 -3.67 -0.76 22.20
N PHE B 4 -3.59 -0.94 20.89
CA PHE B 4 -4.68 -1.57 20.14
C PHE B 4 -4.67 -3.08 20.37
N SER B 5 -3.47 -3.66 20.40
CA SER B 5 -3.28 -5.09 20.63
C SER B 5 -3.50 -5.89 19.34
N ALA B 6 -3.68 -7.19 19.48
CA ALA B 6 -3.89 -8.07 18.34
C ALA B 6 -5.08 -7.62 17.50
N GLU B 7 -6.01 -6.92 18.14
CA GLU B 7 -7.21 -6.45 17.45
C GLU B 7 -6.84 -5.69 16.17
N PHE B 8 -6.09 -4.61 16.32
CA PHE B 8 -5.66 -3.81 15.18
C PHE B 8 -4.89 -4.68 14.18
N LEU B 9 -4.13 -5.63 14.70
CA LEU B 9 -3.34 -6.52 13.87
C LEU B 9 -4.24 -7.39 12.99
N LYS B 10 -5.43 -7.73 13.50
CA LYS B 10 -6.38 -8.56 12.76
C LYS B 10 -6.70 -7.92 11.40
N VAL B 11 -6.78 -6.60 11.38
CA VAL B 11 -7.09 -5.87 10.14
C VAL B 11 -5.95 -4.94 9.75
N PHE B 12 -4.74 -5.29 10.16
CA PHE B 12 -3.57 -4.47 9.84
C PHE B 12 -2.78 -5.08 8.69
N LEU B 13 -2.20 -6.24 8.94
CA LEU B 13 -1.40 -6.94 7.92
C LEU B 13 -2.20 -7.14 6.63
N PRO B 14 -3.47 -7.59 6.74
CA PRO B 14 -4.31 -7.82 5.56
C PRO B 14 -4.34 -6.62 4.62
N SER B 15 -4.70 -5.46 5.18
CA SER B 15 -4.78 -4.23 4.39
C SER B 15 -3.46 -3.96 3.66
N LEU B 16 -2.35 -4.19 4.35
CA LEU B 16 -1.03 -3.96 3.76
C LEU B 16 -0.82 -4.85 2.53
N LEU B 17 -1.03 -6.15 2.69
CA LEU B 17 -0.86 -7.08 1.59
C LEU B 17 -1.84 -6.79 0.46
N LEU B 18 -3.09 -6.54 0.82
CA LEU B 18 -4.13 -6.24 -0.16
C LEU B 18 -3.77 -4.99 -0.96
N SER B 19 -3.30 -3.97 -0.26
CA SER B 19 -2.91 -2.72 -0.90
C SER B 19 -1.80 -2.93 -1.92
N HIS B 20 -0.75 -3.64 -1.50
CA HIS B 20 0.38 -3.92 -2.37
C HIS B 20 -0.06 -4.74 -3.59
N LEU B 21 -0.74 -5.85 -3.33
CA LEU B 21 -1.22 -6.70 -4.42
C LEU B 21 -2.15 -5.93 -5.35
N LEU B 22 -3.15 -5.28 -4.77
CA LEU B 22 -4.11 -4.51 -5.55
C LEU B 22 -3.43 -3.36 -6.30
N ALA B 23 -2.67 -2.55 -5.57
CA ALA B 23 -1.99 -1.41 -6.16
C ALA B 23 -1.17 -1.83 -7.39
N ILE B 24 -0.30 -2.81 -7.21
CA ILE B 24 0.53 -3.30 -8.29
C ILE B 24 -0.33 -3.90 -9.40
N GLY B 25 -1.32 -4.70 -9.01
CA GLY B 25 -2.21 -5.31 -9.98
C GLY B 25 -2.90 -4.29 -10.85
N LEU B 26 -3.45 -3.25 -10.23
CA LEU B 26 -4.14 -2.20 -10.95
C LEU B 26 -3.22 -1.61 -12.02
N GLY B 27 -2.00 -1.29 -11.62
CA GLY B 27 -1.05 -0.72 -12.57
C GLY B 27 -0.81 -1.62 -13.76
N ILE B 28 -0.55 -2.89 -13.51
CA ILE B 28 -0.30 -3.86 -14.58
C ILE B 28 -1.50 -3.99 -15.51
N TYR B 29 -2.68 -4.17 -14.92
CA TYR B 29 -3.90 -4.34 -15.70
C TYR B 29 -4.06 -3.21 -16.72
N ILE B 30 -3.97 -1.98 -16.24
CA ILE B 30 -4.11 -0.82 -17.11
C ILE B 30 -3.02 -0.79 -18.17
N GLY B 31 -1.79 -1.01 -17.75
CA GLY B 31 -0.67 -1.01 -18.68
C GLY B 31 -0.77 -2.09 -19.74
N ARG B 32 -1.11 -3.30 -19.31
CA ARG B 32 -1.23 -4.43 -20.23
C ARG B 32 -2.30 -4.18 -21.29
N ARG B 33 -3.20 -3.22 -21.04
CA ARG B 33 -4.26 -2.91 -21.98
C ARG B 33 -4.01 -1.55 -22.65
N LEU B 34 -2.77 -1.33 -23.08
CA LEU B 34 -2.40 -0.09 -23.73
C LEU B 34 -1.51 -0.34 -24.94
N THR B 35 -0.20 -0.46 -24.69
CA THR B 35 0.76 -0.70 -25.75
C THR B 35 1.66 -1.89 -25.42
N GLY A 1 -4.88 9.26 19.39
CA GLY A 1 -3.53 9.44 19.99
C GLY A 1 -2.88 8.11 20.33
N GLY A 2 -1.55 8.07 20.24
CA GLY A 2 -0.82 6.85 20.54
C GLY A 2 0.33 7.08 21.50
N ILE A 3 1.06 6.02 21.81
CA ILE A 3 2.18 6.11 22.72
C ILE A 3 3.32 6.89 22.09
N PHE A 4 3.82 6.41 20.95
CA PHE A 4 4.91 7.07 20.24
C PHE A 4 4.40 8.29 19.49
N SER A 5 3.51 8.05 18.54
CA SER A 5 2.92 9.12 17.73
C SER A 5 3.98 9.73 16.80
N ALA A 6 4.84 10.57 17.34
CA ALA A 6 5.87 11.22 16.55
C ALA A 6 6.74 10.20 15.83
N GLU A 7 7.36 9.30 16.59
CA GLU A 7 8.21 8.28 16.01
C GLU A 7 7.45 7.43 15.00
N PHE A 8 6.38 6.78 15.47
CA PHE A 8 5.56 5.95 14.59
C PHE A 8 5.14 6.73 13.36
N LEU A 9 4.57 7.91 13.58
CA LEU A 9 4.14 8.76 12.47
C LEU A 9 5.33 9.16 11.60
N LYS A 10 6.51 9.17 12.21
CA LYS A 10 7.73 9.53 11.49
C LYS A 10 7.92 8.61 10.28
N VAL A 11 7.64 7.33 10.48
CA VAL A 11 7.77 6.34 9.42
C VAL A 11 6.46 5.57 9.21
N PHE A 12 5.39 6.30 8.96
CA PHE A 12 4.08 5.69 8.75
C PHE A 12 3.28 6.45 7.70
N LEU A 13 3.18 7.77 7.89
CA LEU A 13 2.43 8.62 6.96
C LEU A 13 2.91 8.42 5.52
N PRO A 14 4.23 8.40 5.27
CA PRO A 14 4.77 8.21 3.94
C PRO A 14 4.82 6.75 3.52
N SER A 15 5.14 5.87 4.46
CA SER A 15 5.22 4.44 4.19
C SER A 15 4.00 3.94 3.43
N LEU A 16 2.81 4.25 3.95
CA LEU A 16 1.57 3.84 3.32
C LEU A 16 1.44 4.44 1.92
N LEU A 17 1.66 5.74 1.83
CA LEU A 17 1.58 6.44 0.54
C LEU A 17 2.53 5.85 -0.48
N LEU A 18 3.79 5.70 -0.08
CA LEU A 18 4.82 5.15 -0.95
C LEU A 18 4.46 3.73 -1.41
N SER A 19 3.96 2.92 -0.49
CA SER A 19 3.59 1.54 -0.81
C SER A 19 2.60 1.50 -1.96
N HIS A 20 1.50 2.23 -1.82
CA HIS A 20 0.47 2.28 -2.86
C HIS A 20 1.03 2.86 -4.14
N LEU A 21 1.65 4.03 -4.03
CA LEU A 21 2.23 4.71 -5.19
C LEU A 21 3.26 3.83 -5.90
N LEU A 22 4.21 3.31 -5.13
CA LEU A 22 5.25 2.46 -5.67
C LEU A 22 4.66 1.21 -6.33
N ALA A 23 3.77 0.52 -5.61
CA ALA A 23 3.14 -0.68 -6.14
C ALA A 23 2.55 -0.44 -7.52
N ILE A 24 1.72 0.60 -7.64
CA ILE A 24 1.10 0.94 -8.91
C ILE A 24 2.17 1.18 -9.96
N GLY A 25 3.20 1.93 -9.58
CA GLY A 25 4.28 2.22 -10.51
C GLY A 25 4.89 0.95 -11.09
N LEU A 26 5.11 -0.04 -10.23
CA LEU A 26 5.67 -1.30 -10.68
C LEU A 26 4.82 -1.90 -11.78
N GLY A 27 3.52 -2.02 -11.51
CA GLY A 27 2.62 -2.58 -12.50
C GLY A 27 2.71 -1.86 -13.83
N ILE A 28 2.74 -0.53 -13.78
CA ILE A 28 2.84 0.28 -14.99
C ILE A 28 4.13 -0.03 -15.74
N TYR A 29 5.22 -0.15 -15.00
CA TYR A 29 6.52 -0.46 -15.59
C TYR A 29 6.44 -1.72 -16.45
N ILE A 30 5.75 -2.73 -15.93
CA ILE A 30 5.59 -3.99 -16.65
C ILE A 30 4.84 -3.78 -17.95
N GLY A 31 3.67 -3.16 -17.86
CA GLY A 31 2.85 -2.91 -19.04
C GLY A 31 3.52 -1.99 -20.04
N ARG A 32 3.96 -0.82 -19.58
CA ARG A 32 4.60 0.15 -20.46
C ARG A 32 5.74 -0.49 -21.25
N ARG A 33 6.32 -1.54 -20.70
CA ARG A 33 7.42 -2.24 -21.36
C ARG A 33 6.92 -2.95 -22.63
N LEU A 34 5.63 -3.22 -22.68
CA LEU A 34 5.04 -3.89 -23.84
C LEU A 34 5.36 -3.13 -25.12
N THR A 35 4.54 -2.12 -25.42
CA THR A 35 4.73 -1.30 -26.61
C THR A 35 5.06 -2.14 -27.83
N GLY B 1 -8.68 -4.74 27.90
CA GLY B 1 -9.93 -5.39 27.44
C GLY B 1 -10.76 -4.50 26.54
N GLY B 2 -10.13 -3.94 25.51
CA GLY B 2 -10.83 -3.07 24.59
C GLY B 2 -11.93 -3.78 23.84
N ILE B 3 -12.81 -3.01 23.20
CA ILE B 3 -13.92 -3.59 22.43
C ILE B 3 -13.40 -4.23 21.15
N PHE B 4 -12.88 -3.41 20.25
CA PHE B 4 -12.36 -3.89 18.98
C PHE B 4 -10.98 -4.52 19.16
N SER B 5 -9.99 -3.68 19.44
CA SER B 5 -8.60 -4.13 19.63
C SER B 5 -8.21 -5.23 18.64
N ALA B 6 -8.43 -6.48 19.02
CA ALA B 6 -8.09 -7.61 18.16
C ALA B 6 -8.77 -7.49 16.79
N GLU B 7 -10.10 -7.35 16.81
CA GLU B 7 -10.86 -7.22 15.58
C GLU B 7 -10.34 -6.08 14.72
N PHE B 8 -10.05 -4.95 15.36
CA PHE B 8 -9.55 -3.78 14.65
C PHE B 8 -8.23 -4.10 13.93
N LEU B 9 -7.24 -4.55 14.70
CA LEU B 9 -5.93 -4.89 14.14
C LEU B 9 -6.04 -6.05 13.16
N LYS B 10 -6.91 -7.00 13.49
CA LYS B 10 -7.11 -8.17 12.63
C LYS B 10 -7.51 -7.75 11.22
N VAL B 11 -8.32 -6.70 11.12
CA VAL B 11 -8.76 -6.20 9.83
C VAL B 11 -7.97 -4.96 9.42
N PHE B 12 -6.72 -4.90 9.85
CA PHE B 12 -5.85 -3.77 9.52
C PHE B 12 -4.53 -4.25 8.94
N LEU B 13 -3.87 -5.16 9.64
CA LEU B 13 -2.59 -5.69 9.19
C LEU B 13 -2.70 -6.34 7.81
N PRO B 14 -3.76 -7.13 7.55
CA PRO B 14 -3.95 -7.79 6.26
C PRO B 14 -4.18 -6.79 5.13
N SER B 15 -4.94 -5.74 5.42
CA SER B 15 -5.23 -4.71 4.43
C SER B 15 -3.95 -4.23 3.76
N LEU B 16 -2.92 -3.98 4.56
CA LEU B 16 -1.64 -3.50 4.05
C LEU B 16 -1.13 -4.42 2.94
N LEU B 17 -1.14 -5.72 3.20
CA LEU B 17 -0.70 -6.71 2.22
C LEU B 17 -1.53 -6.63 0.96
N LEU B 18 -2.85 -6.53 1.14
CA LEU B 18 -3.76 -6.44 0.01
C LEU B 18 -3.49 -5.17 -0.80
N SER B 19 -3.25 -4.07 -0.10
CA SER B 19 -2.97 -2.81 -0.75
C SER B 19 -1.82 -2.96 -1.76
N HIS B 20 -0.73 -3.56 -1.30
CA HIS B 20 0.44 -3.77 -2.16
C HIS B 20 0.06 -4.64 -3.35
N LEU B 21 -0.54 -5.78 -3.08
CA LEU B 21 -0.95 -6.72 -4.14
C LEU B 21 -1.92 -6.05 -5.10
N LEU B 22 -2.98 -5.46 -4.55
CA LEU B 22 -3.99 -4.78 -5.36
C LEU B 22 -3.38 -3.60 -6.11
N ALA B 23 -2.55 -2.82 -5.41
CA ALA B 23 -1.91 -1.66 -6.01
C ALA B 23 -1.16 -2.04 -7.27
N ILE B 24 -0.29 -3.04 -7.16
CA ILE B 24 0.48 -3.50 -8.32
C ILE B 24 -0.45 -4.06 -9.39
N GLY B 25 -1.42 -4.86 -8.97
CA GLY B 25 -2.36 -5.43 -9.91
C GLY B 25 -3.02 -4.37 -10.77
N LEU B 26 -3.55 -3.34 -10.12
CA LEU B 26 -4.20 -2.24 -10.83
C LEU B 26 -3.24 -1.65 -11.87
N GLY B 27 -1.98 -1.47 -11.46
CA GLY B 27 -0.98 -0.93 -12.36
C GLY B 27 -0.84 -1.76 -13.62
N ILE B 28 -0.84 -3.08 -13.47
CA ILE B 28 -0.73 -3.99 -14.60
C ILE B 28 -1.86 -3.74 -15.60
N TYR B 29 -3.08 -3.76 -15.10
CA TYR B 29 -4.25 -3.55 -15.95
C TYR B 29 -4.08 -2.27 -16.77
N ILE B 30 -3.78 -1.17 -16.09
CA ILE B 30 -3.58 0.11 -16.76
C ILE B 30 -2.39 0.05 -17.71
N GLY B 31 -1.30 -0.53 -17.24
CA GLY B 31 -0.10 -0.65 -18.05
C GLY B 31 -0.30 -1.47 -19.31
N ARG B 32 -0.83 -2.68 -19.14
CA ARG B 32 -1.06 -3.57 -20.28
C ARG B 32 -1.90 -2.87 -21.34
N ARG B 33 -2.71 -1.91 -20.93
CA ARG B 33 -3.55 -1.17 -21.86
C ARG B 33 -3.09 0.28 -21.97
N LEU B 34 -1.84 0.47 -22.38
CA LEU B 34 -1.28 1.80 -22.54
C LEU B 34 -1.17 2.17 -24.02
N THR B 35 -0.09 1.72 -24.65
CA THR B 35 0.13 2.00 -26.06
C THR B 35 0.76 0.81 -26.77
N GLY A 1 5.52 9.20 26.15
CA GLY A 1 4.86 8.74 24.89
C GLY A 1 5.28 7.35 24.48
N GLY A 2 6.10 7.26 23.43
CA GLY A 2 6.56 5.97 22.95
C GLY A 2 8.06 5.94 22.72
N ILE A 3 8.58 4.75 22.45
CA ILE A 3 10.02 4.59 22.21
C ILE A 3 10.41 5.21 20.86
N PHE A 4 9.83 4.69 19.79
CA PHE A 4 10.11 5.20 18.45
C PHE A 4 9.40 6.53 18.20
N SER A 5 8.09 6.53 18.36
CA SER A 5 7.27 7.72 18.16
C SER A 5 7.63 8.41 16.85
N ALA A 6 8.58 9.34 16.89
CA ALA A 6 8.97 10.07 15.68
C ALA A 6 9.31 9.13 14.54
N GLU A 7 10.27 8.24 14.77
CA GLU A 7 10.68 7.29 13.73
C GLU A 7 9.49 6.46 13.27
N PHE A 8 8.80 5.82 14.21
CA PHE A 8 7.64 4.97 13.90
C PHE A 8 6.70 5.68 12.94
N LEU A 9 6.21 6.85 13.33
CA LEU A 9 5.30 7.61 12.49
C LEU A 9 5.98 7.97 11.17
N LYS A 10 7.20 8.48 11.27
CA LYS A 10 7.97 8.84 10.09
C LYS A 10 8.16 7.64 9.16
N VAL A 11 8.01 6.44 9.72
CA VAL A 11 8.17 5.22 8.95
C VAL A 11 6.88 4.40 8.93
N PHE A 12 5.75 5.08 9.11
CA PHE A 12 4.45 4.41 9.12
C PHE A 12 3.45 5.12 8.22
N LEU A 13 3.16 6.38 8.54
CA LEU A 13 2.21 7.17 7.77
C LEU A 13 2.70 7.40 6.34
N PRO A 14 3.97 7.79 6.15
CA PRO A 14 4.51 8.03 4.81
C PRO A 14 4.84 6.75 4.06
N SER A 15 5.08 5.67 4.82
CA SER A 15 5.40 4.38 4.23
C SER A 15 4.21 3.83 3.45
N LEU A 16 3.02 3.97 4.03
CA LEU A 16 1.80 3.48 3.38
C LEU A 16 1.58 4.17 2.04
N LEU A 17 1.65 5.50 2.05
CA LEU A 17 1.47 6.29 0.83
C LEU A 17 2.42 5.81 -0.26
N LEU A 18 3.70 5.73 0.07
CA LEU A 18 4.72 5.29 -0.88
C LEU A 18 4.42 3.90 -1.41
N SER A 19 3.97 3.00 -0.53
CA SER A 19 3.64 1.64 -0.92
C SER A 19 2.61 1.62 -2.04
N HIS A 20 1.50 2.32 -1.82
CA HIS A 20 0.43 2.38 -2.81
C HIS A 20 0.92 3.05 -4.10
N LEU A 21 1.50 4.24 -3.95
CA LEU A 21 2.01 4.99 -5.10
C LEU A 21 3.05 4.18 -5.85
N LEU A 22 4.04 3.69 -5.13
CA LEU A 22 5.11 2.88 -5.73
C LEU A 22 4.57 1.60 -6.33
N ALA A 23 3.69 0.93 -5.59
CA ALA A 23 3.08 -0.31 -6.06
C ALA A 23 2.47 -0.13 -7.45
N ILE A 24 1.63 0.88 -7.59
CA ILE A 24 0.99 1.17 -8.88
C ILE A 24 2.05 1.39 -9.94
N GLY A 25 3.09 2.13 -9.58
CA GLY A 25 4.16 2.40 -10.52
C GLY A 25 4.78 1.12 -11.05
N LEU A 26 4.95 0.14 -10.16
CA LEU A 26 5.52 -1.14 -10.56
C LEU A 26 4.65 -1.80 -11.61
N GLY A 27 3.36 -1.85 -11.36
CA GLY A 27 2.43 -2.45 -12.31
C GLY A 27 2.57 -1.84 -13.69
N ILE A 28 2.60 -0.52 -13.76
CA ILE A 28 2.73 0.20 -15.02
C ILE A 28 3.98 -0.26 -15.77
N TYR A 29 5.10 -0.32 -15.05
CA TYR A 29 6.36 -0.75 -15.64
C TYR A 29 6.25 -2.13 -16.26
N ILE A 30 5.70 -3.07 -15.50
CA ILE A 30 5.53 -4.44 -15.98
C ILE A 30 4.59 -4.50 -17.18
N GLY A 31 3.48 -3.75 -17.09
CA GLY A 31 2.50 -3.74 -18.17
C GLY A 31 3.05 -3.21 -19.47
N ARG A 32 3.65 -2.02 -19.43
CA ARG A 32 4.21 -1.41 -20.64
C ARG A 32 5.30 -2.27 -21.25
N ARG A 33 5.88 -3.16 -20.45
CA ARG A 33 6.94 -4.04 -20.93
C ARG A 33 6.38 -5.16 -21.82
N LEU A 34 5.05 -5.23 -21.93
CA LEU A 34 4.41 -6.25 -22.75
C LEU A 34 4.89 -6.17 -24.20
N THR A 35 4.27 -5.28 -24.97
CA THR A 35 4.62 -5.09 -26.37
C THR A 35 4.63 -6.42 -27.12
N GLY B 1 -10.18 -4.99 25.56
CA GLY B 1 -9.28 -4.02 24.89
C GLY B 1 -10.04 -2.88 24.24
N GLY B 2 -10.90 -3.22 23.28
CA GLY B 2 -11.67 -2.20 22.59
C GLY B 2 -12.94 -2.75 21.96
N ILE B 3 -13.64 -1.91 21.22
CA ILE B 3 -14.88 -2.30 20.56
C ILE B 3 -14.59 -3.24 19.40
N PHE B 4 -13.93 -2.71 18.39
CA PHE B 4 -13.59 -3.48 17.20
C PHE B 4 -12.42 -4.42 17.47
N SER B 5 -11.28 -3.86 17.87
CA SER B 5 -10.08 -4.64 18.16
C SER B 5 -9.85 -5.72 17.09
N ALA B 6 -10.39 -6.92 17.31
CA ALA B 6 -10.22 -8.00 16.35
C ALA B 6 -10.81 -7.64 14.99
N GLU B 7 -12.04 -7.13 15.01
CA GLU B 7 -12.73 -6.73 13.79
C GLU B 7 -11.94 -5.68 13.01
N PHE B 8 -11.24 -4.81 13.73
CA PHE B 8 -10.45 -3.76 13.10
C PHE B 8 -9.05 -4.26 12.74
N LEU B 9 -8.43 -4.98 13.67
CA LEU B 9 -7.08 -5.50 13.45
C LEU B 9 -7.07 -6.48 12.28
N LYS B 10 -8.06 -7.36 12.23
CA LYS B 10 -8.16 -8.35 11.16
C LYS B 10 -8.20 -7.67 9.81
N VAL B 11 -8.72 -6.45 9.78
CA VAL B 11 -8.81 -5.68 8.54
C VAL B 11 -7.66 -4.69 8.44
N PHE B 12 -6.55 -5.00 9.10
CA PHE B 12 -5.38 -4.13 9.10
C PHE B 12 -4.14 -4.89 8.67
N LEU B 13 -3.94 -6.06 9.27
CA LEU B 13 -2.79 -6.90 8.96
C LEU B 13 -2.80 -7.32 7.49
N PRO B 14 -3.96 -7.77 6.97
CA PRO B 14 -4.06 -8.20 5.57
C PRO B 14 -4.22 -7.02 4.61
N SER B 15 -4.79 -5.93 5.12
CA SER B 15 -5.00 -4.73 4.30
C SER B 15 -3.70 -4.29 3.65
N LEU B 16 -2.62 -4.31 4.44
CA LEU B 16 -1.31 -3.90 3.94
C LEU B 16 -0.90 -4.76 2.75
N LEU B 17 -1.01 -6.07 2.90
CA LEU B 17 -0.65 -7.00 1.84
C LEU B 17 -1.53 -6.79 0.62
N LEU B 18 -2.84 -6.69 0.85
CA LEU B 18 -3.80 -6.48 -0.23
C LEU B 18 -3.50 -5.18 -0.97
N SER B 19 -3.21 -4.13 -0.22
CA SER B 19 -2.90 -2.83 -0.81
C SER B 19 -1.77 -2.95 -1.82
N HIS B 20 -0.69 -3.60 -1.42
CA HIS B 20 0.47 -3.79 -2.29
C HIS B 20 0.09 -4.63 -3.50
N LEU B 21 -0.51 -5.79 -3.27
CA LEU B 21 -0.91 -6.68 -4.35
C LEU B 21 -1.88 -5.98 -5.30
N LEU B 22 -2.94 -5.42 -4.74
CA LEU B 22 -3.94 -4.72 -5.54
C LEU B 22 -3.33 -3.52 -6.26
N ALA B 23 -2.56 -2.73 -5.53
CA ALA B 23 -1.92 -1.55 -6.11
C ALA B 23 -1.12 -1.92 -7.36
N ILE B 24 -0.24 -2.91 -7.22
CA ILE B 24 0.58 -3.36 -8.34
C ILE B 24 -0.30 -3.92 -9.46
N GLY B 25 -1.32 -4.69 -9.06
CA GLY B 25 -2.22 -5.26 -10.04
C GLY B 25 -2.87 -4.20 -10.91
N LEU B 26 -3.35 -3.13 -10.26
CA LEU B 26 -3.98 -2.04 -10.99
C LEU B 26 -3.03 -1.45 -12.01
N GLY B 27 -1.78 -1.23 -11.60
CA GLY B 27 -0.79 -0.69 -12.51
C GLY B 27 -0.65 -1.52 -13.77
N ILE B 28 -0.61 -2.83 -13.60
CA ILE B 28 -0.49 -3.74 -14.74
C ILE B 28 -1.66 -3.59 -15.70
N TYR B 29 -2.87 -3.57 -15.14
CA TYR B 29 -4.08 -3.44 -15.94
C TYR B 29 -4.02 -2.19 -16.81
N ILE B 30 -3.65 -1.06 -16.21
CA ILE B 30 -3.56 0.20 -16.93
C ILE B 30 -2.54 0.11 -18.06
N GLY B 31 -1.33 -0.36 -17.72
CA GLY B 31 -0.28 -0.49 -18.72
C GLY B 31 -0.68 -1.37 -19.88
N ARG B 32 -1.17 -2.57 -19.58
CA ARG B 32 -1.57 -3.51 -20.61
C ARG B 32 -2.73 -2.96 -21.46
N ARG B 33 -3.46 -2.00 -20.88
CA ARG B 33 -4.58 -1.41 -21.59
C ARG B 33 -4.15 -0.14 -22.31
N LEU B 34 -3.00 -0.19 -22.96
CA LEU B 34 -2.47 0.95 -23.68
C LEU B 34 -1.87 0.53 -25.02
N THR B 35 -0.60 0.12 -25.00
CA THR B 35 0.09 -0.29 -26.20
C THR B 35 -0.30 -1.71 -26.61
N GLY A 1 -0.28 18.79 20.55
CA GLY A 1 -1.76 18.65 20.62
C GLY A 1 -2.19 17.26 21.06
N GLY A 2 -2.42 16.38 20.09
CA GLY A 2 -2.82 15.02 20.40
C GLY A 2 -1.69 14.19 20.96
N ILE A 3 -1.98 12.93 21.29
CA ILE A 3 -0.99 12.02 21.82
C ILE A 3 0.06 11.67 20.77
N PHE A 4 -0.29 11.86 19.51
CA PHE A 4 0.60 11.57 18.41
C PHE A 4 0.19 12.33 17.16
N SER A 5 -0.96 11.97 16.60
CA SER A 5 -1.50 12.61 15.41
C SER A 5 -0.40 12.92 14.38
N ALA A 6 0.20 14.09 14.46
CA ALA A 6 1.25 14.49 13.52
C ALA A 6 2.40 13.48 13.53
N GLU A 7 2.93 13.19 14.71
CA GLU A 7 4.04 12.25 14.85
C GLU A 7 3.68 10.90 14.24
N PHE A 8 2.71 10.23 14.84
CA PHE A 8 2.26 8.93 14.35
C PHE A 8 1.95 8.98 12.85
N LEU A 9 1.13 9.96 12.47
CA LEU A 9 0.76 10.12 11.06
C LEU A 9 1.96 10.43 10.19
N LYS A 10 2.93 11.15 10.76
CA LYS A 10 4.14 11.51 10.01
C LYS A 10 4.84 10.26 9.49
N VAL A 11 4.80 9.19 10.28
CA VAL A 11 5.43 7.93 9.89
C VAL A 11 4.39 6.90 9.49
N PHE A 12 3.26 7.38 8.96
CA PHE A 12 2.18 6.49 8.54
C PHE A 12 1.67 6.89 7.16
N LEU A 13 1.12 8.09 7.07
CA LEU A 13 0.60 8.60 5.81
C LEU A 13 1.60 8.42 4.66
N PRO A 14 2.82 8.98 4.79
CA PRO A 14 3.85 8.86 3.76
C PRO A 14 4.26 7.41 3.52
N SER A 15 4.02 6.56 4.50
CA SER A 15 4.37 5.15 4.40
C SER A 15 3.40 4.42 3.47
N LEU A 16 2.11 4.55 3.73
CA LEU A 16 1.09 3.91 2.92
C LEU A 16 1.12 4.43 1.49
N LEU A 17 1.21 5.75 1.34
CA LEU A 17 1.25 6.37 0.02
C LEU A 17 2.34 5.73 -0.84
N LEU A 18 3.55 5.67 -0.30
CA LEU A 18 4.68 5.09 -1.01
C LEU A 18 4.38 3.64 -1.39
N SER A 19 3.81 2.89 -0.46
CA SER A 19 3.48 1.50 -0.69
C SER A 19 2.54 1.37 -1.89
N HIS A 20 1.45 2.11 -1.87
CA HIS A 20 0.47 2.09 -2.95
C HIS A 20 1.10 2.58 -4.25
N LEU A 21 1.72 3.75 -4.19
CA LEU A 21 2.37 4.34 -5.37
C LEU A 21 3.43 3.41 -5.93
N LEU A 22 4.35 2.98 -5.07
CA LEU A 22 5.42 2.07 -5.50
C LEU A 22 4.84 0.86 -6.21
N ALA A 23 3.88 0.20 -5.57
CA ALA A 23 3.25 -0.98 -6.14
C ALA A 23 2.74 -0.70 -7.55
N ILE A 24 1.95 0.38 -7.68
CA ILE A 24 1.41 0.76 -8.97
C ILE A 24 2.54 1.01 -9.96
N GLY A 25 3.58 1.70 -9.50
CA GLY A 25 4.71 1.99 -10.35
C GLY A 25 5.24 0.74 -11.03
N LEU A 26 5.36 -0.34 -10.25
CA LEU A 26 5.85 -1.60 -10.78
C LEU A 26 4.90 -2.11 -11.86
N GLY A 27 3.60 -2.00 -11.59
CA GLY A 27 2.61 -2.43 -12.55
C GLY A 27 2.70 -1.67 -13.86
N ILE A 28 2.83 -0.35 -13.76
CA ILE A 28 2.94 0.49 -14.94
C ILE A 28 4.16 0.12 -15.77
N TYR A 29 5.29 -0.06 -15.10
CA TYR A 29 6.53 -0.42 -15.78
C TYR A 29 6.35 -1.67 -16.61
N ILE A 30 5.79 -2.71 -16.00
CA ILE A 30 5.55 -3.97 -16.69
C ILE A 30 4.58 -3.79 -17.85
N GLY A 31 3.47 -3.10 -17.60
CA GLY A 31 2.48 -2.87 -18.64
C GLY A 31 3.02 -2.06 -19.81
N ARG A 32 3.60 -0.91 -19.51
CA ARG A 32 4.16 -0.04 -20.55
C ARG A 32 5.27 -0.74 -21.32
N ARG A 33 5.80 -1.82 -20.75
CA ARG A 33 6.87 -2.58 -21.40
C ARG A 33 6.31 -3.70 -22.27
N LEU A 34 5.04 -3.57 -22.66
CA LEU A 34 4.38 -4.57 -23.50
C LEU A 34 4.37 -4.13 -24.95
N THR A 35 3.36 -3.32 -25.30
CA THR A 35 3.24 -2.81 -26.65
C THR A 35 3.64 -1.34 -26.75
N GLY B 1 2.46 -4.00 20.57
CA GLY B 1 2.84 -3.85 22.00
C GLY B 1 1.71 -3.29 22.84
N GLY B 2 1.08 -4.14 23.64
CA GLY B 2 -0.02 -3.70 24.48
C GLY B 2 -0.96 -4.82 24.85
N ILE B 3 -2.18 -4.46 25.24
CA ILE B 3 -3.17 -5.45 25.63
C ILE B 3 -3.67 -6.23 24.42
N PHE B 4 -4.06 -5.50 23.37
CA PHE B 4 -4.56 -6.11 22.15
C PHE B 4 -3.43 -6.71 21.32
N SER B 5 -2.55 -5.84 20.83
CA SER B 5 -1.42 -6.29 20.02
C SER B 5 -1.91 -7.12 18.84
N ALA B 6 -2.05 -8.42 19.04
CA ALA B 6 -2.49 -9.31 17.97
C ALA B 6 -3.84 -8.87 17.41
N GLU B 7 -4.82 -8.72 18.29
CA GLU B 7 -6.16 -8.30 17.87
C GLU B 7 -6.10 -6.98 17.12
N PHE B 8 -5.18 -6.11 17.50
CA PHE B 8 -5.03 -4.81 16.86
C PHE B 8 -4.33 -4.95 15.51
N LEU B 9 -3.15 -5.55 15.52
CA LEU B 9 -2.38 -5.74 14.31
C LEU B 9 -3.11 -6.65 13.31
N LYS B 10 -3.93 -7.56 13.84
CA LYS B 10 -4.70 -8.47 13.00
C LYS B 10 -5.56 -7.71 12.00
N VAL B 11 -6.10 -6.58 12.44
CA VAL B 11 -6.94 -5.75 11.59
C VAL B 11 -6.16 -4.59 10.98
N PHE B 12 -4.86 -4.78 10.81
CA PHE B 12 -4.00 -3.75 10.24
C PHE B 12 -2.94 -4.36 9.33
N LEU B 13 -2.29 -5.42 9.81
CA LEU B 13 -1.25 -6.08 9.03
C LEU B 13 -1.76 -6.53 7.66
N PRO B 14 -2.80 -7.39 7.61
CA PRO B 14 -3.35 -7.89 6.35
C PRO B 14 -3.73 -6.76 5.39
N SER B 15 -4.38 -5.74 5.90
CA SER B 15 -4.80 -4.61 5.08
C SER B 15 -3.65 -4.08 4.24
N LEU B 16 -2.48 -3.96 4.87
CA LEU B 16 -1.29 -3.47 4.19
C LEU B 16 -0.89 -4.37 3.02
N LEU B 17 -0.92 -5.68 3.26
CA LEU B 17 -0.55 -6.65 2.23
C LEU B 17 -1.50 -6.53 1.03
N LEU B 18 -2.80 -6.54 1.30
CA LEU B 18 -3.79 -6.42 0.24
C LEU B 18 -3.53 -5.19 -0.63
N SER B 19 -3.20 -4.08 0.01
CA SER B 19 -2.92 -2.84 -0.71
C SER B 19 -1.78 -3.03 -1.70
N HIS B 20 -0.68 -3.60 -1.23
CA HIS B 20 0.48 -3.82 -2.08
C HIS B 20 0.13 -4.71 -3.27
N LEU B 21 -0.49 -5.86 -2.99
CA LEU B 21 -0.87 -6.79 -4.05
C LEU B 21 -1.85 -6.13 -5.03
N LEU B 22 -2.93 -5.56 -4.49
CA LEU B 22 -3.92 -4.91 -5.33
C LEU B 22 -3.33 -3.72 -6.07
N ALA B 23 -2.51 -2.94 -5.37
CA ALA B 23 -1.87 -1.77 -5.96
C ALA B 23 -1.15 -2.13 -7.26
N ILE B 24 -0.29 -3.13 -7.20
CA ILE B 24 0.46 -3.57 -8.38
C ILE B 24 -0.49 -4.05 -9.47
N GLY B 25 -1.50 -4.81 -9.07
CA GLY B 25 -2.47 -5.31 -10.02
C GLY B 25 -3.06 -4.19 -10.85
N LEU B 26 -3.53 -3.14 -10.18
CA LEU B 26 -4.12 -2.00 -10.86
C LEU B 26 -3.15 -1.43 -11.88
N GLY B 27 -1.90 -1.26 -11.46
CA GLY B 27 -0.88 -0.75 -12.35
C GLY B 27 -0.79 -1.54 -13.63
N ILE B 28 -0.86 -2.86 -13.51
CA ILE B 28 -0.79 -3.74 -14.67
C ILE B 28 -1.93 -3.44 -15.65
N TYR B 29 -3.15 -3.42 -15.14
CA TYR B 29 -4.32 -3.13 -15.97
C TYR B 29 -4.15 -1.81 -16.71
N ILE B 30 -3.81 -0.76 -15.96
CA ILE B 30 -3.62 0.57 -16.54
C ILE B 30 -2.49 0.57 -17.56
N GLY B 31 -1.38 -0.04 -17.19
CA GLY B 31 -0.23 -0.09 -18.08
C GLY B 31 -0.57 -0.71 -19.43
N ARG B 32 -1.21 -1.87 -19.40
CA ARG B 32 -1.60 -2.56 -20.62
C ARG B 32 -2.55 -1.71 -21.47
N ARG B 33 -3.17 -0.71 -20.84
CA ARG B 33 -4.10 0.17 -21.55
C ARG B 33 -3.55 1.58 -21.61
N LEU B 34 -2.25 1.70 -21.89
CA LEU B 34 -1.59 2.99 -22.00
C LEU B 34 -1.61 3.51 -23.43
N THR B 35 -0.63 3.09 -24.21
CA THR B 35 -0.52 3.50 -25.60
C THR B 35 -0.49 2.31 -26.54
N GLY A 1 -11.02 12.99 21.16
CA GLY A 1 -10.90 12.17 19.93
C GLY A 1 -9.86 11.08 20.05
N GLY A 2 -9.00 10.98 19.04
CA GLY A 2 -7.96 9.97 19.05
C GLY A 2 -6.74 10.40 19.86
N ILE A 3 -5.97 9.42 20.31
CA ILE A 3 -4.77 9.70 21.09
C ILE A 3 -3.66 10.25 20.21
N PHE A 4 -3.14 9.40 19.33
CA PHE A 4 -2.07 9.81 18.42
C PHE A 4 -2.62 10.65 17.28
N SER A 5 -3.60 10.09 16.55
CA SER A 5 -4.22 10.77 15.43
C SER A 5 -3.19 11.51 14.57
N ALA A 6 -2.95 12.78 14.88
CA ALA A 6 -1.99 13.58 14.13
C ALA A 6 -0.62 12.93 14.12
N GLU A 7 -0.12 12.60 15.31
CA GLU A 7 1.19 11.96 15.44
C GLU A 7 1.27 10.68 14.62
N PHE A 8 0.26 9.83 14.77
CA PHE A 8 0.22 8.57 14.04
C PHE A 8 0.17 8.81 12.54
N LEU A 9 -0.83 9.56 12.09
CA LEU A 9 -0.98 9.87 10.67
C LEU A 9 0.23 10.62 10.14
N LYS A 10 0.80 11.49 10.97
CA LYS A 10 1.96 12.28 10.57
C LYS A 10 3.11 11.39 10.13
N VAL A 11 3.17 10.17 10.66
CA VAL A 11 4.24 9.23 10.31
C VAL A 11 3.69 7.84 10.00
N PHE A 12 2.43 7.78 9.58
CA PHE A 12 1.80 6.51 9.24
C PHE A 12 1.35 6.52 7.79
N LEU A 13 0.61 7.55 7.42
CA LEU A 13 0.12 7.70 6.06
C LEU A 13 1.27 7.80 5.06
N PRO A 14 2.32 8.57 5.37
CA PRO A 14 3.48 8.72 4.48
C PRO A 14 3.95 7.39 3.91
N SER A 15 4.20 6.43 4.80
CA SER A 15 4.66 5.12 4.38
C SER A 15 3.64 4.43 3.48
N LEU A 16 2.38 4.48 3.88
CA LEU A 16 1.31 3.86 3.10
C LEU A 16 1.25 4.43 1.69
N LEU A 17 1.30 5.76 1.59
CA LEU A 17 1.26 6.42 0.29
C LEU A 17 2.33 5.87 -0.64
N LEU A 18 3.57 5.85 -0.16
CA LEU A 18 4.68 5.34 -0.94
C LEU A 18 4.44 3.91 -1.36
N SER A 19 3.95 3.09 -0.43
CA SER A 19 3.67 1.69 -0.72
C SER A 19 2.71 1.55 -1.89
N HIS A 20 1.59 2.26 -1.82
CA HIS A 20 0.59 2.22 -2.88
C HIS A 20 1.16 2.77 -4.18
N LEU A 21 1.73 3.96 -4.12
CA LEU A 21 2.32 4.59 -5.30
C LEU A 21 3.40 3.70 -5.91
N LEU A 22 4.35 3.28 -5.09
CA LEU A 22 5.45 2.43 -5.55
C LEU A 22 4.91 1.16 -6.18
N ALA A 23 3.93 0.54 -5.52
CA ALA A 23 3.33 -0.69 -6.02
C ALA A 23 2.76 -0.48 -7.43
N ILE A 24 1.95 0.55 -7.59
CA ILE A 24 1.34 0.85 -8.88
C ILE A 24 2.42 1.09 -9.93
N GLY A 25 3.46 1.82 -9.56
CA GLY A 25 4.55 2.09 -10.48
C GLY A 25 5.12 0.82 -11.09
N LEU A 26 5.34 -0.19 -10.25
CA LEU A 26 5.88 -1.45 -10.71
C LEU A 26 4.94 -2.11 -11.71
N GLY A 27 3.67 -2.19 -11.34
CA GLY A 27 2.67 -2.80 -12.20
C GLY A 27 2.62 -2.14 -13.57
N ILE A 28 2.49 -0.82 -13.58
CA ILE A 28 2.42 -0.07 -14.84
C ILE A 28 3.68 -0.28 -15.67
N TYR A 29 4.84 -0.25 -15.02
CA TYR A 29 6.11 -0.44 -15.71
C TYR A 29 6.09 -1.74 -16.50
N ILE A 30 5.66 -2.82 -15.85
CA ILE A 30 5.58 -4.12 -16.49
C ILE A 30 4.61 -4.11 -17.67
N GLY A 31 3.42 -3.56 -17.43
CA GLY A 31 2.40 -3.50 -18.47
C GLY A 31 2.84 -2.70 -19.68
N ARG A 32 3.41 -1.52 -19.42
CA ARG A 32 3.88 -0.65 -20.51
C ARG A 32 4.96 -1.34 -21.32
N ARG A 33 5.70 -2.22 -20.67
CA ARG A 33 6.79 -2.95 -21.31
C ARG A 33 6.27 -4.19 -22.04
N LEU A 34 4.95 -4.30 -22.19
CA LEU A 34 4.34 -5.43 -22.87
C LEU A 34 4.44 -5.27 -24.38
N THR A 35 3.57 -4.42 -24.92
CA THR A 35 3.55 -4.17 -26.35
C THR A 35 4.69 -3.24 -26.76
N GLY B 1 -0.83 -9.67 23.37
CA GLY B 1 -2.11 -10.43 23.36
C GLY B 1 -3.22 -9.70 24.09
N GLY B 2 -4.42 -10.28 24.08
CA GLY B 2 -5.55 -9.67 24.75
C GLY B 2 -6.87 -10.18 24.23
N ILE B 3 -7.92 -9.36 24.36
CA ILE B 3 -9.24 -9.73 23.88
C ILE B 3 -9.29 -9.76 22.37
N PHE B 4 -8.98 -8.63 21.75
CA PHE B 4 -8.98 -8.52 20.30
C PHE B 4 -7.72 -9.15 19.70
N SER B 5 -6.59 -8.45 19.83
CA SER B 5 -5.32 -8.93 19.30
C SER B 5 -5.49 -9.60 17.94
N ALA B 6 -5.69 -10.92 17.92
CA ALA B 6 -5.87 -11.65 16.68
C ALA B 6 -7.08 -11.14 15.92
N GLU B 7 -8.19 -10.97 16.64
CA GLU B 7 -9.44 -10.49 16.05
C GLU B 7 -9.26 -9.13 15.38
N PHE B 8 -8.40 -8.30 15.97
CA PHE B 8 -8.15 -6.96 15.43
C PHE B 8 -7.04 -6.98 14.38
N LEU B 9 -5.96 -7.68 14.68
CA LEU B 9 -4.82 -7.77 13.77
C LEU B 9 -5.22 -8.43 12.45
N LYS B 10 -6.11 -9.42 12.52
CA LYS B 10 -6.55 -10.12 11.33
C LYS B 10 -7.16 -9.16 10.32
N VAL B 11 -7.62 -8.00 10.79
CA VAL B 11 -8.22 -7.01 9.91
C VAL B 11 -7.26 -5.83 9.70
N PHE B 12 -5.97 -6.09 9.82
CA PHE B 12 -4.97 -5.04 9.64
C PHE B 12 -3.73 -5.59 8.93
N LEU B 13 -3.27 -6.76 9.38
CA LEU B 13 -2.09 -7.39 8.80
C LEU B 13 -2.28 -7.68 7.31
N PRO B 14 -3.43 -8.27 6.91
CA PRO B 14 -3.69 -8.60 5.51
C PRO B 14 -4.05 -7.38 4.68
N SER B 15 -4.72 -6.42 5.30
CA SER B 15 -5.12 -5.20 4.61
C SER B 15 -3.93 -4.56 3.88
N LEU B 16 -2.78 -4.55 4.55
CA LEU B 16 -1.57 -3.97 3.97
C LEU B 16 -1.15 -4.74 2.72
N LEU B 17 -1.14 -6.07 2.82
CA LEU B 17 -0.75 -6.91 1.69
C LEU B 17 -1.67 -6.66 0.50
N LEU B 18 -2.98 -6.69 0.75
CA LEU B 18 -3.95 -6.45 -0.30
C LEU B 18 -3.64 -5.15 -1.04
N SER B 19 -3.28 -4.12 -0.27
CA SER B 19 -2.96 -2.83 -0.84
C SER B 19 -1.77 -2.95 -1.80
N HIS B 20 -0.69 -3.56 -1.31
CA HIS B 20 0.51 -3.74 -2.12
C HIS B 20 0.21 -4.60 -3.36
N LEU B 21 -0.40 -5.76 -3.12
CA LEU B 21 -0.74 -6.67 -4.21
C LEU B 21 -1.69 -6.00 -5.20
N LEU B 22 -2.78 -5.45 -4.67
CA LEU B 22 -3.77 -4.77 -5.52
C LEU B 22 -3.14 -3.56 -6.21
N ALA B 23 -2.37 -2.78 -5.48
CA ALA B 23 -1.73 -1.60 -6.03
C ALA B 23 -0.96 -1.93 -7.31
N ILE B 24 -0.09 -2.94 -7.23
CA ILE B 24 0.69 -3.35 -8.39
C ILE B 24 -0.22 -3.83 -9.51
N GLY B 25 -1.19 -4.68 -9.15
CA GLY B 25 -2.11 -5.20 -10.14
C GLY B 25 -2.82 -4.08 -10.89
N LEU B 26 -3.31 -3.09 -10.15
CA LEU B 26 -4.00 -1.96 -10.75
C LEU B 26 -3.12 -1.31 -11.81
N GLY B 27 -1.87 -1.03 -11.44
CA GLY B 27 -0.94 -0.41 -12.37
C GLY B 27 -0.78 -1.22 -13.64
N ILE B 28 -0.65 -2.54 -13.49
CA ILE B 28 -0.49 -3.43 -14.64
C ILE B 28 -1.71 -3.35 -15.54
N TYR B 29 -2.88 -3.55 -14.95
CA TYR B 29 -4.14 -3.52 -15.70
C TYR B 29 -4.30 -2.19 -16.44
N ILE B 30 -4.16 -1.08 -15.71
CA ILE B 30 -4.28 0.23 -16.30
C ILE B 30 -3.21 0.46 -17.36
N GLY B 31 -1.96 0.15 -17.01
CA GLY B 31 -0.86 0.32 -17.93
C GLY B 31 -1.07 -0.41 -19.25
N ARG B 32 -1.37 -1.70 -19.16
CA ARG B 32 -1.58 -2.52 -20.35
C ARG B 32 -2.63 -1.91 -21.27
N ARG B 33 -3.54 -1.13 -20.70
CA ARG B 33 -4.60 -0.49 -21.47
C ARG B 33 -4.32 0.99 -21.67
N LEU B 34 -3.16 1.29 -22.26
CA LEU B 34 -2.76 2.67 -22.50
C LEU B 34 -1.87 2.78 -23.74
N THR B 35 -0.57 2.58 -23.53
CA THR B 35 0.40 2.65 -24.61
C THR B 35 0.43 1.35 -25.41
N GLY A 1 -7.67 17.34 17.36
CA GLY A 1 -6.35 16.66 17.41
C GLY A 1 -6.43 15.26 18.02
N GLY A 2 -5.31 14.56 18.03
CA GLY A 2 -5.27 13.23 18.59
C GLY A 2 -4.20 13.08 19.65
N ILE A 3 -4.06 11.86 20.16
CA ILE A 3 -3.06 11.58 21.18
C ILE A 3 -1.65 11.70 20.59
N PHE A 4 -1.38 10.88 19.57
CA PHE A 4 -0.09 10.91 18.91
C PHE A 4 -0.01 12.10 17.95
N SER A 5 -1.05 12.25 17.12
CA SER A 5 -1.13 13.34 16.16
C SER A 5 -0.23 13.08 14.95
N ALA A 6 0.15 14.15 14.25
CA ALA A 6 1.01 14.01 13.08
C ALA A 6 2.28 13.24 13.39
N GLU A 7 2.65 13.20 14.67
CA GLU A 7 3.84 12.49 15.09
C GLU A 7 3.78 11.03 14.66
N PHE A 8 2.65 10.38 14.92
CA PHE A 8 2.47 8.99 14.55
C PHE A 8 2.28 8.84 13.05
N LEU A 9 1.43 9.70 12.48
CA LEU A 9 1.17 9.67 11.05
C LEU A 9 2.43 9.95 10.25
N LYS A 10 3.32 10.77 10.82
CA LYS A 10 4.58 11.12 10.17
C LYS A 10 5.38 9.87 9.84
N VAL A 11 5.12 8.79 10.58
CA VAL A 11 5.82 7.53 10.36
C VAL A 11 4.84 6.42 10.03
N PHE A 12 3.70 6.79 9.46
CA PHE A 12 2.68 5.82 9.09
C PHE A 12 2.13 6.09 7.69
N LEU A 13 1.73 7.34 7.45
CA LEU A 13 1.20 7.72 6.15
C LEU A 13 2.23 7.54 5.03
N PRO A 14 3.49 7.95 5.25
CA PRO A 14 4.55 7.82 4.25
C PRO A 14 4.66 6.41 3.70
N SER A 15 4.89 5.45 4.59
CA SER A 15 5.03 4.05 4.20
C SER A 15 3.85 3.61 3.33
N LEU A 16 2.64 3.86 3.81
CA LEU A 16 1.44 3.48 3.08
C LEU A 16 1.40 4.17 1.71
N LEU A 17 1.56 5.49 1.72
CA LEU A 17 1.55 6.26 0.48
C LEU A 17 2.54 5.69 -0.52
N LEU A 18 3.77 5.47 -0.08
CA LEU A 18 4.82 4.92 -0.94
C LEU A 18 4.43 3.53 -1.44
N SER A 19 3.90 2.70 -0.54
CA SER A 19 3.50 1.35 -0.90
C SER A 19 2.48 1.35 -2.03
N HIS A 20 1.41 2.14 -1.86
CA HIS A 20 0.37 2.23 -2.87
C HIS A 20 0.92 2.81 -4.18
N LEU A 21 1.57 3.96 -4.07
CA LEU A 21 2.12 4.63 -5.26
C LEU A 21 3.17 3.76 -5.94
N LEU A 22 4.15 3.29 -5.17
CA LEU A 22 5.21 2.45 -5.70
C LEU A 22 4.64 1.20 -6.38
N ALA A 23 3.70 0.55 -5.71
CA ALA A 23 3.09 -0.66 -6.26
C ALA A 23 2.50 -0.39 -7.65
N ILE A 24 1.68 0.63 -7.75
CA ILE A 24 1.07 1.00 -9.02
C ILE A 24 2.14 1.28 -10.07
N GLY A 25 3.18 2.02 -9.66
CA GLY A 25 4.25 2.34 -10.56
C GLY A 25 4.85 1.10 -11.20
N LEU A 26 5.11 0.08 -10.37
CA LEU A 26 5.66 -1.17 -10.87
C LEU A 26 4.78 -1.76 -11.95
N GLY A 27 3.48 -1.84 -11.66
CA GLY A 27 2.55 -2.38 -12.63
C GLY A 27 2.61 -1.67 -13.96
N ILE A 28 2.68 -0.33 -13.91
CA ILE A 28 2.75 0.47 -15.12
C ILE A 28 4.01 0.16 -15.92
N TYR A 29 5.15 0.16 -15.23
CA TYR A 29 6.43 -0.12 -15.87
C TYR A 29 6.42 -1.48 -16.58
N ILE A 30 5.99 -2.51 -15.86
CA ILE A 30 5.93 -3.85 -16.43
C ILE A 30 5.02 -3.91 -17.64
N GLY A 31 3.83 -3.32 -17.52
CA GLY A 31 2.88 -3.31 -18.61
C GLY A 31 3.40 -2.60 -19.84
N ARG A 32 3.95 -1.41 -19.65
CA ARG A 32 4.48 -0.61 -20.76
C ARG A 32 5.57 -1.39 -21.50
N ARG A 33 6.28 -2.25 -20.78
CA ARG A 33 7.35 -3.04 -21.38
C ARG A 33 6.83 -4.40 -21.83
N LEU A 34 5.61 -4.41 -22.35
CA LEU A 34 4.99 -5.64 -22.83
C LEU A 34 4.82 -5.61 -24.35
N THR A 35 3.85 -4.82 -24.79
CA THR A 35 3.56 -4.67 -26.21
C THR A 35 3.60 -6.00 -26.94
N GLY B 1 4.35 -12.27 23.54
CA GLY B 1 3.09 -11.51 23.75
C GLY B 1 3.33 -10.13 24.36
N GLY B 2 2.35 -9.24 24.22
CA GLY B 2 2.48 -7.90 24.76
C GLY B 2 1.15 -7.22 24.91
N ILE B 3 1.16 -5.89 24.82
CA ILE B 3 -0.06 -5.10 24.94
C ILE B 3 -0.96 -5.31 23.73
N PHE B 4 -0.43 -5.02 22.55
CA PHE B 4 -1.20 -5.18 21.32
C PHE B 4 -1.27 -6.65 20.91
N SER B 5 -0.14 -7.18 20.45
CA SER B 5 -0.06 -8.58 20.03
C SER B 5 -0.80 -8.80 18.71
N ALA B 6 -1.15 -10.04 18.43
CA ALA B 6 -1.87 -10.38 17.20
C ALA B 6 -3.13 -9.54 17.05
N GLU B 7 -3.64 -9.04 18.18
CA GLU B 7 -4.85 -8.22 18.16
C GLU B 7 -4.70 -7.06 17.19
N PHE B 8 -3.71 -6.20 17.44
CA PHE B 8 -3.46 -5.06 16.58
C PHE B 8 -3.22 -5.52 15.15
N LEU B 9 -2.56 -6.67 15.00
CA LEU B 9 -2.27 -7.22 13.68
C LEU B 9 -3.55 -7.58 12.93
N LYS B 10 -4.59 -7.97 13.67
CA LYS B 10 -5.87 -8.34 13.06
C LYS B 10 -6.40 -7.21 12.18
N VAL B 11 -6.05 -5.98 12.53
CA VAL B 11 -6.50 -4.82 11.76
C VAL B 11 -5.32 -3.94 11.35
N PHE B 12 -4.24 -4.57 10.89
CA PHE B 12 -3.05 -3.84 10.47
C PHE B 12 -2.44 -4.46 9.22
N LEU B 13 -1.91 -5.67 9.37
CA LEU B 13 -1.28 -6.37 8.26
C LEU B 13 -2.26 -6.63 7.12
N PRO B 14 -3.37 -7.35 7.38
CA PRO B 14 -4.37 -7.66 6.35
C PRO B 14 -4.63 -6.49 5.40
N SER B 15 -4.50 -5.27 5.91
CA SER B 15 -4.73 -4.08 5.10
C SER B 15 -3.51 -3.76 4.23
N LEU B 16 -2.33 -3.84 4.84
CA LEU B 16 -1.08 -3.55 4.12
C LEU B 16 -0.86 -4.53 2.98
N LEU B 17 -1.07 -5.81 3.25
CA LEU B 17 -0.87 -6.85 2.24
C LEU B 17 -1.76 -6.61 1.03
N LEU B 18 -3.06 -6.42 1.28
CA LEU B 18 -4.02 -6.19 0.20
C LEU B 18 -3.63 -4.94 -0.61
N SER B 19 -3.21 -3.90 0.08
CA SER B 19 -2.82 -2.66 -0.58
C SER B 19 -1.76 -2.89 -1.65
N HIS B 20 -0.68 -3.57 -1.27
CA HIS B 20 0.40 -3.87 -2.21
C HIS B 20 -0.09 -4.72 -3.38
N LEU B 21 -0.74 -5.84 -3.06
CA LEU B 21 -1.25 -6.73 -4.09
C LEU B 21 -2.17 -5.99 -5.05
N LEU B 22 -3.17 -5.31 -4.49
CA LEU B 22 -4.12 -4.56 -5.30
C LEU B 22 -3.44 -3.44 -6.07
N ALA B 23 -2.60 -2.67 -5.39
CA ALA B 23 -1.90 -1.56 -6.01
C ALA B 23 -1.11 -2.00 -7.23
N ILE B 24 -0.26 -3.01 -7.06
CA ILE B 24 0.55 -3.52 -8.17
C ILE B 24 -0.34 -4.08 -9.27
N GLY B 25 -1.36 -4.83 -8.88
CA GLY B 25 -2.27 -5.41 -9.85
C GLY B 25 -2.92 -4.36 -10.73
N LEU B 26 -3.43 -3.30 -10.11
CA LEU B 26 -4.06 -2.21 -10.84
C LEU B 26 -3.11 -1.65 -11.90
N GLY B 27 -1.90 -1.30 -11.46
CA GLY B 27 -0.92 -0.76 -12.39
C GLY B 27 -0.74 -1.63 -13.62
N ILE B 28 -0.70 -2.94 -13.40
CA ILE B 28 -0.56 -3.89 -14.50
C ILE B 28 -1.70 -3.74 -15.49
N TYR B 29 -2.92 -3.72 -14.99
CA TYR B 29 -4.11 -3.60 -15.84
C TYR B 29 -3.98 -2.41 -16.79
N ILE B 30 -3.68 -1.23 -16.24
CA ILE B 30 -3.54 -0.03 -17.06
C ILE B 30 -2.36 -0.16 -18.03
N GLY B 31 -1.20 -0.50 -17.50
CA GLY B 31 -0.01 -0.64 -18.33
C GLY B 31 -0.14 -1.73 -19.39
N ARG B 32 -0.49 -2.93 -18.96
CA ARG B 32 -0.63 -4.06 -19.86
C ARG B 32 -1.59 -3.75 -21.01
N ARG B 33 -2.45 -2.75 -20.81
CA ARG B 33 -3.41 -2.35 -21.84
C ARG B 33 -3.02 -1.02 -22.46
N LEU B 34 -1.72 -0.81 -22.63
CA LEU B 34 -1.21 0.42 -23.21
C LEU B 34 -1.09 0.31 -24.74
N THR B 35 0.01 -0.26 -25.19
CA THR B 35 0.25 -0.42 -26.62
C THR B 35 0.99 -1.72 -26.90
N GLY A 1 -3.28 8.75 22.62
CA GLY A 1 -2.27 8.84 23.72
C GLY A 1 -1.05 7.99 23.44
N GLY A 2 -0.36 8.27 22.35
CA GLY A 2 0.82 7.51 22.00
C GLY A 2 2.11 8.21 22.40
N ILE A 3 3.19 7.46 22.46
CA ILE A 3 4.49 8.01 22.84
C ILE A 3 5.05 8.90 21.74
N PHE A 4 5.32 8.32 20.58
CA PHE A 4 5.85 9.07 19.45
C PHE A 4 4.75 9.90 18.78
N SER A 5 3.59 9.27 18.59
CA SER A 5 2.44 9.93 17.96
C SER A 5 2.84 10.75 16.73
N ALA A 6 3.19 12.01 16.96
CA ALA A 6 3.57 12.90 15.86
C ALA A 6 4.74 12.33 15.08
N GLU A 7 5.84 12.04 15.77
CA GLU A 7 7.02 11.49 15.11
C GLU A 7 6.69 10.22 14.35
N PHE A 8 6.05 9.27 15.03
CA PHE A 8 5.67 8.01 14.40
C PHE A 8 4.70 8.24 13.26
N LEU A 9 3.64 9.00 13.54
CA LEU A 9 2.62 9.30 12.54
C LEU A 9 3.22 10.10 11.39
N LYS A 10 4.28 10.85 11.68
CA LYS A 10 4.94 11.67 10.67
C LYS A 10 5.43 10.80 9.51
N VAL A 11 5.92 9.61 9.84
CA VAL A 11 6.42 8.69 8.83
C VAL A 11 5.54 7.45 8.71
N PHE A 12 4.30 7.55 9.18
CA PHE A 12 3.36 6.44 9.12
C PHE A 12 2.44 6.59 7.91
N LEU A 13 1.85 7.77 7.76
CA LEU A 13 0.96 8.03 6.63
C LEU A 13 1.69 7.91 5.30
N PRO A 14 2.91 8.49 5.20
CA PRO A 14 3.69 8.42 3.96
C PRO A 14 3.98 6.98 3.54
N SER A 15 4.44 6.17 4.49
CA SER A 15 4.75 4.77 4.22
C SER A 15 3.62 4.10 3.44
N LEU A 16 2.40 4.30 3.90
CA LEU A 16 1.24 3.72 3.24
C LEU A 16 1.10 4.24 1.82
N LEU A 17 1.13 5.56 1.68
CA LEU A 17 1.02 6.19 0.36
C LEU A 17 2.12 5.70 -0.56
N LEU A 18 3.36 5.78 -0.10
CA LEU A 18 4.50 5.33 -0.89
C LEU A 18 4.29 3.90 -1.36
N SER A 19 3.87 3.03 -0.44
CA SER A 19 3.63 1.63 -0.78
C SER A 19 2.71 1.50 -1.99
N HIS A 20 1.57 2.20 -1.93
CA HIS A 20 0.60 2.15 -3.02
C HIS A 20 1.21 2.71 -4.30
N LEU A 21 1.79 3.90 -4.21
CA LEU A 21 2.40 4.55 -5.36
C LEU A 21 3.49 3.66 -5.96
N LEU A 22 4.40 3.18 -5.11
CA LEU A 22 5.49 2.33 -5.56
C LEU A 22 4.95 1.05 -6.19
N ALA A 23 3.95 0.45 -5.55
CA ALA A 23 3.35 -0.77 -6.06
C ALA A 23 2.80 -0.55 -7.47
N ILE A 24 1.98 0.47 -7.62
CA ILE A 24 1.41 0.79 -8.92
C ILE A 24 2.51 1.06 -9.94
N GLY A 25 3.53 1.80 -9.52
CA GLY A 25 4.63 2.11 -10.41
C GLY A 25 5.20 0.86 -11.05
N LEU A 26 5.36 -0.20 -10.25
CA LEU A 26 5.87 -1.47 -10.75
C LEU A 26 4.93 -2.02 -11.81
N GLY A 27 3.63 -2.03 -11.49
CA GLY A 27 2.64 -2.52 -12.43
C GLY A 27 2.65 -1.76 -13.73
N ILE A 28 2.64 -0.43 -13.65
CA ILE A 28 2.66 0.40 -14.84
C ILE A 28 3.82 0.04 -15.75
N TYR A 29 5.00 -0.13 -15.16
CA TYR A 29 6.20 -0.48 -15.91
C TYR A 29 6.00 -1.79 -16.67
N ILE A 30 5.42 -2.78 -16.00
CA ILE A 30 5.18 -4.09 -16.61
C ILE A 30 4.22 -3.96 -17.79
N GLY A 31 3.10 -3.28 -17.56
CA GLY A 31 2.11 -3.10 -18.62
C GLY A 31 2.65 -2.34 -19.81
N ARG A 32 3.23 -1.18 -19.56
CA ARG A 32 3.78 -0.34 -20.62
C ARG A 32 4.89 -1.09 -21.38
N ARG A 33 5.56 -2.01 -20.69
CA ARG A 33 6.63 -2.78 -21.30
C ARG A 33 6.10 -3.62 -22.46
N LEU A 34 4.84 -4.05 -22.35
CA LEU A 34 4.21 -4.85 -23.38
C LEU A 34 3.91 -4.01 -24.61
N THR A 35 3.11 -2.97 -24.41
CA THR A 35 2.72 -2.06 -25.50
C THR A 35 2.37 -2.82 -26.77
N GLY B 1 -4.70 -4.13 26.79
CA GLY B 1 -5.34 -4.39 25.48
C GLY B 1 -6.00 -3.16 24.90
N GLY B 2 -7.32 -3.10 24.99
CA GLY B 2 -8.04 -1.95 24.46
C GLY B 2 -9.44 -2.31 23.98
N ILE B 3 -10.20 -1.31 23.58
CA ILE B 3 -11.56 -1.51 23.09
C ILE B 3 -11.56 -2.23 21.75
N PHE B 4 -10.99 -1.57 20.75
CA PHE B 4 -10.91 -2.13 19.41
C PHE B 4 -9.82 -3.19 19.32
N SER B 5 -8.57 -2.75 19.40
CA SER B 5 -7.43 -3.66 19.33
C SER B 5 -7.62 -4.69 18.21
N ALA B 6 -8.09 -5.89 18.56
CA ALA B 6 -8.30 -6.92 17.55
C ALA B 6 -9.24 -6.43 16.46
N GLU B 7 -10.24 -5.64 16.86
CA GLU B 7 -11.20 -5.08 15.92
C GLU B 7 -10.50 -4.23 14.88
N PHE B 8 -9.45 -3.53 15.31
CA PHE B 8 -8.68 -2.67 14.43
C PHE B 8 -7.75 -3.49 13.54
N LEU B 9 -7.16 -4.53 14.13
CA LEU B 9 -6.24 -5.38 13.39
C LEU B 9 -6.96 -6.09 12.24
N LYS B 10 -8.23 -6.41 12.45
CA LYS B 10 -9.03 -7.09 11.43
C LYS B 10 -9.03 -6.30 10.13
N VAL B 11 -8.85 -4.98 10.24
CA VAL B 11 -8.83 -4.11 9.07
C VAL B 11 -7.65 -3.14 9.14
N PHE B 12 -6.47 -3.67 9.44
CA PHE B 12 -5.27 -2.84 9.53
C PHE B 12 -4.05 -3.59 8.98
N LEU B 13 -3.81 -4.79 9.51
CA LEU B 13 -2.68 -5.60 9.06
C LEU B 13 -2.92 -6.16 7.66
N PRO B 14 -4.00 -6.95 7.45
CA PRO B 14 -4.31 -7.54 6.15
C PRO B 14 -4.51 -6.48 5.07
N SER B 15 -4.92 -5.28 5.47
CA SER B 15 -5.15 -4.20 4.53
C SER B 15 -3.85 -3.81 3.83
N LEU B 16 -2.76 -3.78 4.58
CA LEU B 16 -1.46 -3.43 4.03
C LEU B 16 -1.04 -4.41 2.94
N LEU B 17 -1.23 -5.70 3.21
CA LEU B 17 -0.87 -6.74 2.26
C LEU B 17 -1.70 -6.61 0.98
N LEU B 18 -3.01 -6.51 1.14
CA LEU B 18 -3.91 -6.37 -0.01
C LEU B 18 -3.54 -5.13 -0.82
N SER B 19 -3.24 -4.04 -0.13
CA SER B 19 -2.87 -2.79 -0.78
C SER B 19 -1.72 -2.99 -1.75
N HIS B 20 -0.63 -3.59 -1.26
CA HIS B 20 0.54 -3.84 -2.09
C HIS B 20 0.20 -4.73 -3.28
N LEU B 21 -0.42 -5.88 -3.00
CA LEU B 21 -0.81 -6.82 -4.05
C LEU B 21 -1.75 -6.16 -5.04
N LEU B 22 -2.83 -5.58 -4.53
CA LEU B 22 -3.82 -4.92 -5.38
C LEU B 22 -3.21 -3.74 -6.12
N ALA B 23 -2.41 -2.96 -5.41
CA ALA B 23 -1.75 -1.79 -6.00
C ALA B 23 -1.01 -2.15 -7.28
N ILE B 24 -0.14 -3.15 -7.19
CA ILE B 24 0.64 -3.59 -8.35
C ILE B 24 -0.28 -4.09 -9.46
N GLY B 25 -1.29 -4.86 -9.07
CA GLY B 25 -2.23 -5.40 -10.05
C GLY B 25 -2.88 -4.31 -10.88
N LEU B 26 -3.41 -3.29 -10.20
CA LEU B 26 -4.07 -2.18 -10.89
C LEU B 26 -3.11 -1.50 -11.85
N GLY B 27 -1.87 -1.31 -11.41
CA GLY B 27 -0.87 -0.68 -12.24
C GLY B 27 -0.69 -1.39 -13.57
N ILE B 28 -0.52 -2.70 -13.52
CA ILE B 28 -0.34 -3.50 -14.72
C ILE B 28 -1.52 -3.33 -15.66
N TYR B 29 -2.72 -3.40 -15.10
CA TYR B 29 -3.94 -3.26 -15.89
C TYR B 29 -3.91 -1.98 -16.72
N ILE B 30 -3.62 -0.87 -16.05
CA ILE B 30 -3.55 0.43 -16.72
C ILE B 30 -2.46 0.45 -17.78
N GLY B 31 -1.31 -0.14 -17.44
CA GLY B 31 -0.19 -0.17 -18.37
C GLY B 31 -0.50 -0.94 -19.64
N ARG B 32 -1.05 -2.14 -19.50
CA ARG B 32 -1.39 -2.97 -20.64
C ARG B 32 -2.43 -2.28 -21.54
N ARG B 33 -3.26 -1.44 -20.94
CA ARG B 33 -4.29 -0.72 -21.70
C ARG B 33 -3.80 0.67 -22.10
N LEU B 34 -2.48 0.79 -22.28
CA LEU B 34 -1.89 2.07 -22.66
C LEU B 34 -1.93 2.26 -24.16
N THR B 35 -0.93 1.71 -24.85
CA THR B 35 -0.84 1.82 -26.30
C THR B 35 -1.67 0.75 -26.99
N GLY A 1 -4.28 10.37 21.28
CA GLY A 1 -3.19 10.09 22.26
C GLY A 1 -2.46 8.80 21.96
N GLY A 2 -1.14 8.90 21.75
CA GLY A 2 -0.35 7.72 21.46
C GLY A 2 1.03 7.78 22.09
N ILE A 3 1.70 6.65 22.14
CA ILE A 3 3.04 6.58 22.72
C ILE A 3 4.06 7.23 21.81
N PHE A 4 4.27 6.63 20.65
CA PHE A 4 5.22 7.15 19.67
C PHE A 4 4.62 8.33 18.91
N SER A 5 3.37 8.18 18.50
CA SER A 5 2.66 9.22 17.76
C SER A 5 3.54 9.86 16.69
N ALA A 6 4.24 10.93 17.03
CA ALA A 6 5.10 11.62 16.08
C ALA A 6 6.15 10.67 15.49
N GLU A 7 6.87 9.96 16.36
CA GLU A 7 7.89 9.03 15.91
C GLU A 7 7.31 7.99 14.95
N PHE A 8 6.28 7.30 15.42
CA PHE A 8 5.63 6.27 14.61
C PHE A 8 5.03 6.88 13.34
N LEU A 9 4.26 7.94 13.51
CA LEU A 9 3.62 8.61 12.38
C LEU A 9 4.67 9.18 11.42
N LYS A 10 5.80 9.59 11.96
CA LYS A 10 6.88 10.15 11.15
C LYS A 10 7.31 9.18 10.06
N VAL A 11 7.03 7.90 10.26
CA VAL A 11 7.40 6.87 9.28
C VAL A 11 6.29 5.84 9.12
N PHE A 12 5.04 6.31 9.11
CA PHE A 12 3.89 5.42 8.95
C PHE A 12 2.91 5.96 7.92
N LEU A 13 2.36 7.14 8.19
CA LEU A 13 1.41 7.77 7.29
C LEU A 13 1.96 7.85 5.86
N PRO A 14 3.23 8.29 5.69
CA PRO A 14 3.83 8.41 4.37
C PRO A 14 4.27 7.06 3.81
N SER A 15 4.68 6.16 4.71
CA SER A 15 5.11 4.83 4.30
C SER A 15 4.01 4.12 3.51
N LEU A 16 2.78 4.25 3.99
CA LEU A 16 1.64 3.63 3.33
C LEU A 16 1.47 4.18 1.92
N LEU A 17 1.43 5.50 1.81
CA LEU A 17 1.28 6.16 0.52
C LEU A 17 2.31 5.64 -0.49
N LEU A 18 3.57 5.61 -0.07
CA LEU A 18 4.65 5.14 -0.93
C LEU A 18 4.36 3.73 -1.43
N SER A 19 3.87 2.87 -0.54
CA SER A 19 3.56 1.49 -0.90
C SER A 19 2.55 1.45 -2.04
N HIS A 20 1.44 2.17 -1.87
CA HIS A 20 0.40 2.21 -2.90
C HIS A 20 0.93 2.82 -4.19
N LEU A 21 1.53 3.99 -4.07
CA LEU A 21 2.09 4.69 -5.22
C LEU A 21 3.14 3.84 -5.93
N LEU A 22 4.11 3.35 -5.16
CA LEU A 22 5.17 2.52 -5.70
C LEU A 22 4.61 1.26 -6.33
N ALA A 23 3.64 0.64 -5.67
CA ALA A 23 3.02 -0.58 -6.17
C ALA A 23 2.46 -0.36 -7.57
N ILE A 24 1.64 0.68 -7.71
CA ILE A 24 1.04 1.00 -9.00
C ILE A 24 2.12 1.25 -10.04
N GLY A 25 3.17 1.95 -9.64
CA GLY A 25 4.26 2.24 -10.54
C GLY A 25 4.84 0.98 -11.17
N LEU A 26 5.04 -0.04 -10.34
CA LEU A 26 5.59 -1.31 -10.81
C LEU A 26 4.65 -1.93 -11.84
N GLY A 27 3.36 -1.96 -11.53
CA GLY A 27 2.39 -2.52 -12.44
C GLY A 27 2.47 -1.92 -13.83
N ILE A 28 2.44 -0.60 -13.91
CA ILE A 28 2.52 0.08 -15.20
C ILE A 28 3.83 -0.21 -15.90
N TYR A 29 4.93 -0.18 -15.14
CA TYR A 29 6.24 -0.45 -15.69
C TYR A 29 6.24 -1.76 -16.46
N ILE A 30 5.77 -2.83 -15.82
CA ILE A 30 5.71 -4.13 -16.46
C ILE A 30 4.76 -4.12 -17.66
N GLY A 31 3.57 -3.56 -17.45
CA GLY A 31 2.58 -3.50 -18.52
C GLY A 31 3.01 -2.67 -19.71
N ARG A 32 3.44 -1.43 -19.47
CA ARG A 32 3.87 -0.55 -20.55
C ARG A 32 4.97 -1.21 -21.39
N ARG A 33 5.69 -2.14 -20.77
CA ARG A 33 6.75 -2.85 -21.46
C ARG A 33 6.20 -3.99 -22.30
N LEU A 34 5.03 -4.49 -21.92
CA LEU A 34 4.38 -5.58 -22.64
C LEU A 34 3.98 -5.14 -24.05
N THR A 35 2.79 -4.55 -24.15
CA THR A 35 2.29 -4.09 -25.44
C THR A 35 1.02 -3.25 -25.26
N GLY B 1 -12.15 -3.36 23.43
CA GLY B 1 -12.19 -1.87 23.32
C GLY B 1 -10.96 -1.22 23.90
N GLY B 2 -9.80 -1.57 23.38
CA GLY B 2 -8.55 -1.01 23.85
C GLY B 2 -7.97 0.01 22.90
N ILE B 3 -6.65 0.04 22.82
CA ILE B 3 -5.96 0.98 21.93
C ILE B 3 -6.21 0.63 20.47
N PHE B 4 -6.21 -0.66 20.18
CA PHE B 4 -6.43 -1.15 18.82
C PHE B 4 -6.88 -2.61 18.83
N SER B 5 -6.17 -3.43 19.57
CA SER B 5 -6.47 -4.86 19.68
C SER B 5 -6.80 -5.49 18.33
N ALA B 6 -7.25 -6.74 18.35
CA ALA B 6 -7.59 -7.44 17.12
C ALA B 6 -8.54 -6.62 16.26
N GLU B 7 -9.27 -5.71 16.90
CA GLU B 7 -10.20 -4.84 16.19
C GLU B 7 -9.51 -4.11 15.06
N PHE B 8 -8.31 -3.62 15.33
CA PHE B 8 -7.52 -2.88 14.36
C PHE B 8 -6.70 -3.85 13.50
N LEU B 9 -6.26 -4.94 14.11
CA LEU B 9 -5.46 -5.95 13.41
C LEU B 9 -6.25 -6.57 12.26
N LYS B 10 -7.53 -6.88 12.52
CA LYS B 10 -8.39 -7.49 11.51
C LYS B 10 -8.46 -6.63 10.26
N VAL B 11 -8.23 -5.32 10.41
CA VAL B 11 -8.28 -4.41 9.29
C VAL B 11 -6.97 -3.64 9.14
N PHE B 12 -5.86 -4.30 9.49
CA PHE B 12 -4.55 -3.67 9.38
C PHE B 12 -3.52 -4.65 8.81
N LEU B 13 -3.29 -5.75 9.53
CA LEU B 13 -2.32 -6.75 9.10
C LEU B 13 -2.57 -7.21 7.66
N PRO B 14 -3.83 -7.50 7.29
CA PRO B 14 -4.18 -7.95 5.94
C PRO B 14 -4.27 -6.80 4.95
N SER B 15 -4.75 -5.65 5.41
CA SER B 15 -4.88 -4.48 4.57
C SER B 15 -3.57 -4.15 3.87
N LEU B 16 -2.47 -4.20 4.63
CA LEU B 16 -1.15 -3.91 4.08
C LEU B 16 -0.86 -4.76 2.86
N LEU B 17 -1.03 -6.08 3.00
CA LEU B 17 -0.78 -7.00 1.90
C LEU B 17 -1.70 -6.71 0.73
N LEU B 18 -2.99 -6.52 1.02
CA LEU B 18 -3.97 -6.24 -0.02
C LEU B 18 -3.61 -4.96 -0.77
N SER B 19 -3.18 -3.94 -0.03
CA SER B 19 -2.80 -2.67 -0.63
C SER B 19 -1.70 -2.86 -1.68
N HIS B 20 -0.63 -3.54 -1.27
CA HIS B 20 0.49 -3.78 -2.16
C HIS B 20 0.08 -4.63 -3.36
N LEU B 21 -0.55 -5.77 -3.09
CA LEU B 21 -1.00 -6.67 -4.16
C LEU B 21 -1.98 -5.98 -5.09
N LEU B 22 -3.03 -5.40 -4.52
CA LEU B 22 -4.04 -4.70 -5.31
C LEU B 22 -3.44 -3.52 -6.05
N ALA B 23 -2.59 -2.75 -5.37
CA ALA B 23 -1.95 -1.59 -5.98
C ALA B 23 -1.14 -1.99 -7.22
N ILE B 24 -0.26 -2.97 -7.05
CA ILE B 24 0.57 -3.43 -8.16
C ILE B 24 -0.32 -3.97 -9.29
N GLY B 25 -1.35 -4.71 -8.92
CA GLY B 25 -2.26 -5.26 -9.91
C GLY B 25 -2.82 -4.18 -10.81
N LEU B 26 -3.33 -3.12 -10.21
CA LEU B 26 -3.90 -2.01 -10.96
C LEU B 26 -2.87 -1.45 -11.94
N GLY B 27 -1.66 -1.24 -11.45
CA GLY B 27 -0.59 -0.72 -12.29
C GLY B 27 -0.43 -1.53 -13.56
N ILE B 28 -0.49 -2.85 -13.41
CA ILE B 28 -0.36 -3.75 -14.55
C ILE B 28 -1.48 -3.50 -15.57
N TYR B 29 -2.71 -3.49 -15.08
CA TYR B 29 -3.88 -3.27 -15.93
C TYR B 29 -3.71 -2.01 -16.78
N ILE B 30 -3.34 -0.91 -16.13
CA ILE B 30 -3.15 0.35 -16.83
C ILE B 30 -2.10 0.24 -17.93
N GLY B 31 -0.93 -0.28 -17.57
CA GLY B 31 0.15 -0.43 -18.52
C GLY B 31 -0.22 -1.32 -19.70
N ARG B 32 -0.72 -2.52 -19.41
CA ARG B 32 -1.11 -3.46 -20.44
C ARG B 32 -2.12 -2.84 -21.40
N ARG B 33 -2.94 -1.94 -20.88
CA ARG B 33 -3.95 -1.27 -21.68
C ARG B 33 -3.51 0.15 -22.05
N LEU B 34 -2.35 0.25 -22.68
CA LEU B 34 -1.81 1.54 -23.10
C LEU B 34 -1.78 1.67 -24.61
N THR B 35 -0.72 1.15 -25.22
CA THR B 35 -0.55 1.21 -26.67
C THR B 35 -1.42 0.18 -27.38
N GLY A 1 -0.08 6.88 21.49
CA GLY A 1 0.21 6.96 20.04
C GLY A 1 0.62 5.63 19.46
N GLY A 2 1.83 5.18 19.81
CA GLY A 2 2.33 3.92 19.31
C GLY A 2 3.48 3.38 20.13
N ILE A 3 3.94 2.18 19.79
CA ILE A 3 5.05 1.56 20.51
C ILE A 3 6.36 2.28 20.22
N PHE A 4 6.65 2.44 18.94
CA PHE A 4 7.88 3.12 18.52
C PHE A 4 7.75 4.63 18.69
N SER A 5 6.52 5.14 18.56
CA SER A 5 6.24 6.57 18.69
C SER A 5 6.56 7.31 17.40
N ALA A 6 6.76 8.64 17.51
CA ALA A 6 7.06 9.47 16.35
C ALA A 6 8.22 8.89 15.56
N GLU A 7 9.07 8.12 16.22
CA GLU A 7 10.22 7.51 15.55
C GLU A 7 9.77 6.66 14.38
N PHE A 8 8.72 5.87 14.60
CA PHE A 8 8.17 5.00 13.56
C PHE A 8 7.17 5.76 12.72
N LEU A 9 6.34 6.58 13.37
CA LEU A 9 5.33 7.36 12.66
C LEU A 9 5.99 8.31 11.67
N LYS A 10 7.18 8.80 12.03
CA LYS A 10 7.92 9.72 11.19
C LYS A 10 8.19 9.09 9.82
N VAL A 11 8.22 7.77 9.78
CA VAL A 11 8.47 7.05 8.53
C VAL A 11 7.45 5.94 8.32
N PHE A 12 6.18 6.26 8.58
CA PHE A 12 5.10 5.29 8.41
C PHE A 12 3.99 5.87 7.55
N LEU A 13 3.49 7.05 7.93
CA LEU A 13 2.43 7.70 7.17
C LEU A 13 2.75 7.75 5.68
N PRO A 14 3.92 8.30 5.28
CA PRO A 14 4.31 8.37 3.88
C PRO A 14 4.52 6.98 3.29
N SER A 15 5.07 6.08 4.09
CA SER A 15 5.32 4.71 3.66
C SER A 15 4.07 4.11 3.04
N LEU A 16 2.95 4.24 3.74
CA LEU A 16 1.67 3.72 3.25
C LEU A 16 1.38 4.27 1.86
N LEU A 17 1.48 5.58 1.71
CA LEU A 17 1.24 6.24 0.43
C LEU A 17 2.22 5.71 -0.60
N LEU A 18 3.48 5.59 -0.20
CA LEU A 18 4.53 5.11 -1.09
C LEU A 18 4.23 3.67 -1.54
N SER A 19 3.75 2.85 -0.61
CA SER A 19 3.42 1.47 -0.92
C SER A 19 2.43 1.39 -2.06
N HIS A 20 1.32 2.11 -1.92
CA HIS A 20 0.28 2.12 -2.95
C HIS A 20 0.83 2.69 -4.26
N LEU A 21 1.43 3.88 -4.18
CA LEU A 21 1.99 4.54 -5.36
C LEU A 21 3.06 3.67 -6.02
N LEU A 22 4.04 3.24 -5.22
CA LEU A 22 5.12 2.40 -5.73
C LEU A 22 4.55 1.15 -6.40
N ALA A 23 3.60 0.51 -5.72
CA ALA A 23 2.98 -0.69 -6.25
C ALA A 23 2.46 -0.44 -7.66
N ILE A 24 1.68 0.63 -7.82
CA ILE A 24 1.15 0.99 -9.12
C ILE A 24 2.29 1.23 -10.10
N GLY A 25 3.33 1.91 -9.62
CA GLY A 25 4.48 2.19 -10.46
C GLY A 25 5.04 0.92 -11.07
N LEU A 26 5.14 -0.13 -10.27
CA LEU A 26 5.65 -1.41 -10.74
C LEU A 26 4.77 -1.93 -11.86
N GLY A 27 3.46 -1.87 -11.65
CA GLY A 27 2.52 -2.34 -12.67
C GLY A 27 2.69 -1.60 -13.98
N ILE A 28 2.85 -0.28 -13.89
CA ILE A 28 3.02 0.55 -15.08
C ILE A 28 4.25 0.10 -15.87
N TYR A 29 5.34 -0.16 -15.16
CA TYR A 29 6.58 -0.60 -15.80
C TYR A 29 6.36 -1.91 -16.55
N ILE A 30 5.76 -2.88 -15.88
CA ILE A 30 5.49 -4.18 -16.48
C ILE A 30 4.56 -4.06 -17.69
N GLY A 31 3.46 -3.33 -17.50
CA GLY A 31 2.50 -3.16 -18.58
C GLY A 31 3.09 -2.48 -19.80
N ARG A 32 3.71 -1.32 -19.59
CA ARG A 32 4.32 -0.57 -20.68
C ARG A 32 5.43 -1.38 -21.36
N ARG A 33 5.93 -2.41 -20.66
CA ARG A 33 6.98 -3.25 -21.21
C ARG A 33 6.41 -4.32 -22.15
N LEU A 34 5.11 -4.26 -22.40
CA LEU A 34 4.45 -5.23 -23.28
C LEU A 34 4.77 -4.94 -24.74
N THR A 35 4.00 -4.04 -25.34
CA THR A 35 4.19 -3.67 -26.73
C THR A 35 3.25 -2.54 -27.14
N GLY B 1 -3.61 7.68 19.80
CA GLY B 1 -4.87 7.26 20.45
C GLY B 1 -6.07 7.38 19.53
N GLY B 2 -6.89 6.34 19.49
CA GLY B 2 -8.07 6.36 18.64
C GLY B 2 -9.26 5.66 19.28
N ILE B 3 -10.44 5.82 18.68
CA ILE B 3 -11.65 5.21 19.21
C ILE B 3 -11.61 3.69 19.01
N PHE B 4 -11.43 3.26 17.76
CA PHE B 4 -11.37 1.84 17.44
C PHE B 4 -10.04 1.25 17.86
N SER B 5 -8.96 2.00 17.60
CA SER B 5 -7.61 1.56 17.94
C SER B 5 -7.40 0.07 17.64
N ALA B 6 -7.60 -0.78 18.64
CA ALA B 6 -7.42 -2.21 18.46
C ALA B 6 -8.34 -2.75 17.36
N GLU B 7 -9.64 -2.49 17.52
CA GLU B 7 -10.63 -2.96 16.55
C GLU B 7 -10.28 -2.51 15.15
N PHE B 8 -9.55 -1.41 15.04
CA PHE B 8 -9.15 -0.88 13.73
C PHE B 8 -7.96 -1.65 13.18
N LEU B 9 -6.99 -1.93 14.05
CA LEU B 9 -5.79 -2.66 13.64
C LEU B 9 -6.13 -4.08 13.20
N LYS B 10 -7.24 -4.60 13.71
CA LYS B 10 -7.67 -5.96 13.35
C LYS B 10 -7.85 -6.09 11.85
N VAL B 11 -8.33 -5.02 11.23
CA VAL B 11 -8.56 -5.01 9.78
C VAL B 11 -7.64 -4.00 9.10
N PHE B 12 -6.46 -3.79 9.66
CA PHE B 12 -5.49 -2.85 9.10
C PHE B 12 -4.19 -3.57 8.75
N LEU B 13 -3.70 -4.38 9.69
CA LEU B 13 -2.46 -5.12 9.47
C LEU B 13 -2.49 -5.86 8.13
N PRO B 14 -3.51 -6.70 7.88
CA PRO B 14 -3.62 -7.46 6.63
C PRO B 14 -3.89 -6.55 5.43
N SER B 15 -4.69 -5.51 5.66
CA SER B 15 -5.04 -4.56 4.60
C SER B 15 -3.78 -4.07 3.89
N LEU B 16 -2.74 -3.78 4.65
CA LEU B 16 -1.48 -3.29 4.08
C LEU B 16 -0.98 -4.25 3.01
N LEU B 17 -0.91 -5.54 3.35
CA LEU B 17 -0.44 -6.55 2.42
C LEU B 17 -1.34 -6.60 1.19
N LEU B 18 -2.66 -6.57 1.44
CA LEU B 18 -3.64 -6.60 0.35
C LEU B 18 -3.46 -5.38 -0.54
N SER B 19 -3.23 -4.22 0.07
CA SER B 19 -3.04 -2.98 -0.67
C SER B 19 -1.93 -3.14 -1.69
N HIS B 20 -0.82 -3.75 -1.26
CA HIS B 20 0.32 -3.97 -2.14
C HIS B 20 -0.06 -4.85 -3.32
N LEU B 21 -0.65 -6.00 -3.04
CA LEU B 21 -1.06 -6.93 -4.09
C LEU B 21 -2.05 -6.26 -5.04
N LEU B 22 -3.11 -5.68 -4.48
CA LEU B 22 -4.12 -5.00 -5.27
C LEU B 22 -3.53 -3.81 -6.02
N ALA B 23 -2.68 -3.05 -5.33
CA ALA B 23 -2.06 -1.87 -5.92
C ALA B 23 -1.24 -2.22 -7.16
N ILE B 24 -0.35 -3.19 -7.02
CA ILE B 24 0.49 -3.62 -8.13
C ILE B 24 -0.37 -4.06 -9.32
N GLY B 25 -1.40 -4.86 -9.02
CA GLY B 25 -2.28 -5.33 -10.07
C GLY B 25 -2.86 -4.18 -10.87
N LEU B 26 -3.33 -3.15 -10.17
CA LEU B 26 -3.90 -1.98 -10.82
C LEU B 26 -2.90 -1.38 -11.80
N GLY B 27 -1.65 -1.25 -11.35
CA GLY B 27 -0.62 -0.69 -12.20
C GLY B 27 -0.49 -1.47 -13.50
N ILE B 28 -0.57 -2.78 -13.41
CA ILE B 28 -0.46 -3.64 -14.59
C ILE B 28 -1.58 -3.34 -15.58
N TYR B 29 -2.80 -3.25 -15.07
CA TYR B 29 -3.96 -2.97 -15.90
C TYR B 29 -3.81 -1.62 -16.61
N ILE B 30 -3.41 -0.60 -15.87
CA ILE B 30 -3.23 0.73 -16.43
C ILE B 30 -2.13 0.74 -17.49
N GLY B 31 -0.98 0.14 -17.16
CA GLY B 31 0.14 0.10 -18.09
C GLY B 31 -0.21 -0.48 -19.45
N ARG B 32 -0.80 -1.66 -19.45
CA ARG B 32 -1.18 -2.33 -20.70
C ARG B 32 -2.15 -1.48 -21.51
N ARG B 33 -2.85 -0.58 -20.82
CA ARG B 33 -3.83 0.28 -21.48
C ARG B 33 -3.22 1.64 -21.84
N LEU B 34 -1.96 1.64 -22.27
CA LEU B 34 -1.27 2.86 -22.65
C LEU B 34 -0.69 2.72 -24.04
N THR B 35 0.27 1.81 -24.15
CA THR B 35 0.95 1.55 -25.42
C THR B 35 0.04 0.80 -26.39
N GLY A 1 0.93 11.12 25.31
CA GLY A 1 2.18 10.81 26.05
C GLY A 1 2.79 9.49 25.63
N GLY A 2 3.33 9.45 24.42
CA GLY A 2 3.95 8.24 23.92
C GLY A 2 5.45 8.38 23.73
N ILE A 3 6.15 7.25 23.69
CA ILE A 3 7.59 7.26 23.50
C ILE A 3 7.97 7.67 22.09
N PHE A 4 7.59 6.83 21.12
CA PHE A 4 7.89 7.11 19.72
C PHE A 4 6.94 8.15 19.15
N SER A 5 5.65 7.82 19.10
CA SER A 5 4.62 8.71 18.58
C SER A 5 5.08 9.39 17.28
N ALA A 6 5.72 10.54 17.39
CA ALA A 6 6.18 11.26 16.20
C ALA A 6 7.11 10.39 15.36
N GLU A 7 8.13 9.83 16.01
CA GLU A 7 9.09 8.97 15.32
C GLU A 7 8.40 7.79 14.66
N PHE A 8 7.47 7.17 15.39
CA PHE A 8 6.74 6.01 14.86
C PHE A 8 5.80 6.43 13.74
N LEU A 9 4.98 7.46 14.00
CA LEU A 9 4.03 7.95 13.01
C LEU A 9 4.75 8.49 11.78
N LYS A 10 5.96 9.00 11.98
CA LYS A 10 6.74 9.57 10.89
C LYS A 10 6.97 8.52 9.80
N VAL A 11 7.27 7.30 10.23
CA VAL A 11 7.51 6.20 9.30
C VAL A 11 6.26 5.33 9.16
N PHE A 12 5.10 5.97 9.10
CA PHE A 12 3.84 5.26 8.97
C PHE A 12 2.98 5.86 7.85
N LEU A 13 2.52 7.09 8.07
CA LEU A 13 1.70 7.79 7.09
C LEU A 13 2.34 7.76 5.70
N PRO A 14 3.57 8.28 5.56
CA PRO A 14 4.26 8.31 4.26
C PRO A 14 4.51 6.90 3.72
N SER A 15 4.85 5.98 4.61
CA SER A 15 5.11 4.60 4.22
C SER A 15 3.95 4.03 3.43
N LEU A 16 2.74 4.32 3.87
CA LEU A 16 1.53 3.84 3.21
C LEU A 16 1.43 4.39 1.79
N LEU A 17 1.57 5.72 1.67
CA LEU A 17 1.50 6.37 0.36
C LEU A 17 2.51 5.77 -0.61
N LEU A 18 3.75 5.62 -0.15
CA LEU A 18 4.81 5.07 -0.97
C LEU A 18 4.47 3.66 -1.43
N SER A 19 3.93 2.85 -0.52
CA SER A 19 3.56 1.48 -0.84
C SER A 19 2.61 1.43 -2.02
N HIS A 20 1.51 2.19 -1.93
CA HIS A 20 0.52 2.22 -3.00
C HIS A 20 1.14 2.78 -4.28
N LEU A 21 1.76 3.95 -4.18
CA LEU A 21 2.39 4.59 -5.33
C LEU A 21 3.44 3.69 -5.97
N LEU A 22 4.35 3.18 -5.16
CA LEU A 22 5.42 2.30 -5.64
C LEU A 22 4.83 1.03 -6.27
N ALA A 23 3.87 0.42 -5.59
CA ALA A 23 3.23 -0.79 -6.08
C ALA A 23 2.66 -0.56 -7.48
N ILE A 24 1.84 0.48 -7.62
CA ILE A 24 1.24 0.80 -8.90
C ILE A 24 2.33 1.08 -9.93
N GLY A 25 3.36 1.81 -9.51
CA GLY A 25 4.47 2.11 -10.40
C GLY A 25 5.01 0.86 -11.04
N LEU A 26 5.15 -0.20 -10.25
CA LEU A 26 5.64 -1.47 -10.75
C LEU A 26 4.70 -1.99 -11.83
N GLY A 27 3.41 -1.94 -11.54
CA GLY A 27 2.42 -2.41 -12.50
C GLY A 27 2.45 -1.62 -13.80
N ILE A 28 2.55 -0.30 -13.67
CA ILE A 28 2.59 0.57 -14.85
C ILE A 28 3.81 0.25 -15.72
N TYR A 29 4.99 0.21 -15.10
CA TYR A 29 6.22 -0.08 -15.82
C TYR A 29 6.07 -1.37 -16.64
N ILE A 30 5.64 -2.44 -15.98
CA ILE A 30 5.45 -3.71 -16.64
C ILE A 30 4.39 -3.63 -17.75
N GLY A 31 3.30 -2.92 -17.44
CA GLY A 31 2.22 -2.78 -18.41
C GLY A 31 2.65 -2.10 -19.69
N ARG A 32 3.40 -1.01 -19.58
CA ARG A 32 3.87 -0.27 -20.75
C ARG A 32 4.73 -1.15 -21.66
N ARG A 33 5.48 -2.06 -21.05
CA ARG A 33 6.35 -2.95 -21.82
C ARG A 33 5.58 -4.17 -22.32
N LEU A 34 4.40 -4.42 -21.74
CA LEU A 34 3.58 -5.56 -22.14
C LEU A 34 3.11 -5.40 -23.58
N THR A 35 2.04 -4.62 -23.76
CA THR A 35 1.49 -4.39 -25.09
C THR A 35 1.35 -2.89 -25.38
N GLY B 1 0.59 -0.21 22.19
CA GLY B 1 1.19 0.76 21.24
C GLY B 1 0.16 1.75 20.71
N GLY B 2 -1.05 1.27 20.46
CA GLY B 2 -2.10 2.14 19.96
C GLY B 2 -3.21 2.35 20.97
N ILE B 3 -4.22 3.13 20.57
CA ILE B 3 -5.35 3.42 21.45
C ILE B 3 -6.24 2.20 21.60
N PHE B 4 -6.93 1.85 20.52
CA PHE B 4 -7.83 0.69 20.51
C PHE B 4 -7.04 -0.60 20.40
N SER B 5 -6.66 -0.95 19.17
CA SER B 5 -5.89 -2.17 18.91
C SER B 5 -6.80 -3.39 18.94
N ALA B 6 -6.56 -4.31 17.99
CA ALA B 6 -7.34 -5.55 17.86
C ALA B 6 -8.50 -5.35 16.91
N GLU B 7 -9.46 -4.53 17.32
CA GLU B 7 -10.63 -4.25 16.51
C GLU B 7 -10.25 -3.55 15.22
N PHE B 8 -9.34 -2.61 15.30
CA PHE B 8 -8.89 -1.86 14.12
C PHE B 8 -7.79 -2.63 13.38
N LEU B 9 -6.94 -3.31 14.13
CA LEU B 9 -5.86 -4.09 13.53
C LEU B 9 -6.40 -5.18 12.63
N LYS B 10 -7.40 -5.92 13.13
CA LYS B 10 -8.00 -6.99 12.36
C LYS B 10 -8.56 -6.48 11.04
N VAL B 11 -8.92 -5.20 11.01
CA VAL B 11 -9.46 -4.58 9.81
C VAL B 11 -8.48 -3.57 9.22
N PHE B 12 -7.20 -3.75 9.53
CA PHE B 12 -6.17 -2.84 9.03
C PHE B 12 -4.94 -3.63 8.56
N LEU B 13 -4.43 -4.49 9.42
CA LEU B 13 -3.26 -5.30 9.09
C LEU B 13 -3.40 -5.95 7.73
N PRO B 14 -4.46 -6.75 7.51
CA PRO B 14 -4.68 -7.43 6.22
C PRO B 14 -4.87 -6.46 5.06
N SER B 15 -5.29 -5.23 5.38
CA SER B 15 -5.50 -4.21 4.37
C SER B 15 -4.19 -3.83 3.70
N LEU B 16 -3.16 -3.60 4.52
CA LEU B 16 -1.84 -3.22 4.01
C LEU B 16 -1.35 -4.23 2.98
N LEU B 17 -1.43 -5.51 3.34
CA LEU B 17 -0.98 -6.58 2.43
C LEU B 17 -1.74 -6.51 1.12
N LEU B 18 -3.07 -6.43 1.19
CA LEU B 18 -3.90 -6.36 0.01
C LEU B 18 -3.54 -5.13 -0.83
N SER B 19 -3.30 -4.02 -0.14
CA SER B 19 -2.95 -2.78 -0.82
C SER B 19 -1.77 -2.99 -1.77
N HIS B 20 -0.71 -3.61 -1.27
CA HIS B 20 0.47 -3.88 -2.08
C HIS B 20 0.14 -4.78 -3.27
N LEU B 21 -0.50 -5.91 -2.99
CA LEU B 21 -0.87 -6.85 -4.05
C LEU B 21 -1.82 -6.20 -5.05
N LEU B 22 -2.90 -5.62 -4.54
CA LEU B 22 -3.88 -4.97 -5.39
C LEU B 22 -3.26 -3.79 -6.14
N ALA B 23 -2.46 -2.99 -5.43
CA ALA B 23 -1.81 -1.84 -6.04
C ALA B 23 -1.03 -2.23 -7.29
N ILE B 24 -0.17 -3.24 -7.17
CA ILE B 24 0.63 -3.70 -8.31
C ILE B 24 -0.27 -4.21 -9.42
N GLY B 25 -1.24 -5.05 -9.08
CA GLY B 25 -2.15 -5.58 -10.06
C GLY B 25 -2.78 -4.49 -10.92
N LEU B 26 -3.34 -3.48 -10.25
CA LEU B 26 -3.98 -2.38 -10.95
C LEU B 26 -3.01 -1.72 -11.93
N GLY B 27 -1.79 -1.46 -11.47
CA GLY B 27 -0.79 -0.85 -12.31
C GLY B 27 -0.55 -1.62 -13.60
N ILE B 28 -0.49 -2.94 -13.49
CA ILE B 28 -0.27 -3.79 -14.65
C ILE B 28 -1.42 -3.64 -15.66
N TYR B 29 -2.64 -3.78 -15.18
CA TYR B 29 -3.82 -3.66 -16.03
C TYR B 29 -3.86 -2.29 -16.71
N ILE B 30 -3.70 -1.25 -15.92
CA ILE B 30 -3.72 0.12 -16.43
C ILE B 30 -2.58 0.34 -17.43
N GLY B 31 -1.38 -0.11 -17.07
CA GLY B 31 -0.23 0.06 -17.94
C GLY B 31 -0.44 -0.61 -19.28
N ARG B 32 -0.86 -1.87 -19.26
CA ARG B 32 -1.09 -2.63 -20.49
C ARG B 32 -2.15 -1.95 -21.35
N ARG B 33 -2.99 -1.13 -20.73
CA ARG B 33 -4.05 -0.43 -21.45
C ARG B 33 -3.63 1.01 -21.74
N LEU B 34 -2.35 1.20 -22.01
CA LEU B 34 -1.80 2.52 -22.31
C LEU B 34 -1.69 2.75 -23.81
N THR B 35 -0.59 2.31 -24.39
CA THR B 35 -0.35 2.47 -25.82
C THR B 35 0.08 1.16 -26.45
N GLY A 1 -5.17 13.30 15.29
CA GLY A 1 -5.85 12.65 16.44
C GLY A 1 -5.28 11.28 16.77
N GLY A 2 -4.65 11.18 17.94
CA GLY A 2 -4.06 9.92 18.36
C GLY A 2 -3.17 10.08 19.57
N ILE A 3 -2.67 8.95 20.07
CA ILE A 3 -1.79 8.96 21.24
C ILE A 3 -0.43 9.55 20.90
N PHE A 4 0.23 8.97 19.90
CA PHE A 4 1.54 9.43 19.47
C PHE A 4 1.43 10.70 18.64
N SER A 5 0.68 10.62 17.53
CA SER A 5 0.48 11.76 16.64
C SER A 5 1.81 12.36 16.21
N ALA A 6 2.16 12.15 14.94
CA ALA A 6 3.40 12.65 14.34
C ALA A 6 4.47 11.57 14.37
N GLU A 7 4.91 11.22 15.58
CA GLU A 7 5.93 10.19 15.74
C GLU A 7 5.48 8.88 15.13
N PHE A 8 4.17 8.66 15.13
CA PHE A 8 3.59 7.44 14.58
C PHE A 8 3.06 7.69 13.16
N LEU A 9 2.35 8.79 13.00
CA LEU A 9 1.79 9.15 11.69
C LEU A 9 2.90 9.36 10.68
N LYS A 10 3.98 10.00 11.11
CA LYS A 10 5.12 10.27 10.25
C LYS A 10 5.69 8.98 9.68
N VAL A 11 5.71 7.94 10.51
CA VAL A 11 6.23 6.64 10.10
C VAL A 11 5.11 5.68 9.74
N PHE A 12 4.01 6.23 9.23
CA PHE A 12 2.87 5.42 8.84
C PHE A 12 2.13 6.04 7.66
N LEU A 13 1.70 7.28 7.83
CA LEU A 13 0.98 7.99 6.77
C LEU A 13 1.72 7.91 5.43
N PRO A 14 3.01 8.30 5.40
CA PRO A 14 3.80 8.25 4.16
C PRO A 14 4.10 6.83 3.71
N SER A 15 4.37 5.95 4.67
CA SER A 15 4.67 4.56 4.37
C SER A 15 3.61 3.95 3.45
N LEU A 16 2.34 4.12 3.83
CA LEU A 16 1.24 3.60 3.05
C LEU A 16 1.20 4.23 1.66
N LEU A 17 1.23 5.57 1.62
CA LEU A 17 1.20 6.29 0.36
C LEU A 17 2.29 5.79 -0.59
N LEU A 18 3.52 5.74 -0.09
CA LEU A 18 4.65 5.29 -0.89
C LEU A 18 4.41 3.86 -1.40
N SER A 19 3.89 3.00 -0.53
CA SER A 19 3.62 1.62 -0.90
C SER A 19 2.65 1.54 -2.07
N HIS A 20 1.51 2.22 -1.92
CA HIS A 20 0.49 2.23 -2.97
C HIS A 20 1.04 2.81 -4.27
N LEU A 21 1.64 3.99 -4.17
CA LEU A 21 2.21 4.65 -5.35
C LEU A 21 3.24 3.76 -6.04
N LEU A 22 4.21 3.28 -5.26
CA LEU A 22 5.25 2.41 -5.80
C LEU A 22 4.66 1.17 -6.46
N ALA A 23 3.77 0.50 -5.74
CA ALA A 23 3.13 -0.70 -6.27
C ALA A 23 2.55 -0.45 -7.65
N ILE A 24 1.74 0.60 -7.76
CA ILE A 24 1.13 0.96 -9.03
C ILE A 24 2.21 1.23 -10.07
N GLY A 25 3.26 1.94 -9.65
CA GLY A 25 4.36 2.25 -10.55
C GLY A 25 4.95 0.99 -11.16
N LEU A 26 5.20 0.00 -10.32
CA LEU A 26 5.76 -1.27 -10.78
C LEU A 26 4.89 -1.86 -11.88
N GLY A 27 3.58 -1.89 -11.64
CA GLY A 27 2.66 -2.42 -12.62
C GLY A 27 2.79 -1.73 -13.97
N ILE A 28 2.90 -0.41 -13.94
CA ILE A 28 3.03 0.37 -15.17
C ILE A 28 4.26 -0.07 -15.96
N TYR A 29 5.41 -0.11 -15.31
CA TYR A 29 6.65 -0.51 -15.96
C TYR A 29 6.49 -1.87 -16.62
N ILE A 30 5.94 -2.83 -15.87
CA ILE A 30 5.74 -4.18 -16.39
C ILE A 30 4.78 -4.17 -17.58
N GLY A 31 3.71 -3.39 -17.47
CA GLY A 31 2.74 -3.32 -18.54
C GLY A 31 3.31 -2.77 -19.83
N ARG A 32 4.05 -1.67 -19.73
CA ARG A 32 4.66 -1.04 -20.91
C ARG A 32 5.65 -1.98 -21.59
N ARG A 33 6.44 -2.69 -20.79
CA ARG A 33 7.43 -3.61 -21.33
C ARG A 33 6.76 -4.82 -22.01
N LEU A 34 5.44 -4.95 -21.84
CA LEU A 34 4.70 -6.05 -22.44
C LEU A 34 4.92 -6.10 -23.94
N THR A 35 4.14 -5.31 -24.68
CA THR A 35 4.24 -5.26 -26.13
C THR A 35 3.61 -3.99 -26.69
N GLY B 1 5.48 -7.20 22.97
CA GLY B 1 5.04 -6.57 21.69
C GLY B 1 4.39 -5.21 21.92
N GLY B 2 3.15 -5.22 22.38
CA GLY B 2 2.44 -3.98 22.64
C GLY B 2 1.16 -4.20 23.42
N ILE B 3 0.35 -3.15 23.53
CA ILE B 3 -0.91 -3.23 24.26
C ILE B 3 -1.93 -4.08 23.51
N PHE B 4 -2.27 -3.65 22.30
CA PHE B 4 -3.23 -4.36 21.47
C PHE B 4 -2.61 -5.60 20.85
N SER B 5 -1.36 -5.45 20.38
CA SER B 5 -0.63 -6.55 19.75
C SER B 5 -1.51 -7.38 18.81
N ALA B 6 -2.16 -8.41 19.35
CA ALA B 6 -3.02 -9.27 18.55
C ALA B 6 -4.09 -8.46 17.80
N GLU B 7 -4.96 -7.81 18.56
CA GLU B 7 -6.03 -7.01 17.98
C GLU B 7 -5.47 -5.95 17.03
N PHE B 8 -4.22 -5.58 17.24
CA PHE B 8 -3.57 -4.56 16.41
C PHE B 8 -3.16 -5.16 15.06
N LEU B 9 -2.38 -6.24 15.10
CA LEU B 9 -1.93 -6.88 13.89
C LEU B 9 -3.10 -7.43 13.08
N LYS B 10 -4.10 -7.94 13.78
CA LYS B 10 -5.28 -8.50 13.14
C LYS B 10 -5.96 -7.47 12.23
N VAL B 11 -5.66 -6.19 12.43
CA VAL B 11 -6.24 -5.13 11.63
C VAL B 11 -5.19 -4.13 11.17
N PHE B 12 -3.98 -4.63 10.91
CA PHE B 12 -2.89 -3.76 10.47
C PHE B 12 -2.18 -4.34 9.24
N LEU B 13 -1.63 -5.54 9.38
CA LEU B 13 -0.93 -6.19 8.28
C LEU B 13 -1.86 -6.50 7.11
N PRO B 14 -3.06 -7.07 7.39
CA PRO B 14 -4.01 -7.41 6.34
C PRO B 14 -4.14 -6.33 5.27
N SER B 15 -4.40 -5.11 5.70
CA SER B 15 -4.53 -3.98 4.79
C SER B 15 -3.27 -3.80 3.95
N LEU B 16 -2.11 -3.94 4.59
CA LEU B 16 -0.83 -3.78 3.91
C LEU B 16 -0.69 -4.77 2.76
N LEU B 17 -0.92 -6.05 3.04
CA LEU B 17 -0.81 -7.09 2.02
C LEU B 17 -1.77 -6.83 0.87
N LEU B 18 -3.03 -6.57 1.20
CA LEU B 18 -4.05 -6.30 0.20
C LEU B 18 -3.70 -5.06 -0.62
N SER B 19 -3.22 -4.02 0.07
CA SER B 19 -2.85 -2.78 -0.59
C SER B 19 -1.79 -3.00 -1.67
N HIS B 20 -0.71 -3.68 -1.30
CA HIS B 20 0.37 -3.95 -2.24
C HIS B 20 -0.10 -4.82 -3.39
N LEU B 21 -0.72 -5.95 -3.08
CA LEU B 21 -1.21 -6.86 -4.11
C LEU B 21 -2.13 -6.13 -5.07
N LEU B 22 -3.14 -5.45 -4.52
CA LEU B 22 -4.09 -4.69 -5.34
C LEU B 22 -3.39 -3.56 -6.08
N ALA B 23 -2.60 -2.78 -5.35
CA ALA B 23 -1.89 -1.65 -5.91
C ALA B 23 -1.09 -2.05 -7.15
N ILE B 24 -0.26 -3.09 -7.00
CA ILE B 24 0.55 -3.57 -8.12
C ILE B 24 -0.33 -4.05 -9.26
N GLY B 25 -1.34 -4.86 -8.93
CA GLY B 25 -2.25 -5.36 -9.93
C GLY B 25 -2.91 -4.25 -10.71
N LEU B 26 -3.41 -3.24 -10.00
CA LEU B 26 -4.06 -2.11 -10.65
C LEU B 26 -3.12 -1.48 -11.67
N GLY B 27 -1.86 -1.28 -11.28
CA GLY B 27 -0.89 -0.71 -12.18
C GLY B 27 -0.79 -1.48 -13.47
N ILE B 28 -0.79 -2.81 -13.36
CA ILE B 28 -0.71 -3.68 -14.53
C ILE B 28 -1.87 -3.39 -15.49
N TYR B 29 -3.08 -3.37 -14.97
CA TYR B 29 -4.27 -3.12 -15.76
C TYR B 29 -4.19 -1.75 -16.45
N ILE B 30 -3.88 -0.73 -15.68
CA ILE B 30 -3.77 0.62 -16.23
C ILE B 30 -2.71 0.71 -17.32
N GLY B 31 -1.51 0.22 -17.03
CA GLY B 31 -0.43 0.25 -18.01
C GLY B 31 -0.74 -0.56 -19.25
N ARG B 32 -1.12 -1.82 -19.05
CA ARG B 32 -1.44 -2.71 -20.17
C ARG B 32 -2.65 -2.21 -20.96
N ARG B 33 -3.39 -1.24 -20.39
CA ARG B 33 -4.57 -0.68 -21.06
C ARG B 33 -4.21 0.58 -21.83
N LEU B 34 -2.94 0.73 -22.18
CA LEU B 34 -2.47 1.89 -22.91
C LEU B 34 -1.81 1.47 -24.22
N THR B 35 -0.68 0.79 -24.09
CA THR B 35 0.06 0.31 -25.25
C THR B 35 0.54 -1.12 -25.05
N GLY A 1 7.23 13.06 26.28
CA GLY A 1 6.72 12.53 24.99
C GLY A 1 6.56 11.02 25.01
N GLY A 2 5.80 10.50 24.05
CA GLY A 2 5.58 9.06 23.97
C GLY A 2 6.84 8.29 23.62
N ILE A 3 6.70 6.97 23.54
CA ILE A 3 7.83 6.11 23.20
C ILE A 3 8.25 6.29 21.74
N PHE A 4 7.36 6.87 20.95
CA PHE A 4 7.62 7.09 19.53
C PHE A 4 6.76 8.24 19.01
N SER A 5 5.47 7.99 18.91
CA SER A 5 4.52 8.99 18.41
C SER A 5 5.05 9.68 17.15
N ALA A 6 5.76 10.79 17.33
CA ALA A 6 6.30 11.54 16.20
C ALA A 6 7.14 10.64 15.30
N GLU A 7 8.12 9.96 15.88
CA GLU A 7 8.98 9.07 15.12
C GLU A 7 8.17 8.01 14.38
N PHE A 8 7.22 7.40 15.09
CA PHE A 8 6.37 6.37 14.49
C PHE A 8 5.51 6.94 13.37
N LEU A 9 4.76 7.98 13.67
CA LEU A 9 3.89 8.61 12.68
C LEU A 9 4.71 9.21 11.55
N LYS A 10 5.90 9.70 11.88
CA LYS A 10 6.78 10.30 10.88
C LYS A 10 7.08 9.33 9.75
N VAL A 11 7.18 8.04 10.08
CA VAL A 11 7.47 7.02 9.09
C VAL A 11 6.42 5.92 9.10
N PHE A 12 5.15 6.32 9.18
CA PHE A 12 4.05 5.36 9.21
C PHE A 12 3.02 5.70 8.13
N LEU A 13 2.36 6.84 8.28
CA LEU A 13 1.36 7.27 7.32
C LEU A 13 1.97 7.46 5.92
N PRO A 14 3.15 8.10 5.83
CA PRO A 14 3.81 8.34 4.54
C PRO A 14 4.24 7.03 3.88
N SER A 15 4.66 6.07 4.68
CA SER A 15 5.10 4.77 4.17
C SER A 15 3.97 4.09 3.40
N LEU A 16 2.77 4.14 3.96
CA LEU A 16 1.60 3.53 3.32
C LEU A 16 1.36 4.13 1.94
N LEU A 17 1.32 5.46 1.87
CA LEU A 17 1.10 6.16 0.61
C LEU A 17 2.13 5.73 -0.43
N LEU A 18 3.39 5.74 -0.04
CA LEU A 18 4.47 5.34 -0.94
C LEU A 18 4.24 3.93 -1.48
N SER A 19 3.80 3.04 -0.60
CA SER A 19 3.54 1.65 -0.98
C SER A 19 2.51 1.59 -2.11
N HIS A 20 1.38 2.25 -1.91
CA HIS A 20 0.33 2.28 -2.91
C HIS A 20 0.82 2.90 -4.21
N LEU A 21 1.42 4.08 -4.10
CA LEU A 21 1.94 4.79 -5.27
C LEU A 21 3.01 3.97 -5.97
N LEU A 22 4.01 3.53 -5.21
CA LEU A 22 5.11 2.73 -5.76
C LEU A 22 4.59 1.41 -6.34
N ALA A 23 3.69 0.76 -5.62
CA ALA A 23 3.13 -0.51 -6.07
C ALA A 23 2.58 -0.37 -7.49
N ILE A 24 1.72 0.63 -7.69
CA ILE A 24 1.16 0.87 -9.00
C ILE A 24 2.25 1.09 -10.04
N GLY A 25 3.27 1.86 -9.64
CA GLY A 25 4.37 2.13 -10.53
C GLY A 25 4.97 0.87 -11.10
N LEU A 26 5.16 -0.13 -10.25
CA LEU A 26 5.72 -1.41 -10.67
C LEU A 26 4.81 -2.06 -11.69
N GLY A 27 3.51 -2.11 -11.38
CA GLY A 27 2.55 -2.71 -12.29
C GLY A 27 2.59 -2.08 -13.67
N ILE A 28 2.50 -0.75 -13.71
CA ILE A 28 2.53 -0.02 -14.97
C ILE A 28 3.76 -0.39 -15.78
N TYR A 29 4.91 -0.36 -15.14
CA TYR A 29 6.17 -0.69 -15.80
C TYR A 29 6.08 -2.04 -16.50
N ILE A 30 5.63 -3.05 -15.76
CA ILE A 30 5.49 -4.39 -16.31
C ILE A 30 4.46 -4.43 -17.44
N GLY A 31 3.35 -3.71 -17.24
CA GLY A 31 2.30 -3.68 -18.23
C GLY A 31 2.74 -3.07 -19.56
N ARG A 32 3.32 -1.88 -19.51
CA ARG A 32 3.78 -1.21 -20.71
C ARG A 32 4.87 -2.03 -21.41
N ARG A 33 5.55 -2.89 -20.66
CA ARG A 33 6.60 -3.73 -21.20
C ARG A 33 6.03 -4.75 -22.18
N LEU A 34 4.89 -5.34 -21.82
CA LEU A 34 4.24 -6.33 -22.65
C LEU A 34 4.07 -5.81 -24.07
N THR A 35 3.23 -4.80 -24.21
CA THR A 35 2.96 -4.19 -25.52
C THR A 35 2.60 -2.72 -25.38
N GLY B 1 -3.92 -3.18 23.65
CA GLY B 1 -5.19 -2.52 24.03
C GLY B 1 -5.52 -1.34 23.12
N GLY B 2 -6.80 -0.98 23.05
CA GLY B 2 -7.21 0.13 22.22
C GLY B 2 -8.71 0.19 22.03
N ILE B 3 -9.18 1.19 21.29
CA ILE B 3 -10.60 1.35 21.04
C ILE B 3 -11.11 0.28 20.08
N PHE B 4 -10.64 0.33 18.85
CA PHE B 4 -11.05 -0.64 17.83
C PHE B 4 -10.31 -1.96 18.03
N SER B 5 -9.02 -1.88 18.28
CA SER B 5 -8.18 -3.06 18.50
C SER B 5 -8.47 -4.16 17.47
N ALA B 6 -9.41 -5.04 17.79
CA ALA B 6 -9.76 -6.14 16.90
C ALA B 6 -10.21 -5.62 15.53
N GLU B 7 -11.21 -4.75 15.55
CA GLU B 7 -11.75 -4.19 14.31
C GLU B 7 -10.66 -3.54 13.47
N PHE B 8 -9.87 -2.68 14.11
CA PHE B 8 -8.79 -1.99 13.42
C PHE B 8 -7.72 -2.98 12.95
N LEU B 9 -7.29 -3.84 13.85
CA LEU B 9 -6.26 -4.83 13.52
C LEU B 9 -6.75 -5.80 12.44
N LYS B 10 -8.00 -6.19 12.53
CA LYS B 10 -8.58 -7.11 11.55
C LYS B 10 -8.48 -6.56 10.13
N VAL B 11 -8.56 -5.24 10.00
CA VAL B 11 -8.48 -4.60 8.69
C VAL B 11 -7.20 -3.77 8.57
N PHE B 12 -6.17 -4.16 9.29
CA PHE B 12 -4.89 -3.45 9.25
C PHE B 12 -3.76 -4.39 8.85
N LEU B 13 -3.66 -5.52 9.54
CA LEU B 13 -2.62 -6.49 9.24
C LEU B 13 -2.73 -7.03 7.82
N PRO B 14 -3.94 -7.38 7.36
CA PRO B 14 -4.17 -7.90 6.01
C PRO B 14 -4.27 -6.80 4.97
N SER B 15 -4.69 -5.62 5.41
CA SER B 15 -4.84 -4.48 4.50
C SER B 15 -3.52 -4.17 3.81
N LEU B 16 -2.45 -4.08 4.59
CA LEU B 16 -1.12 -3.79 4.05
C LEU B 16 -0.78 -4.73 2.90
N LEU B 17 -0.96 -6.03 3.12
CA LEU B 17 -0.66 -7.02 2.09
C LEU B 17 -1.53 -6.83 0.86
N LEU B 18 -2.83 -6.65 1.08
CA LEU B 18 -3.76 -6.46 -0.03
C LEU B 18 -3.45 -5.19 -0.80
N SER B 19 -3.17 -4.11 -0.08
CA SER B 19 -2.85 -2.84 -0.71
C SER B 19 -1.71 -3.00 -1.72
N HIS B 20 -0.61 -3.60 -1.28
CA HIS B 20 0.54 -3.81 -2.15
C HIS B 20 0.18 -4.67 -3.35
N LEU B 21 -0.41 -5.83 -3.09
CA LEU B 21 -0.80 -6.75 -4.16
C LEU B 21 -1.79 -6.09 -5.12
N LEU B 22 -2.86 -5.54 -4.57
CA LEU B 22 -3.89 -4.89 -5.38
C LEU B 22 -3.32 -3.69 -6.12
N ALA B 23 -2.55 -2.87 -5.41
CA ALA B 23 -1.95 -1.68 -6.01
C ALA B 23 -1.18 -2.02 -7.28
N ILE B 24 -0.27 -2.98 -7.18
CA ILE B 24 0.54 -3.39 -8.32
C ILE B 24 -0.36 -3.87 -9.47
N GLY B 25 -1.37 -4.66 -9.13
CA GLY B 25 -2.29 -5.16 -10.14
C GLY B 25 -2.86 -4.05 -10.98
N LEU B 26 -3.40 -3.03 -10.33
CA LEU B 26 -3.98 -1.90 -11.03
C LEU B 26 -2.95 -1.27 -11.96
N GLY B 27 -1.73 -1.14 -11.46
CA GLY B 27 -0.67 -0.56 -12.27
C GLY B 27 -0.50 -1.28 -13.59
N ILE B 28 -0.46 -2.61 -13.54
CA ILE B 28 -0.32 -3.42 -14.75
C ILE B 28 -1.43 -3.11 -15.74
N TYR B 29 -2.67 -3.11 -15.24
CA TYR B 29 -3.82 -2.83 -16.09
C TYR B 29 -3.64 -1.50 -16.80
N ILE B 30 -3.24 -0.48 -16.07
CA ILE B 30 -3.01 0.85 -16.63
C ILE B 30 -1.90 0.82 -17.67
N GLY B 31 -0.77 0.25 -17.30
CA GLY B 31 0.36 0.17 -18.22
C GLY B 31 0.05 -0.66 -19.46
N ARG B 32 -0.43 -1.88 -19.24
CA ARG B 32 -0.77 -2.77 -20.35
C ARG B 32 -1.82 -2.14 -21.27
N ARG B 33 -2.55 -1.17 -20.74
CA ARG B 33 -3.58 -0.48 -21.51
C ARG B 33 -3.13 0.91 -21.91
N LEU B 34 -1.92 0.99 -22.47
CA LEU B 34 -1.36 2.26 -22.90
C LEU B 34 -1.21 2.32 -24.42
N THR B 35 -0.09 1.79 -24.91
CA THR B 35 0.19 1.77 -26.34
C THR B 35 -0.67 0.73 -27.05
N GLY A 1 -8.76 16.49 17.27
CA GLY A 1 -8.35 15.17 16.74
C GLY A 1 -7.64 14.32 17.78
N GLY A 2 -6.48 14.79 18.22
CA GLY A 2 -5.71 14.05 19.22
C GLY A 2 -4.40 14.74 19.56
N ILE A 3 -3.69 14.17 20.53
CA ILE A 3 -2.42 14.73 20.96
C ILE A 3 -1.34 14.54 19.90
N PHE A 4 -1.19 13.29 19.45
CA PHE A 4 -0.19 12.96 18.43
C PHE A 4 -0.69 13.39 17.06
N SER A 5 -1.78 12.79 16.61
CA SER A 5 -2.38 13.10 15.30
C SER A 5 -1.30 13.30 14.23
N ALA A 6 -0.85 14.53 14.04
CA ALA A 6 0.17 14.82 13.03
C ALA A 6 1.43 14.01 13.29
N GLU A 7 1.96 14.11 14.49
CA GLU A 7 3.18 13.38 14.86
C GLU A 7 2.99 11.89 14.64
N PHE A 8 1.77 11.42 14.91
CA PHE A 8 1.45 10.00 14.74
C PHE A 8 1.36 9.64 13.26
N LEU A 9 0.48 10.33 12.54
CA LEU A 9 0.30 10.08 11.11
C LEU A 9 1.57 10.39 10.33
N LYS A 10 2.39 11.30 10.88
CA LYS A 10 3.63 11.69 10.23
C LYS A 10 4.53 10.48 10.00
N VAL A 11 4.40 9.48 10.86
CA VAL A 11 5.19 8.27 10.75
C VAL A 11 4.32 7.06 10.42
N PHE A 12 3.32 7.26 9.57
CA PHE A 12 2.41 6.18 9.19
C PHE A 12 1.89 6.36 7.77
N LEU A 13 1.30 7.52 7.49
CA LEU A 13 0.73 7.79 6.17
C LEU A 13 1.80 7.74 5.07
N PRO A 14 2.98 8.36 5.29
CA PRO A 14 4.06 8.36 4.28
C PRO A 14 4.40 6.96 3.80
N SER A 15 4.62 6.05 4.75
CA SER A 15 4.97 4.67 4.42
C SER A 15 3.90 4.04 3.53
N LEU A 16 2.65 4.15 3.95
CA LEU A 16 1.54 3.59 3.19
C LEU A 16 1.43 4.22 1.81
N LEU A 17 1.46 5.55 1.77
CA LEU A 17 1.38 6.27 0.50
C LEU A 17 2.42 5.75 -0.49
N LEU A 18 3.67 5.70 -0.05
CA LEU A 18 4.75 5.22 -0.89
C LEU A 18 4.46 3.82 -1.41
N SER A 19 3.95 2.96 -0.53
CA SER A 19 3.63 1.59 -0.90
C SER A 19 2.62 1.55 -2.05
N HIS A 20 1.51 2.26 -1.89
CA HIS A 20 0.49 2.31 -2.91
C HIS A 20 1.02 2.94 -4.20
N LEU A 21 1.64 4.11 -4.06
CA LEU A 21 2.19 4.81 -5.21
C LEU A 21 3.26 3.96 -5.90
N LEU A 22 4.22 3.46 -5.13
CA LEU A 22 5.28 2.63 -5.67
C LEU A 22 4.71 1.38 -6.32
N ALA A 23 3.76 0.74 -5.65
CA ALA A 23 3.14 -0.47 -6.16
C ALA A 23 2.59 -0.23 -7.58
N ILE A 24 1.79 0.81 -7.74
CA ILE A 24 1.23 1.14 -9.03
C ILE A 24 2.33 1.29 -10.07
N GLY A 25 3.39 2.02 -9.69
CA GLY A 25 4.50 2.21 -10.60
C GLY A 25 5.03 0.90 -11.13
N LEU A 26 5.13 -0.10 -10.26
CA LEU A 26 5.61 -1.42 -10.66
C LEU A 26 4.72 -1.99 -11.75
N GLY A 27 3.41 -1.93 -11.52
CA GLY A 27 2.47 -2.44 -12.49
C GLY A 27 2.60 -1.76 -13.84
N ILE A 28 2.69 -0.44 -13.83
CA ILE A 28 2.82 0.33 -15.06
C ILE A 28 4.08 -0.07 -15.82
N TYR A 29 5.21 -0.10 -15.12
CA TYR A 29 6.48 -0.46 -15.73
C TYR A 29 6.37 -1.78 -16.47
N ILE A 30 5.82 -2.79 -15.80
CA ILE A 30 5.64 -4.10 -16.40
C ILE A 30 4.71 -4.05 -17.60
N GLY A 31 3.62 -3.30 -17.47
CA GLY A 31 2.66 -3.17 -18.54
C GLY A 31 3.24 -2.54 -19.80
N ARG A 32 3.86 -1.38 -19.64
CA ARG A 32 4.47 -0.68 -20.77
C ARG A 32 5.58 -1.51 -21.40
N ARG A 33 6.16 -2.42 -20.61
CA ARG A 33 7.23 -3.28 -21.09
C ARG A 33 6.71 -4.29 -22.11
N LEU A 34 5.51 -4.80 -21.87
CA LEU A 34 4.89 -5.77 -22.76
C LEU A 34 4.91 -5.27 -24.19
N THR A 35 4.69 -3.97 -24.35
CA THR A 35 4.67 -3.34 -25.66
C THR A 35 3.81 -4.13 -26.65
N GLY B 1 1.43 -2.08 21.79
CA GLY B 1 0.01 -2.18 21.35
C GLY B 1 -0.83 -1.02 21.83
N GLY B 2 -2.15 -1.16 21.73
CA GLY B 2 -3.05 -0.11 22.16
C GLY B 2 -4.27 -0.65 22.89
N ILE B 3 -5.36 0.10 22.85
CA ILE B 3 -6.59 -0.29 23.50
C ILE B 3 -7.24 -1.47 22.79
N PHE B 4 -7.34 -1.36 21.47
CA PHE B 4 -7.94 -2.42 20.65
C PHE B 4 -6.98 -3.58 20.45
N SER B 5 -5.71 -3.26 20.26
CA SER B 5 -4.67 -4.26 20.05
C SER B 5 -5.12 -5.34 19.07
N ALA B 6 -5.74 -6.41 19.57
CA ALA B 6 -6.19 -7.51 18.73
C ALA B 6 -7.13 -7.01 17.63
N GLU B 7 -8.20 -6.32 18.03
CA GLU B 7 -9.18 -5.80 17.08
C GLU B 7 -8.50 -4.91 16.04
N PHE B 8 -7.65 -4.00 16.51
CA PHE B 8 -6.95 -3.08 15.62
C PHE B 8 -6.01 -3.84 14.68
N LEU B 9 -5.14 -4.67 15.26
CA LEU B 9 -4.18 -5.44 14.49
C LEU B 9 -4.90 -6.42 13.55
N LYS B 10 -6.07 -6.90 13.98
CA LYS B 10 -6.85 -7.83 13.20
C LYS B 10 -7.25 -7.20 11.86
N VAL B 11 -7.34 -5.88 11.84
CA VAL B 11 -7.72 -5.16 10.63
C VAL B 11 -6.60 -4.26 10.13
N PHE B 12 -5.35 -4.65 10.44
CA PHE B 12 -4.19 -3.87 10.02
C PHE B 12 -3.16 -4.76 9.33
N LEU B 13 -2.92 -5.94 9.92
CA LEU B 13 -1.96 -6.89 9.35
C LEU B 13 -2.42 -7.40 7.98
N PRO B 14 -3.71 -7.75 7.83
CA PRO B 14 -4.25 -8.25 6.58
C PRO B 14 -4.77 -7.14 5.68
N SER B 15 -4.26 -5.93 5.87
CA SER B 15 -4.68 -4.79 5.07
C SER B 15 -3.53 -4.29 4.19
N LEU B 16 -2.34 -4.20 4.77
CA LEU B 16 -1.16 -3.75 4.06
C LEU B 16 -0.85 -4.67 2.88
N LEU B 17 -0.97 -5.96 3.10
CA LEU B 17 -0.70 -6.94 2.05
C LEU B 17 -1.63 -6.75 0.87
N LEU B 18 -2.92 -6.60 1.15
CA LEU B 18 -3.91 -6.41 0.11
C LEU B 18 -3.62 -5.14 -0.68
N SER B 19 -3.25 -4.08 0.02
CA SER B 19 -2.95 -2.80 -0.62
C SER B 19 -1.87 -2.98 -1.70
N HIS B 20 -0.76 -3.62 -1.33
CA HIS B 20 0.33 -3.84 -2.26
C HIS B 20 -0.12 -4.71 -3.44
N LEU B 21 -0.72 -5.86 -3.14
CA LEU B 21 -1.19 -6.76 -4.18
C LEU B 21 -2.14 -6.04 -5.14
N LEU B 22 -3.16 -5.41 -4.58
CA LEU B 22 -4.13 -4.68 -5.39
C LEU B 22 -3.47 -3.53 -6.14
N ALA B 23 -2.63 -2.78 -5.44
CA ALA B 23 -1.94 -1.64 -6.03
C ALA B 23 -1.17 -2.06 -7.29
N ILE B 24 -0.33 -3.08 -7.15
CA ILE B 24 0.46 -3.57 -8.27
C ILE B 24 -0.45 -4.09 -9.38
N GLY B 25 -1.49 -4.82 -8.98
CA GLY B 25 -2.43 -5.36 -9.96
C GLY B 25 -3.01 -4.28 -10.84
N LEU B 26 -3.44 -3.18 -10.20
CA LEU B 26 -4.03 -2.06 -10.94
C LEU B 26 -3.03 -1.53 -11.97
N GLY B 27 -1.79 -1.33 -11.53
CA GLY B 27 -0.76 -0.83 -12.44
C GLY B 27 -0.64 -1.68 -13.68
N ILE B 28 -0.67 -2.99 -13.51
CA ILE B 28 -0.57 -3.92 -14.64
C ILE B 28 -1.72 -3.71 -15.63
N TYR B 29 -2.94 -3.68 -15.10
CA TYR B 29 -4.12 -3.49 -15.93
C TYR B 29 -4.05 -2.17 -16.69
N ILE B 30 -3.73 -1.10 -15.97
CA ILE B 30 -3.62 0.23 -16.58
C ILE B 30 -2.53 0.26 -17.64
N GLY B 31 -1.38 -0.32 -17.33
CA GLY B 31 -0.27 -0.33 -18.27
C GLY B 31 -0.60 -1.09 -19.55
N ARG B 32 -1.18 -2.26 -19.41
CA ARG B 32 -1.53 -3.09 -20.57
C ARG B 32 -2.56 -2.40 -21.47
N ARG B 33 -3.19 -1.34 -20.96
CA ARG B 33 -4.20 -0.62 -21.74
C ARG B 33 -3.66 0.73 -22.22
N LEU B 34 -2.36 0.79 -22.45
CA LEU B 34 -1.72 2.01 -22.91
C LEU B 34 -1.06 1.80 -24.26
N THR B 35 -0.04 0.95 -24.26
CA THR B 35 0.71 0.64 -25.48
C THR B 35 1.01 -0.85 -25.56
N GLY A 1 -3.22 11.31 25.04
CA GLY A 1 -1.98 11.06 24.25
C GLY A 1 -1.95 9.67 23.64
N GLY A 2 -1.08 9.47 22.66
CA GLY A 2 -0.97 8.17 22.02
C GLY A 2 0.35 7.49 22.31
N ILE A 3 0.52 6.29 21.75
CA ILE A 3 1.73 5.51 21.94
C ILE A 3 2.91 6.16 21.21
N PHE A 4 2.60 6.91 20.16
CA PHE A 4 3.60 7.57 19.36
C PHE A 4 3.01 8.78 18.63
N SER A 5 1.81 8.59 18.07
CA SER A 5 1.12 9.64 17.34
C SER A 5 2.03 10.32 16.31
N ALA A 6 2.78 11.32 16.74
CA ALA A 6 3.67 12.04 15.85
C ALA A 6 4.62 11.10 15.11
N GLU A 7 5.39 10.32 15.88
CA GLU A 7 6.34 9.39 15.29
C GLU A 7 5.63 8.43 14.33
N PHE A 8 4.68 7.67 14.85
CA PHE A 8 3.93 6.71 14.05
C PHE A 8 3.28 7.38 12.85
N LEU A 9 2.56 8.47 13.11
CA LEU A 9 1.89 9.22 12.05
C LEU A 9 2.88 9.75 11.03
N LYS A 10 4.03 10.22 11.52
CA LYS A 10 5.07 10.75 10.63
C LYS A 10 5.53 9.71 9.62
N VAL A 11 5.52 8.44 10.03
CA VAL A 11 5.94 7.35 9.16
C VAL A 11 4.80 6.40 8.85
N PHE A 12 3.57 6.90 8.96
CA PHE A 12 2.40 6.08 8.69
C PHE A 12 1.59 6.65 7.53
N LEU A 13 1.20 7.91 7.65
CA LEU A 13 0.43 8.58 6.60
C LEU A 13 1.15 8.52 5.25
N PRO A 14 2.46 8.81 5.22
CA PRO A 14 3.23 8.79 3.97
C PRO A 14 3.66 7.38 3.59
N SER A 15 4.00 6.57 4.58
CA SER A 15 4.42 5.19 4.35
C SER A 15 3.41 4.45 3.48
N LEU A 16 2.13 4.58 3.82
CA LEU A 16 1.08 3.92 3.07
C LEU A 16 1.03 4.44 1.63
N LEU A 17 1.07 5.76 1.48
CA LEU A 17 1.05 6.37 0.16
C LEU A 17 2.16 5.84 -0.72
N LEU A 18 3.38 5.84 -0.19
CA LEU A 18 4.53 5.34 -0.94
C LEU A 18 4.32 3.90 -1.38
N SER A 19 3.84 3.07 -0.46
CA SER A 19 3.58 1.66 -0.75
C SER A 19 2.66 1.53 -1.96
N HIS A 20 1.53 2.22 -1.91
CA HIS A 20 0.55 2.18 -3.00
C HIS A 20 1.16 2.71 -4.30
N LEU A 21 1.80 3.88 -4.21
CA LEU A 21 2.43 4.49 -5.36
C LEU A 21 3.49 3.57 -5.97
N LEU A 22 4.38 3.06 -5.13
CA LEU A 22 5.44 2.17 -5.57
C LEU A 22 4.86 0.91 -6.22
N ALA A 23 3.93 0.27 -5.52
CA ALA A 23 3.30 -0.95 -6.03
C ALA A 23 2.75 -0.73 -7.43
N ILE A 24 1.94 0.32 -7.57
CA ILE A 24 1.34 0.64 -8.87
C ILE A 24 2.44 0.93 -9.89
N GLY A 25 3.46 1.66 -9.47
CA GLY A 25 4.55 1.98 -10.36
C GLY A 25 5.13 0.75 -11.03
N LEU A 26 5.35 -0.30 -10.23
CA LEU A 26 5.89 -1.54 -10.75
C LEU A 26 4.94 -2.15 -11.78
N GLY A 27 3.68 -2.31 -11.40
CA GLY A 27 2.70 -2.88 -12.30
C GLY A 27 2.63 -2.15 -13.62
N ILE A 28 2.48 -0.83 -13.57
CA ILE A 28 2.41 -0.02 -14.77
C ILE A 28 3.64 -0.24 -15.64
N TYR A 29 4.80 -0.32 -15.00
CA TYR A 29 6.06 -0.53 -15.72
C TYR A 29 5.97 -1.79 -16.57
N ILE A 30 5.40 -2.85 -16.01
CA ILE A 30 5.27 -4.11 -16.73
C ILE A 30 4.39 -3.94 -17.97
N GLY A 31 3.24 -3.31 -17.77
CA GLY A 31 2.32 -3.09 -18.87
C GLY A 31 2.93 -2.30 -20.01
N ARG A 32 3.53 -1.16 -19.68
CA ARG A 32 4.15 -0.31 -20.68
C ARG A 32 5.18 -1.07 -21.51
N ARG A 33 5.76 -2.11 -20.93
CA ARG A 33 6.76 -2.92 -21.63
C ARG A 33 6.12 -4.19 -22.20
N LEU A 34 4.91 -4.07 -22.69
CA LEU A 34 4.19 -5.19 -23.28
C LEU A 34 3.94 -4.96 -24.75
N THR A 35 3.05 -4.03 -25.04
CA THR A 35 2.69 -3.68 -26.41
C THR A 35 2.30 -4.92 -27.21
N GLY B 1 -0.92 -9.58 25.37
CA GLY B 1 -1.58 -8.69 26.37
C GLY B 1 -1.30 -7.22 26.11
N GLY B 2 -2.23 -6.55 25.43
CA GLY B 2 -2.06 -5.14 25.14
C GLY B 2 -3.37 -4.39 25.08
N ILE B 3 -3.31 -3.15 24.60
CA ILE B 3 -4.50 -2.31 24.48
C ILE B 3 -5.42 -2.81 23.38
N PHE B 4 -4.87 -3.60 22.45
CA PHE B 4 -5.64 -4.14 21.35
C PHE B 4 -4.92 -5.32 20.72
N SER B 5 -3.70 -5.08 20.25
CA SER B 5 -2.90 -6.12 19.61
C SER B 5 -3.71 -6.94 18.60
N ALA B 6 -4.36 -8.00 19.06
CA ALA B 6 -5.16 -8.84 18.18
C ALA B 6 -6.24 -8.04 17.47
N GLU B 7 -7.07 -7.36 18.24
CA GLU B 7 -8.16 -6.56 17.69
C GLU B 7 -7.65 -5.55 16.65
N PHE B 8 -6.40 -5.13 16.81
CA PHE B 8 -5.81 -4.16 15.89
C PHE B 8 -5.15 -4.86 14.70
N LEU B 9 -4.31 -5.84 15.00
CA LEU B 9 -3.61 -6.59 13.96
C LEU B 9 -4.60 -7.33 13.06
N LYS B 10 -5.66 -7.86 13.66
CA LYS B 10 -6.67 -8.60 12.90
C LYS B 10 -7.23 -7.75 11.77
N VAL B 11 -7.12 -6.43 11.91
CA VAL B 11 -7.63 -5.51 10.90
C VAL B 11 -6.58 -4.46 10.54
N PHE B 12 -5.34 -4.92 10.34
CA PHE B 12 -4.25 -4.01 9.99
C PHE B 12 -3.34 -4.64 8.95
N LEU B 13 -2.66 -5.73 9.33
CA LEU B 13 -1.75 -6.42 8.43
C LEU B 13 -2.42 -6.71 7.07
N PRO B 14 -3.54 -7.46 7.05
CA PRO B 14 -4.24 -7.79 5.81
C PRO B 14 -4.34 -6.61 4.85
N SER B 15 -4.86 -5.49 5.35
CA SER B 15 -5.02 -4.29 4.53
C SER B 15 -3.70 -3.92 3.85
N LEU B 16 -2.61 -4.00 4.60
CA LEU B 16 -1.29 -3.67 4.07
C LEU B 16 -0.91 -4.58 2.91
N LEU B 17 -1.04 -5.89 3.13
CA LEU B 17 -0.71 -6.88 2.10
C LEU B 17 -1.58 -6.68 0.86
N LEU B 18 -2.89 -6.60 1.08
CA LEU B 18 -3.83 -6.41 -0.03
C LEU B 18 -3.50 -5.16 -0.82
N SER B 19 -3.16 -4.09 -0.10
CA SER B 19 -2.83 -2.82 -0.74
C SER B 19 -1.67 -3.00 -1.72
N HIS B 20 -0.59 -3.61 -1.26
CA HIS B 20 0.59 -3.84 -2.09
C HIS B 20 0.24 -4.71 -3.29
N LEU B 21 -0.37 -5.86 -3.02
CA LEU B 21 -0.74 -6.79 -4.08
C LEU B 21 -1.72 -6.13 -5.05
N LEU B 22 -2.79 -5.57 -4.52
CA LEU B 22 -3.81 -4.91 -5.34
C LEU B 22 -3.21 -3.71 -6.07
N ALA B 23 -2.39 -2.95 -5.38
CA ALA B 23 -1.76 -1.77 -5.96
C ALA B 23 -1.02 -2.12 -7.25
N ILE B 24 -0.16 -3.12 -7.19
CA ILE B 24 0.60 -3.55 -8.36
C ILE B 24 -0.34 -4.01 -9.48
N GLY B 25 -1.35 -4.79 -9.12
CA GLY B 25 -2.30 -5.28 -10.10
C GLY B 25 -2.93 -4.15 -10.89
N LEU B 26 -3.47 -3.16 -10.18
CA LEU B 26 -4.09 -2.01 -10.82
C LEU B 26 -3.12 -1.32 -11.77
N GLY B 27 -1.87 -1.18 -11.33
CA GLY B 27 -0.86 -0.54 -12.15
C GLY B 27 -0.71 -1.24 -13.49
N ILE B 28 -0.54 -2.55 -13.46
CA ILE B 28 -0.39 -3.34 -14.68
C ILE B 28 -1.54 -3.08 -15.65
N TYR B 29 -2.75 -3.18 -15.15
CA TYR B 29 -3.94 -2.96 -15.97
C TYR B 29 -3.86 -1.60 -16.66
N ILE B 30 -3.62 -0.56 -15.88
CA ILE B 30 -3.52 0.79 -16.42
C ILE B 30 -2.35 0.90 -17.40
N GLY B 31 -1.21 0.35 -17.02
CA GLY B 31 -0.04 0.40 -17.87
C GLY B 31 -0.27 -0.25 -19.22
N ARG B 32 -0.84 -1.45 -19.21
CA ARG B 32 -1.10 -2.18 -20.45
C ARG B 32 -2.03 -1.39 -21.37
N ARG B 33 -2.73 -0.41 -20.80
CA ARG B 33 -3.65 0.41 -21.58
C ARG B 33 -3.10 1.82 -21.77
N LEU B 34 -1.84 1.90 -22.19
CA LEU B 34 -1.19 3.18 -22.40
C LEU B 34 -0.93 3.43 -23.88
N THR B 35 0.16 2.86 -24.38
CA THR B 35 0.54 3.01 -25.78
C THR B 35 -0.19 2.00 -26.66
N GLY A 1 -9.98 13.80 15.24
CA GLY A 1 -9.48 13.80 16.64
C GLY A 1 -8.98 12.43 17.08
N GLY A 2 -8.31 12.39 18.23
CA GLY A 2 -7.79 11.14 18.74
C GLY A 2 -6.60 11.35 19.66
N ILE A 3 -6.23 10.30 20.39
CA ILE A 3 -5.09 10.38 21.30
C ILE A 3 -3.78 10.47 20.54
N PHE A 4 -3.56 9.53 19.64
CA PHE A 4 -2.34 9.50 18.84
C PHE A 4 -2.39 10.55 17.74
N SER A 5 -3.38 10.42 16.86
CA SER A 5 -3.55 11.35 15.75
C SER A 5 -2.22 11.69 15.08
N ALA A 6 -1.56 12.75 15.54
CA ALA A 6 -0.28 13.15 14.97
C ALA A 6 0.72 12.01 15.01
N GLU A 7 0.92 11.44 16.20
CA GLU A 7 1.87 10.34 16.38
C GLU A 7 1.52 9.18 15.46
N PHE A 8 0.23 8.93 15.27
CA PHE A 8 -0.23 7.85 14.41
C PHE A 8 -0.06 8.21 12.93
N LEU A 9 -0.64 9.33 12.52
CA LEU A 9 -0.55 9.78 11.14
C LEU A 9 0.90 10.07 10.76
N LYS A 10 1.69 10.48 11.75
CA LYS A 10 3.10 10.78 11.51
C LYS A 10 3.83 9.58 10.92
N VAL A 11 3.43 8.38 11.36
CA VAL A 11 4.06 7.15 10.88
C VAL A 11 3.02 6.19 10.32
N PHE A 12 2.19 6.68 9.40
CA PHE A 12 1.16 5.85 8.79
C PHE A 12 0.83 6.34 7.38
N LEU A 13 0.62 7.64 7.25
CA LEU A 13 0.29 8.24 5.95
C LEU A 13 1.41 8.01 4.93
N PRO A 14 2.64 8.46 5.23
CA PRO A 14 3.78 8.30 4.30
C PRO A 14 3.99 6.85 3.89
N SER A 15 4.00 5.95 4.86
CA SER A 15 4.20 4.53 4.58
C SER A 15 3.22 4.03 3.52
N LEU A 16 1.93 4.27 3.76
CA LEU A 16 0.89 3.84 2.84
C LEU A 16 1.03 4.51 1.47
N LEU A 17 1.15 5.83 1.47
CA LEU A 17 1.28 6.58 0.22
C LEU A 17 2.40 6.01 -0.64
N LEU A 18 3.59 5.87 -0.05
CA LEU A 18 4.73 5.33 -0.78
C LEU A 18 4.48 3.90 -1.25
N SER A 19 3.88 3.09 -0.38
CA SER A 19 3.60 1.69 -0.70
C SER A 19 2.63 1.58 -1.88
N HIS A 20 1.49 2.27 -1.78
CA HIS A 20 0.49 2.23 -2.84
C HIS A 20 1.05 2.81 -4.13
N LEU A 21 1.57 4.02 -4.06
CA LEU A 21 2.12 4.69 -5.24
C LEU A 21 3.21 3.84 -5.89
N LEU A 22 4.19 3.42 -5.11
CA LEU A 22 5.28 2.60 -5.61
C LEU A 22 4.72 1.33 -6.27
N ALA A 23 3.72 0.74 -5.63
CA ALA A 23 3.09 -0.47 -6.16
C ALA A 23 2.55 -0.22 -7.56
N ILE A 24 1.81 0.86 -7.73
CA ILE A 24 1.24 1.21 -9.03
C ILE A 24 2.33 1.24 -10.08
N GLY A 25 3.44 1.90 -9.76
CA GLY A 25 4.54 1.99 -10.69
C GLY A 25 5.01 0.62 -11.16
N LEU A 26 5.08 -0.32 -10.21
CA LEU A 26 5.52 -1.68 -10.52
C LEU A 26 4.61 -2.29 -11.59
N GLY A 27 3.31 -2.17 -11.38
CA GLY A 27 2.35 -2.71 -12.34
C GLY A 27 2.48 -2.08 -13.72
N ILE A 28 2.46 -0.75 -13.75
CA ILE A 28 2.57 -0.02 -15.01
C ILE A 28 3.82 -0.45 -15.78
N TYR A 29 4.95 -0.48 -15.09
CA TYR A 29 6.21 -0.88 -15.72
C TYR A 29 6.08 -2.23 -16.41
N ILE A 30 5.55 -3.20 -15.68
CA ILE A 30 5.35 -4.55 -16.21
C ILE A 30 4.37 -4.54 -17.39
N GLY A 31 3.29 -3.78 -17.25
CA GLY A 31 2.29 -3.71 -18.30
C GLY A 31 2.81 -3.15 -19.61
N ARG A 32 3.42 -1.97 -19.55
CA ARG A 32 3.97 -1.33 -20.75
C ARG A 32 5.08 -2.17 -21.39
N ARG A 33 5.62 -3.12 -20.63
CA ARG A 33 6.69 -3.97 -21.14
C ARG A 33 6.12 -5.19 -21.87
N LEU A 34 4.91 -5.58 -21.53
CA LEU A 34 4.27 -6.74 -22.17
C LEU A 34 4.36 -6.63 -23.68
N THR A 35 3.76 -5.57 -24.20
CA THR A 35 3.74 -5.32 -25.64
C THR A 35 5.11 -4.84 -26.13
N GLY B 1 8.13 -7.74 23.32
CA GLY B 1 7.95 -6.26 23.44
C GLY B 1 6.62 -5.89 24.05
N GLY B 2 5.53 -6.30 23.41
CA GLY B 2 4.20 -6.00 23.91
C GLY B 2 3.42 -7.25 24.27
N ILE B 3 2.25 -7.07 24.85
CA ILE B 3 1.40 -8.19 25.25
C ILE B 3 0.79 -8.87 24.03
N PHE B 4 -0.06 -8.15 23.32
CA PHE B 4 -0.71 -8.68 22.12
C PHE B 4 0.25 -8.70 20.94
N SER B 5 0.49 -7.52 20.35
CA SER B 5 1.39 -7.40 19.22
C SER B 5 0.89 -8.20 18.02
N ALA B 6 1.21 -9.49 18.00
CA ALA B 6 0.79 -10.36 16.90
C ALA B 6 -0.72 -10.39 16.75
N GLU B 7 -1.43 -10.61 17.86
CA GLU B 7 -2.88 -10.68 17.85
C GLU B 7 -3.50 -9.41 17.26
N PHE B 8 -2.82 -8.28 17.41
CA PHE B 8 -3.32 -7.01 16.89
C PHE B 8 -2.78 -6.74 15.50
N LEU B 9 -1.46 -6.88 15.34
CA LEU B 9 -0.81 -6.65 14.05
C LEU B 9 -1.30 -7.65 13.00
N LYS B 10 -1.64 -8.85 13.43
CA LYS B 10 -2.10 -9.88 12.52
C LYS B 10 -3.33 -9.41 11.72
N VAL B 11 -4.04 -8.44 12.27
CA VAL B 11 -5.23 -7.89 11.63
C VAL B 11 -4.91 -6.62 10.84
N PHE B 12 -3.77 -6.01 11.15
CA PHE B 12 -3.35 -4.78 10.47
C PHE B 12 -2.52 -5.08 9.23
N LEU B 13 -1.60 -6.04 9.35
CA LEU B 13 -0.74 -6.40 8.23
C LEU B 13 -1.56 -6.84 7.00
N PRO B 14 -2.55 -7.72 7.20
CA PRO B 14 -3.38 -8.20 6.09
C PRO B 14 -3.75 -7.10 5.11
N SER B 15 -4.35 -6.03 5.63
CA SER B 15 -4.76 -4.91 4.80
C SER B 15 -3.58 -4.35 4.01
N LEU B 16 -2.43 -4.25 4.67
CA LEU B 16 -1.23 -3.73 4.03
C LEU B 16 -0.80 -4.60 2.85
N LEU B 17 -0.75 -5.91 3.07
CA LEU B 17 -0.35 -6.84 2.02
C LEU B 17 -1.30 -6.74 0.83
N LEU B 18 -2.59 -6.80 1.10
CA LEU B 18 -3.60 -6.71 0.04
C LEU B 18 -3.39 -5.44 -0.79
N SER B 19 -3.09 -4.34 -0.11
CA SER B 19 -2.86 -3.07 -0.80
C SER B 19 -1.71 -3.17 -1.79
N HIS B 20 -0.59 -3.73 -1.33
CA HIS B 20 0.59 -3.87 -2.17
C HIS B 20 0.28 -4.73 -3.40
N LEU B 21 -0.28 -5.92 -3.16
CA LEU B 21 -0.62 -6.83 -4.24
C LEU B 21 -1.64 -6.20 -5.19
N LEU B 22 -2.74 -5.70 -4.62
CA LEU B 22 -3.79 -5.07 -5.42
C LEU B 22 -3.25 -3.83 -6.13
N ALA B 23 -2.49 -3.02 -5.41
CA ALA B 23 -1.92 -1.81 -5.98
C ALA B 23 -1.15 -2.12 -7.27
N ILE B 24 -0.24 -3.09 -7.19
CA ILE B 24 0.53 -3.48 -8.37
C ILE B 24 -0.38 -3.87 -9.51
N GLY B 25 -1.42 -4.65 -9.20
CA GLY B 25 -2.37 -5.06 -10.21
C GLY B 25 -2.92 -3.87 -10.96
N LEU B 26 -3.22 -2.80 -10.23
CA LEU B 26 -3.74 -1.58 -10.84
C LEU B 26 -2.75 -1.03 -11.86
N GLY B 27 -1.48 -0.94 -11.46
CA GLY B 27 -0.45 -0.44 -12.34
C GLY B 27 -0.45 -1.13 -13.69
N ILE B 28 -0.43 -2.46 -13.67
CA ILE B 28 -0.42 -3.24 -14.91
C ILE B 28 -1.64 -2.90 -15.76
N TYR B 29 -2.82 -2.98 -15.17
CA TYR B 29 -4.06 -2.68 -15.88
C TYR B 29 -4.00 -1.33 -16.57
N ILE B 30 -3.60 -0.31 -15.82
CA ILE B 30 -3.50 1.04 -16.37
C ILE B 30 -2.46 1.11 -17.48
N GLY B 31 -1.24 0.64 -17.19
CA GLY B 31 -0.17 0.67 -18.17
C GLY B 31 -0.50 -0.09 -19.44
N ARG B 32 -0.95 -1.33 -19.31
CA ARG B 32 -1.29 -2.16 -20.46
C ARG B 32 -2.45 -1.57 -21.27
N ARG B 33 -3.12 -0.56 -20.72
CA ARG B 33 -4.25 0.07 -21.42
C ARG B 33 -3.85 1.41 -22.03
N LEU B 34 -2.55 1.65 -22.16
CA LEU B 34 -2.06 2.91 -22.73
C LEU B 34 -1.38 2.66 -24.06
N THR B 35 -0.24 1.98 -23.99
CA THR B 35 0.54 1.67 -25.20
C THR B 35 1.24 0.32 -25.05
N GLY A 1 -9.93 9.94 17.21
CA GLY A 1 -9.76 9.96 18.69
C GLY A 1 -8.80 8.89 19.17
N GLY A 2 -8.00 9.22 20.18
CA GLY A 2 -7.05 8.26 20.71
C GLY A 2 -5.91 8.94 21.45
N ILE A 3 -5.03 8.13 22.04
CA ILE A 3 -3.89 8.65 22.79
C ILE A 3 -2.85 9.23 21.83
N PHE A 4 -2.28 8.36 21.01
CA PHE A 4 -1.26 8.78 20.04
C PHE A 4 -1.89 9.48 18.85
N SER A 5 -2.85 8.81 18.20
CA SER A 5 -3.55 9.35 17.05
C SER A 5 -2.60 10.06 16.08
N ALA A 6 -2.38 11.35 16.29
CA ALA A 6 -1.51 12.13 15.42
C ALA A 6 -0.10 11.53 15.37
N GLU A 7 0.50 11.36 16.55
CA GLU A 7 1.85 10.81 16.64
C GLU A 7 1.93 9.46 15.94
N PHE A 8 1.00 8.57 16.25
CA PHE A 8 0.97 7.24 15.65
C PHE A 8 0.68 7.33 14.15
N LEU A 9 -0.39 8.04 13.80
CA LEU A 9 -0.78 8.20 12.41
C LEU A 9 0.29 8.94 11.62
N LYS A 10 1.02 9.81 12.31
CA LYS A 10 2.08 10.59 11.68
C LYS A 10 3.12 9.68 11.03
N VAL A 11 3.37 8.54 11.65
CA VAL A 11 4.34 7.58 11.13
C VAL A 11 3.66 6.30 10.66
N PHE A 12 2.53 6.46 9.99
CA PHE A 12 1.76 5.31 9.49
C PHE A 12 1.36 5.53 8.04
N LEU A 13 0.68 6.64 7.78
CA LEU A 13 0.22 6.96 6.43
C LEU A 13 1.41 7.11 5.47
N PRO A 14 2.48 7.81 5.87
CA PRO A 14 3.66 8.01 5.03
C PRO A 14 4.13 6.71 4.37
N SER A 15 4.17 5.64 5.14
CA SER A 15 4.58 4.34 4.61
C SER A 15 3.56 3.77 3.64
N LEU A 16 2.28 3.91 3.99
CA LEU A 16 1.21 3.41 3.14
C LEU A 16 1.22 4.11 1.78
N LEU A 17 1.40 5.43 1.80
CA LEU A 17 1.42 6.22 0.58
C LEU A 17 2.46 5.66 -0.40
N LEU A 18 3.68 5.46 0.11
CA LEU A 18 4.77 4.94 -0.72
C LEU A 18 4.41 3.56 -1.28
N SER A 19 3.85 2.70 -0.42
CA SER A 19 3.48 1.36 -0.84
C SER A 19 2.56 1.41 -2.06
N HIS A 20 1.48 2.18 -1.95
CA HIS A 20 0.53 2.31 -3.05
C HIS A 20 1.19 2.93 -4.27
N LEU A 21 1.84 4.08 -4.07
CA LEU A 21 2.51 4.78 -5.16
C LEU A 21 3.49 3.86 -5.87
N LEU A 22 4.38 3.23 -5.10
CA LEU A 22 5.37 2.32 -5.67
C LEU A 22 4.71 1.12 -6.34
N ALA A 23 3.77 0.50 -5.62
CA ALA A 23 3.06 -0.66 -6.14
C ALA A 23 2.47 -0.37 -7.53
N ILE A 24 1.71 0.71 -7.62
CA ILE A 24 1.10 1.08 -8.90
C ILE A 24 2.19 1.29 -9.95
N GLY A 25 3.24 2.02 -9.58
CA GLY A 25 4.33 2.26 -10.50
C GLY A 25 4.85 0.97 -11.09
N LEU A 26 4.98 -0.05 -10.26
CA LEU A 26 5.47 -1.35 -10.71
C LEU A 26 4.58 -1.90 -11.80
N GLY A 27 3.28 -1.89 -11.55
CA GLY A 27 2.32 -2.39 -12.52
C GLY A 27 2.46 -1.74 -13.87
N ILE A 28 2.48 -0.40 -13.90
CA ILE A 28 2.60 0.34 -15.15
C ILE A 28 3.94 0.03 -15.82
N TYR A 29 5.02 0.05 -15.04
CA TYR A 29 6.35 -0.22 -15.57
C TYR A 29 6.37 -1.53 -16.35
N ILE A 30 5.90 -2.59 -15.73
CA ILE A 30 5.85 -3.90 -16.38
C ILE A 30 4.93 -3.90 -17.59
N GLY A 31 3.75 -3.31 -17.42
CA GLY A 31 2.79 -3.26 -18.50
C GLY A 31 3.28 -2.49 -19.72
N ARG A 32 3.74 -1.27 -19.50
CA ARG A 32 4.24 -0.45 -20.59
C ARG A 32 5.44 -1.11 -21.28
N ARG A 33 6.07 -2.05 -20.59
CA ARG A 33 7.21 -2.76 -21.14
C ARG A 33 6.76 -4.04 -21.84
N LEU A 34 5.49 -4.12 -22.20
CA LEU A 34 4.94 -5.28 -22.88
C LEU A 34 4.85 -5.04 -24.38
N THR A 35 3.78 -4.38 -24.80
CA THR A 35 3.58 -4.07 -26.21
C THR A 35 3.36 -2.58 -26.42
N GLY B 1 8.50 -13.70 23.18
CA GLY B 1 7.78 -12.73 22.30
C GLY B 1 8.26 -11.31 22.50
N GLY B 2 7.32 -10.36 22.50
CA GLY B 2 7.67 -8.97 22.68
C GLY B 2 6.58 -8.19 23.37
N ILE B 3 6.67 -6.86 23.31
CA ILE B 3 5.69 -5.98 23.92
C ILE B 3 4.36 -6.05 23.18
N PHE B 4 4.38 -5.63 21.92
CA PHE B 4 3.18 -5.64 21.09
C PHE B 4 2.88 -7.05 20.60
N SER B 5 3.77 -7.58 19.75
CA SER B 5 3.62 -8.93 19.20
C SER B 5 2.62 -8.94 18.05
N ALA B 6 2.12 -10.13 17.72
CA ALA B 6 1.17 -10.28 16.63
C ALA B 6 -0.04 -9.38 16.82
N GLU B 7 -0.32 -9.03 18.08
CA GLU B 7 -1.45 -8.17 18.39
C GLU B 7 -1.43 -6.90 17.55
N PHE B 8 -0.23 -6.44 17.23
CA PHE B 8 -0.06 -5.23 16.43
C PHE B 8 -0.12 -5.57 14.94
N LEU B 9 0.47 -6.71 14.58
CA LEU B 9 0.49 -7.16 13.19
C LEU B 9 -0.92 -7.46 12.70
N LYS B 10 -1.77 -7.95 13.61
CA LYS B 10 -3.15 -8.28 13.26
C LYS B 10 -3.88 -7.09 12.66
N VAL B 11 -3.51 -5.89 13.11
CA VAL B 11 -4.13 -4.67 12.62
C VAL B 11 -3.13 -3.75 11.93
N PHE B 12 -2.24 -4.36 11.14
CA PHE B 12 -1.24 -3.59 10.42
C PHE B 12 -0.82 -4.29 9.13
N LEU B 13 -0.44 -5.56 9.24
CA LEU B 13 0.00 -6.34 8.09
C LEU B 13 -1.10 -6.47 7.04
N PRO B 14 -2.26 -7.07 7.39
CA PRO B 14 -3.37 -7.29 6.45
C PRO B 14 -3.56 -6.12 5.49
N SER B 15 -3.70 -4.92 6.03
CA SER B 15 -3.90 -3.73 5.20
C SER B 15 -2.82 -3.59 4.14
N LEU B 16 -1.57 -3.79 4.56
CA LEU B 16 -0.43 -3.68 3.65
C LEU B 16 -0.49 -4.71 2.52
N LEU B 17 -0.73 -5.97 2.87
CA LEU B 17 -0.79 -7.03 1.87
C LEU B 17 -1.80 -6.70 0.77
N LEU B 18 -3.02 -6.36 1.17
CA LEU B 18 -4.07 -6.01 0.21
C LEU B 18 -3.68 -4.78 -0.60
N SER B 19 -3.15 -3.77 0.08
CA SER B 19 -2.76 -2.53 -0.59
C SER B 19 -1.74 -2.79 -1.70
N HIS B 20 -0.65 -3.49 -1.36
CA HIS B 20 0.40 -3.79 -2.32
C HIS B 20 -0.14 -4.60 -3.49
N LEU B 21 -0.80 -5.71 -3.17
CA LEU B 21 -1.35 -6.59 -4.20
C LEU B 21 -2.30 -5.83 -5.12
N LEU B 22 -3.25 -5.12 -4.53
CA LEU B 22 -4.23 -4.36 -5.29
C LEU B 22 -3.55 -3.25 -6.11
N ALA B 23 -2.65 -2.52 -5.48
CA ALA B 23 -1.94 -1.43 -6.14
C ALA B 23 -1.16 -1.92 -7.37
N ILE B 24 -0.32 -2.94 -7.16
CA ILE B 24 0.48 -3.48 -8.25
C ILE B 24 -0.42 -4.08 -9.33
N GLY B 25 -1.46 -4.79 -8.90
CA GLY B 25 -2.37 -5.40 -9.85
C GLY B 25 -2.97 -4.37 -10.80
N LEU B 26 -3.52 -3.29 -10.24
CA LEU B 26 -4.11 -2.24 -11.04
C LEU B 26 -3.11 -1.72 -12.07
N GLY B 27 -1.92 -1.38 -11.61
CA GLY B 27 -0.90 -0.88 -12.51
C GLY B 27 -0.69 -1.78 -13.71
N ILE B 28 -0.67 -3.09 -13.47
CA ILE B 28 -0.48 -4.06 -14.54
C ILE B 28 -1.59 -3.93 -15.58
N TYR B 29 -2.83 -3.88 -15.10
CA TYR B 29 -3.98 -3.75 -16.00
C TYR B 29 -3.87 -2.52 -16.88
N ILE B 30 -3.63 -1.37 -16.25
CA ILE B 30 -3.50 -0.11 -16.98
C ILE B 30 -2.30 -0.15 -17.93
N GLY B 31 -1.18 -0.66 -17.44
CA GLY B 31 0.02 -0.74 -18.25
C GLY B 31 -0.16 -1.61 -19.49
N ARG B 32 -0.64 -2.82 -19.30
CA ARG B 32 -0.84 -3.75 -20.41
C ARG B 32 -1.74 -3.12 -21.47
N ARG B 33 -2.68 -2.30 -21.05
CA ARG B 33 -3.60 -1.63 -21.96
C ARG B 33 -3.29 -0.15 -22.07
N LEU B 34 -2.07 0.17 -22.47
CA LEU B 34 -1.63 1.55 -22.62
C LEU B 34 -1.70 1.99 -24.08
N THR B 35 -0.65 1.68 -24.83
CA THR B 35 -0.58 2.04 -26.24
C THR B 35 -0.45 0.81 -27.12
N GLY A 1 -9.40 15.05 15.76
CA GLY A 1 -8.40 15.90 16.47
C GLY A 1 -7.66 15.15 17.55
N GLY A 2 -6.50 14.59 17.18
CA GLY A 2 -5.70 13.86 18.15
C GLY A 2 -4.66 14.71 18.82
N ILE A 3 -3.91 14.12 19.75
CA ILE A 3 -2.88 14.84 20.48
C ILE A 3 -1.70 15.16 19.56
N PHE A 4 -1.02 14.11 19.10
CA PHE A 4 0.12 14.28 18.21
C PHE A 4 -0.34 14.57 16.78
N SER A 5 -0.93 13.56 16.14
CA SER A 5 -1.42 13.71 14.77
C SER A 5 -0.27 13.94 13.79
N ALA A 6 0.24 15.17 13.77
CA ALA A 6 1.32 15.53 12.87
C ALA A 6 2.54 14.63 13.06
N GLU A 7 2.98 14.50 14.30
CA GLU A 7 4.14 13.66 14.61
C GLU A 7 3.93 12.23 14.15
N PHE A 8 2.86 11.60 14.64
CA PHE A 8 2.54 10.23 14.28
C PHE A 8 2.26 10.10 12.78
N LEU A 9 1.42 10.98 12.26
CA LEU A 9 1.06 10.98 10.85
C LEU A 9 2.28 11.23 9.97
N LYS A 10 3.21 12.04 10.47
CA LYS A 10 4.43 12.37 9.73
C LYS A 10 5.22 11.11 9.38
N VAL A 11 5.09 10.08 10.22
CA VAL A 11 5.80 8.83 10.00
C VAL A 11 4.84 7.66 9.84
N PHE A 12 3.72 7.90 9.18
CA PHE A 12 2.72 6.87 8.96
C PHE A 12 2.14 6.94 7.54
N LEU A 13 1.58 8.10 7.20
CA LEU A 13 1.00 8.30 5.88
C LEU A 13 2.01 8.06 4.77
N PRO A 14 3.24 8.59 4.90
CA PRO A 14 4.29 8.42 3.88
C PRO A 14 4.48 6.97 3.48
N SER A 15 4.72 6.11 4.48
CA SER A 15 4.92 4.69 4.24
C SER A 15 3.78 4.10 3.42
N LEU A 16 2.55 4.39 3.84
CA LEU A 16 1.36 3.89 3.15
C LEU A 16 1.30 4.42 1.72
N LEU A 17 1.42 5.74 1.57
CA LEU A 17 1.38 6.37 0.26
C LEU A 17 2.43 5.77 -0.66
N LEU A 18 3.67 5.71 -0.18
CA LEU A 18 4.76 5.15 -0.97
C LEU A 18 4.47 3.72 -1.41
N SER A 19 3.97 2.91 -0.48
CA SER A 19 3.65 1.52 -0.79
C SER A 19 2.67 1.43 -1.95
N HIS A 20 1.55 2.14 -1.83
CA HIS A 20 0.53 2.15 -2.87
C HIS A 20 1.07 2.73 -4.17
N LEU A 21 1.66 3.93 -4.07
CA LEU A 21 2.22 4.60 -5.24
C LEU A 21 3.29 3.74 -5.91
N LEU A 22 4.26 3.30 -5.12
CA LEU A 22 5.35 2.49 -5.64
C LEU A 22 4.81 1.20 -6.26
N ALA A 23 3.90 0.53 -5.54
CA ALA A 23 3.30 -0.71 -6.03
C ALA A 23 2.71 -0.51 -7.42
N ILE A 24 1.87 0.51 -7.57
CA ILE A 24 1.26 0.82 -8.86
C ILE A 24 2.32 1.09 -9.91
N GLY A 25 3.36 1.82 -9.52
CA GLY A 25 4.44 2.12 -10.43
C GLY A 25 4.99 0.88 -11.10
N LEU A 26 5.22 -0.15 -10.30
CA LEU A 26 5.75 -1.41 -10.82
C LEU A 26 4.77 -2.03 -11.80
N GLY A 27 3.50 -2.09 -11.41
CA GLY A 27 2.48 -2.67 -12.28
C GLY A 27 2.45 -1.99 -13.64
N ILE A 28 2.35 -0.67 -13.64
CA ILE A 28 2.30 0.10 -14.89
C ILE A 28 3.58 -0.13 -15.71
N TYR A 29 4.72 -0.10 -15.03
CA TYR A 29 6.00 -0.31 -15.69
C TYR A 29 5.98 -1.60 -16.51
N ILE A 30 5.54 -2.69 -15.88
CA ILE A 30 5.45 -3.98 -16.53
C ILE A 30 4.51 -3.95 -17.72
N GLY A 31 3.37 -3.27 -17.54
CA GLY A 31 2.38 -3.17 -18.61
C GLY A 31 2.91 -2.47 -19.85
N ARG A 32 3.61 -1.36 -19.64
CA ARG A 32 4.15 -0.60 -20.77
C ARG A 32 5.15 -1.41 -21.57
N ARG A 33 5.98 -2.19 -20.88
CA ARG A 33 6.98 -3.01 -21.56
C ARG A 33 6.34 -4.16 -22.34
N LEU A 34 5.09 -4.47 -22.04
CA LEU A 34 4.40 -5.55 -22.74
C LEU A 34 4.47 -5.37 -24.24
N THR A 35 3.58 -4.55 -24.78
CA THR A 35 3.54 -4.29 -26.21
C THR A 35 3.77 -2.81 -26.51
N GLY B 1 -0.14 -0.33 27.75
CA GLY B 1 0.58 -0.05 26.49
C GLY B 1 -0.06 1.08 25.69
N GLY B 2 -0.29 0.83 24.40
CA GLY B 2 -0.89 1.84 23.55
C GLY B 2 -2.40 1.73 23.51
N ILE B 3 -3.03 2.53 22.65
CA ILE B 3 -4.48 2.51 22.52
C ILE B 3 -4.97 1.23 21.87
N PHE B 4 -4.07 0.50 21.21
CA PHE B 4 -4.41 -0.75 20.55
C PHE B 4 -3.18 -1.59 20.31
N SER B 5 -2.36 -1.16 19.35
CA SER B 5 -1.14 -1.87 19.00
C SER B 5 -1.45 -3.27 18.48
N ALA B 6 -1.48 -4.26 19.38
CA ALA B 6 -1.77 -5.63 18.98
C ALA B 6 -3.11 -5.73 18.27
N GLU B 7 -4.16 -5.31 18.95
CA GLU B 7 -5.50 -5.33 18.37
C GLU B 7 -5.57 -4.52 17.08
N PHE B 8 -4.63 -3.60 16.92
CA PHE B 8 -4.59 -2.75 15.73
C PHE B 8 -3.84 -3.43 14.59
N LEU B 9 -2.71 -4.07 14.92
CA LEU B 9 -1.90 -4.74 13.91
C LEU B 9 -2.68 -5.86 13.23
N LYS B 10 -3.51 -6.56 14.00
CA LYS B 10 -4.30 -7.65 13.46
C LYS B 10 -5.19 -7.17 12.31
N VAL B 11 -5.43 -5.85 12.26
CA VAL B 11 -6.25 -5.28 11.21
C VAL B 11 -5.39 -4.47 10.24
N PHE B 12 -4.38 -3.80 10.80
CA PHE B 12 -3.46 -2.99 10.01
C PHE B 12 -2.82 -3.80 8.90
N LEU B 13 -1.82 -4.62 9.26
CA LEU B 13 -1.09 -5.44 8.30
C LEU B 13 -2.00 -6.01 7.20
N PRO B 14 -2.97 -6.87 7.57
CA PRO B 14 -3.88 -7.50 6.60
C PRO B 14 -4.29 -6.56 5.48
N SER B 15 -4.85 -5.42 5.85
CA SER B 15 -5.31 -4.43 4.87
C SER B 15 -4.15 -3.94 3.99
N LEU B 16 -3.02 -3.63 4.62
CA LEU B 16 -1.85 -3.14 3.90
C LEU B 16 -1.31 -4.15 2.90
N LEU B 17 -1.11 -5.40 3.35
CA LEU B 17 -0.60 -6.43 2.45
C LEU B 17 -1.43 -6.51 1.18
N LEU B 18 -2.75 -6.58 1.33
CA LEU B 18 -3.65 -6.65 0.19
C LEU B 18 -3.45 -5.44 -0.72
N SER B 19 -3.30 -4.26 -0.10
CA SER B 19 -3.09 -3.03 -0.84
C SER B 19 -1.92 -3.16 -1.81
N HIS B 20 -0.82 -3.71 -1.31
CA HIS B 20 0.38 -3.90 -2.12
C HIS B 20 0.09 -4.79 -3.32
N LEU B 21 -0.49 -5.97 -3.05
CA LEU B 21 -0.82 -6.90 -4.12
C LEU B 21 -1.75 -6.26 -5.13
N LEU B 22 -2.85 -5.69 -4.66
CA LEU B 22 -3.82 -5.03 -5.53
C LEU B 22 -3.19 -3.84 -6.24
N ALA B 23 -2.40 -3.07 -5.49
CA ALA B 23 -1.74 -1.89 -6.05
C ALA B 23 -0.97 -2.23 -7.32
N ILE B 24 -0.11 -3.24 -7.23
CA ILE B 24 0.69 -3.66 -8.37
C ILE B 24 -0.20 -4.14 -9.51
N GLY B 25 -1.20 -4.95 -9.19
CA GLY B 25 -2.11 -5.46 -10.19
C GLY B 25 -2.75 -4.34 -10.99
N LEU B 26 -3.31 -3.37 -10.29
CA LEU B 26 -3.94 -2.23 -10.95
C LEU B 26 -2.97 -1.56 -11.91
N GLY B 27 -1.76 -1.31 -11.44
CA GLY B 27 -0.76 -0.68 -12.27
C GLY B 27 -0.60 -1.39 -13.61
N ILE B 28 -0.57 -2.72 -13.56
CA ILE B 28 -0.44 -3.51 -14.78
C ILE B 28 -1.59 -3.20 -15.74
N TYR B 29 -2.81 -3.24 -15.22
CA TYR B 29 -3.99 -2.96 -16.03
C TYR B 29 -3.88 -1.61 -16.72
N ILE B 30 -3.57 -0.58 -15.95
CA ILE B 30 -3.43 0.78 -16.49
C ILE B 30 -2.29 0.84 -17.51
N GLY B 31 -1.16 0.24 -17.16
CA GLY B 31 0.00 0.27 -18.03
C GLY B 31 -0.24 -0.41 -19.37
N ARG B 32 -0.77 -1.63 -19.33
CA ARG B 32 -1.04 -2.38 -20.55
C ARG B 32 -1.87 -1.56 -21.54
N ARG B 33 -2.71 -0.68 -21.02
CA ARG B 33 -3.55 0.17 -21.87
C ARG B 33 -2.94 1.56 -22.02
N LEU B 34 -1.68 1.60 -22.45
CA LEU B 34 -0.97 2.86 -22.64
C LEU B 34 -0.70 3.12 -24.11
N THR B 35 0.38 2.55 -24.62
CA THR B 35 0.76 2.73 -26.02
C THR B 35 0.92 1.39 -26.72
#